data_9LKU
# 
_entry.id   9LKU 
# 
_audit_conform.dict_name       mmcif_pdbx.dic 
_audit_conform.dict_version    5.404 
_audit_conform.dict_location   http://mmcif.pdb.org/dictionaries/ascii/mmcif_pdbx.dic 
# 
loop_
_database_2.database_id 
_database_2.database_code 
_database_2.pdbx_database_accession 
_database_2.pdbx_DOI 
PDB   9LKU         pdb_00009lku 10.2210/pdb9lku/pdb 
WWPDB D_1300055864 ?            ?                   
# 
_pdbx_audit_revision_history.ordinal             1 
_pdbx_audit_revision_history.data_content_type   'Structure model' 
_pdbx_audit_revision_history.major_revision      1 
_pdbx_audit_revision_history.minor_revision      0 
_pdbx_audit_revision_history.revision_date       2025-08-20 
_pdbx_audit_revision_history.part_number         ? 
# 
_pdbx_audit_revision_details.ordinal             1 
_pdbx_audit_revision_details.revision_ordinal    1 
_pdbx_audit_revision_details.data_content_type   'Structure model' 
_pdbx_audit_revision_details.provider            repository 
_pdbx_audit_revision_details.type                'Initial release' 
_pdbx_audit_revision_details.description         ? 
_pdbx_audit_revision_details.details             ? 
# 
_pdbx_database_status.status_code                     REL 
_pdbx_database_status.status_code_sf                  REL 
_pdbx_database_status.status_code_mr                  ? 
_pdbx_database_status.entry_id                        9LKU 
_pdbx_database_status.recvd_initial_deposition_date   2025-01-16 
_pdbx_database_status.SG_entry                        N 
_pdbx_database_status.deposit_site                    PDBJ 
_pdbx_database_status.process_site                    PDBC 
_pdbx_database_status.status_code_cs                  ? 
_pdbx_database_status.status_code_nmr_data            ? 
_pdbx_database_status.methods_development_category    ? 
_pdbx_database_status.pdb_format_compatible           Y 
# 
_pdbx_contact_author.id                 2 
_pdbx_contact_author.email              aimingren@zju.edu.cn 
_pdbx_contact_author.name_first         Aiming 
_pdbx_contact_author.name_last          Ren 
_pdbx_contact_author.name_mi            ? 
_pdbx_contact_author.role               'principal investigator/group leader' 
_pdbx_contact_author.identifier_ORCID   0000-0002-5420-4899 
# 
loop_
_audit_author.name 
_audit_author.pdbx_ordinal 
_audit_author.identifier_ORCID 
'Shen, X.'  1 ? 
'Ren, A.M.' 2 ? 
# 
_citation.abstract                  ? 
_citation.abstract_id_CAS           ? 
_citation.book_id_ISBN              ? 
_citation.book_publisher            ? 
_citation.book_publisher_city       ? 
_citation.book_title                ? 
_citation.coordinate_linkage        ? 
_citation.country                   UK 
_citation.database_id_Medline       ? 
_citation.details                   ? 
_citation.id                        primary 
_citation.journal_abbrev            'Nucleic Acids Res.' 
_citation.journal_id_ASTM           NARHAD 
_citation.journal_id_CSD            0389 
_citation.journal_id_ISSN           1362-4962 
_citation.journal_full              ? 
_citation.journal_issue             ? 
_citation.journal_volume            53 
_citation.language                  ? 
_citation.page_first                ? 
_citation.page_last                 ? 
_citation.title                     
;Structure-based insights into the ligand specificity tuning of 2'-dG-III riboswitch.
;
_citation.year                      2025 
_citation.database_id_CSD           ? 
_citation.pdbx_database_id_DOI      10.1093/nar/gkaf773 
_citation.pdbx_database_id_PubMed   40795954 
_citation.pdbx_database_id_patent   ? 
_citation.unpublished_flag          ? 
# 
loop_
_citation_author.citation_id 
_citation_author.name 
_citation_author.ordinal 
_citation_author.identifier_ORCID 
primary 'Shen, X.' 1 ?                   
primary 'Li, H.'   2 ?                   
primary 'Xu, X.'   3 ?                   
primary 'Song, Q.' 4 ?                   
primary 'Tai, X.'  5 ?                   
primary 'He, M.'   6 ?                   
primary 'Ren, A.'  7 0000-0002-5420-4899 
# 
loop_
_entity.id 
_entity.type 
_entity.src_method 
_entity.pdbx_description 
_entity.formula_weight 
_entity.pdbx_number_of_molecules 
_entity.pdbx_ec 
_entity.pdbx_mutation 
_entity.pdbx_fragment 
_entity.details 
1 polymer     man 'RNA (65-MER)'  20938.275 1 ? ? ? ? 
2 non-polymer syn GUANOSINE       283.241   1 ? ? ? ? 
3 non-polymer syn 'MAGNESIUM ION' 24.305    2 ? ? ? ? 
4 water       nat water           18.015    2 ? ? ? ? 
# 
_entity_poly.entity_id                      1 
_entity_poly.type                           polyribonucleotide 
_entity_poly.nstd_linkage                   no 
_entity_poly.nstd_monomer                   yes 
_entity_poly.pdbx_seq_one_letter_code       '(GDP)GCGUAUAUCCUUAAUGAUAUGGUUUAAGGGCAAUACAUAGAAACCACAAAUUUCUUACUGCGU(CCC)' 
_entity_poly.pdbx_seq_one_letter_code_can   GGCGUAUAUCCUUAAUGAUAUGGUUUAAGGGCAAUACAUAGAAACCACAAAUUUCUUACUGCGUC 
_entity_poly.pdbx_strand_id                 X 
_entity_poly.pdbx_target_identifier         ? 
# 
loop_
_pdbx_entity_nonpoly.entity_id 
_pdbx_entity_nonpoly.name 
_pdbx_entity_nonpoly.comp_id 
2 GUANOSINE       GMP 
3 'MAGNESIUM ION' MG  
4 water           HOH 
# 
loop_
_entity_poly_seq.entity_id 
_entity_poly_seq.num 
_entity_poly_seq.mon_id 
_entity_poly_seq.hetero 
1 1  GDP n 
1 2  G   n 
1 3  C   n 
1 4  G   n 
1 5  U   n 
1 6  A   n 
1 7  U   n 
1 8  A   n 
1 9  U   n 
1 10 C   n 
1 11 C   n 
1 12 U   n 
1 13 U   n 
1 14 A   n 
1 15 A   n 
1 16 U   n 
1 17 G   n 
1 18 A   n 
1 19 U   n 
1 20 A   n 
1 21 U   n 
1 22 G   n 
1 23 G   n 
1 24 U   n 
1 25 U   n 
1 26 U   n 
1 27 A   n 
1 28 A   n 
1 29 G   n 
1 30 G   n 
1 31 G   n 
1 32 C   n 
1 33 A   n 
1 34 A   n 
1 35 U   n 
1 36 A   n 
1 37 C   n 
1 38 A   n 
1 39 U   n 
1 40 A   n 
1 41 G   n 
1 42 A   n 
1 43 A   n 
1 44 A   n 
1 45 C   n 
1 46 C   n 
1 47 A   n 
1 48 C   n 
1 49 A   n 
1 50 A   n 
1 51 A   n 
1 52 U   n 
1 53 U   n 
1 54 U   n 
1 55 C   n 
1 56 U   n 
1 57 U   n 
1 58 A   n 
1 59 C   n 
1 60 U   n 
1 61 G   n 
1 62 C   n 
1 63 G   n 
1 64 U   n 
1 65 CCC n 
# 
_entity_src_gen.entity_id                          1 
_entity_src_gen.pdbx_src_id                        1 
_entity_src_gen.pdbx_alt_source_flag               sample 
_entity_src_gen.pdbx_seq_type                      'Biological sequence' 
_entity_src_gen.pdbx_beg_seq_num                   1 
_entity_src_gen.pdbx_end_seq_num                   65 
_entity_src_gen.gene_src_common_name               ? 
_entity_src_gen.gene_src_genus                     ? 
_entity_src_gen.pdbx_gene_src_gene                 ? 
_entity_src_gen.gene_src_species                   ? 
_entity_src_gen.gene_src_strain                    ? 
_entity_src_gen.gene_src_tissue                    ? 
_entity_src_gen.gene_src_tissue_fraction           ? 
_entity_src_gen.gene_src_details                   ? 
_entity_src_gen.pdbx_gene_src_fragment             ? 
_entity_src_gen.pdbx_gene_src_scientific_name      'synthetic construct' 
_entity_src_gen.pdbx_gene_src_ncbi_taxonomy_id     32630 
_entity_src_gen.pdbx_gene_src_variant              ? 
_entity_src_gen.pdbx_gene_src_cell_line            ? 
_entity_src_gen.pdbx_gene_src_atcc                 ? 
_entity_src_gen.pdbx_gene_src_organ                ? 
_entity_src_gen.pdbx_gene_src_organelle            ? 
_entity_src_gen.pdbx_gene_src_cell                 ? 
_entity_src_gen.pdbx_gene_src_cellular_location    ? 
_entity_src_gen.host_org_common_name               ? 
_entity_src_gen.pdbx_host_org_scientific_name      'in vitro transcription vector pT7-TP(deltai)' 
_entity_src_gen.pdbx_host_org_ncbi_taxonomy_id     905931 
_entity_src_gen.host_org_genus                     ? 
_entity_src_gen.pdbx_host_org_gene                 ? 
_entity_src_gen.pdbx_host_org_organ                ? 
_entity_src_gen.host_org_species                   ? 
_entity_src_gen.pdbx_host_org_tissue               ? 
_entity_src_gen.pdbx_host_org_tissue_fraction      ? 
_entity_src_gen.pdbx_host_org_strain               ? 
_entity_src_gen.pdbx_host_org_variant              ? 
_entity_src_gen.pdbx_host_org_cell_line            ? 
_entity_src_gen.pdbx_host_org_atcc                 ? 
_entity_src_gen.pdbx_host_org_culture_collection   ? 
_entity_src_gen.pdbx_host_org_cell                 ? 
_entity_src_gen.pdbx_host_org_organelle            ? 
_entity_src_gen.pdbx_host_org_cellular_location    ? 
_entity_src_gen.pdbx_host_org_vector_type          ? 
_entity_src_gen.pdbx_host_org_vector               ? 
_entity_src_gen.host_org_details                   ? 
_entity_src_gen.expression_system_id               ? 
_entity_src_gen.plasmid_name                       ? 
_entity_src_gen.plasmid_details                    ? 
_entity_src_gen.pdbx_description                   ? 
# 
loop_
_chem_comp.id 
_chem_comp.type 
_chem_comp.mon_nstd_flag 
_chem_comp.name 
_chem_comp.pdbx_synonyms 
_chem_comp.formula 
_chem_comp.formula_weight 
A   'RNA linking' y "ADENOSINE-5'-MONOPHOSPHATE"                   ? 'C10 H14 N5 O7 P'   347.221 
C   'RNA linking' y "CYTIDINE-5'-MONOPHOSPHATE"                    ? 'C9 H14 N3 O8 P'    323.197 
CCC 'RNA linking' n 
;CYTIDINE-5'-PHOSPHATE-2',3'-CYCLIC PHOSPHATE
;
? 'C9 H13 N3 O10 P2'  385.161 
G   'RNA linking' y "GUANOSINE-5'-MONOPHOSPHATE"                   ? 'C10 H14 N5 O8 P'   363.221 
GDP 'RNA linking' n "GUANOSINE-5'-DIPHOSPHATE"                     ? 'C10 H15 N5 O11 P2' 443.201 
GMP non-polymer   . GUANOSINE                                      ? 'C10 H13 N5 O5'     283.241 
HOH non-polymer   . WATER                                          ? 'H2 O'              18.015  
MG  non-polymer   . 'MAGNESIUM ION'                                ? 'Mg 2'              24.305  
U   'RNA linking' y "URIDINE-5'-MONOPHOSPHATE"                     ? 'C9 H13 N2 O9 P'    324.181 
# 
loop_
_pdbx_poly_seq_scheme.asym_id 
_pdbx_poly_seq_scheme.entity_id 
_pdbx_poly_seq_scheme.seq_id 
_pdbx_poly_seq_scheme.mon_id 
_pdbx_poly_seq_scheme.ndb_seq_num 
_pdbx_poly_seq_scheme.pdb_seq_num 
_pdbx_poly_seq_scheme.auth_seq_num 
_pdbx_poly_seq_scheme.pdb_mon_id 
_pdbx_poly_seq_scheme.auth_mon_id 
_pdbx_poly_seq_scheme.pdb_strand_id 
_pdbx_poly_seq_scheme.pdb_ins_code 
_pdbx_poly_seq_scheme.hetero 
A 1 1  GDP 1  5  5  GDP GDP X . n 
A 1 2  G   2  6  6  G   G   X . n 
A 1 3  C   3  7  7  C   C   X . n 
A 1 4  G   4  8  8  G   G   X . n 
A 1 5  U   5  9  9  U   U   X . n 
A 1 6  A   6  10 10 A   A   X . n 
A 1 7  U   7  11 11 U   U   X . n 
A 1 8  A   8  12 12 A   A   X . n 
A 1 9  U   9  13 13 U   U   X . n 
A 1 10 C   10 14 14 C   C   X . n 
A 1 11 C   11 15 15 C   C   X . n 
A 1 12 U   12 16 16 U   U   X . n 
A 1 13 U   13 17 17 U   U   X . n 
A 1 14 A   14 18 18 A   A   X . n 
A 1 15 A   15 19 19 A   A   X . n 
A 1 16 U   16 20 20 U   U   X . n 
A 1 17 G   17 21 21 G   G   X . n 
A 1 18 A   18 22 22 A   A   X . n 
A 1 19 U   19 23 23 U   U   X . n 
A 1 20 A   20 24 24 A   A   X . n 
A 1 21 U   21 25 25 U   U   X . n 
A 1 22 G   22 26 26 G   G   X . n 
A 1 23 G   23 27 27 G   G   X . n 
A 1 24 U   24 28 28 U   U   X . n 
A 1 25 U   25 29 29 U   U   X . n 
A 1 26 U   26 30 30 U   U   X . n 
A 1 27 A   27 31 31 A   A   X . n 
A 1 28 A   28 32 32 A   A   X . n 
A 1 29 G   29 33 33 G   G   X . n 
A 1 30 G   30 34 34 G   G   X . n 
A 1 31 G   31 35 35 G   G   X . n 
A 1 32 C   32 36 36 C   C   X . n 
A 1 33 A   33 37 37 A   A   X . n 
A 1 34 A   34 38 38 A   A   X . n 
A 1 35 U   35 39 39 U   U   X . n 
A 1 36 A   36 40 40 A   A   X . n 
A 1 37 C   37 41 41 C   C   X . n 
A 1 38 A   38 42 42 A   A   X . n 
A 1 39 U   39 43 43 U   U   X . n 
A 1 40 A   40 44 44 A   A   X . n 
A 1 41 G   41 45 45 G   G   X . n 
A 1 42 A   42 46 46 A   A   X . n 
A 1 43 A   43 47 47 A   A   X . n 
A 1 44 A   44 48 48 A   A   X . n 
A 1 45 C   45 49 49 C   C   X . n 
A 1 46 C   46 50 50 C   C   X . n 
A 1 47 A   47 51 51 A   A   X . n 
A 1 48 C   48 52 52 C   C   X . n 
A 1 49 A   49 53 53 A   A   X . n 
A 1 50 A   50 54 54 A   A   X . n 
A 1 51 A   51 55 55 A   A   X . n 
A 1 52 U   52 56 56 U   U   X . n 
A 1 53 U   53 57 57 U   U   X . n 
A 1 54 U   54 58 58 U   U   X . n 
A 1 55 C   55 59 59 C   C   X . n 
A 1 56 U   56 60 60 U   U   X . n 
A 1 57 U   57 61 61 U   U   X . n 
A 1 58 A   58 62 62 A   A   X . n 
A 1 59 C   59 63 63 C   C   X . n 
A 1 60 U   60 64 64 U   U   X . n 
A 1 61 G   61 65 65 G   G   X . n 
A 1 62 C   62 66 66 C   C   X . n 
A 1 63 G   63 67 67 G   G   X . n 
A 1 64 U   64 68 68 U   U   X . n 
A 1 65 CCC 65 69 69 CCC CCC X . n 
# 
_pdbx_entity_instance_feature.ordinal        1 
_pdbx_entity_instance_feature.comp_id        GMP 
_pdbx_entity_instance_feature.asym_id        ? 
_pdbx_entity_instance_feature.seq_num        ? 
_pdbx_entity_instance_feature.auth_comp_id   GMP 
_pdbx_entity_instance_feature.auth_asym_id   ? 
_pdbx_entity_instance_feature.auth_seq_num   ? 
_pdbx_entity_instance_feature.feature_type   'SUBJECT OF INVESTIGATION' 
_pdbx_entity_instance_feature.details        ? 
# 
loop_
_pdbx_nonpoly_scheme.asym_id 
_pdbx_nonpoly_scheme.entity_id 
_pdbx_nonpoly_scheme.mon_id 
_pdbx_nonpoly_scheme.ndb_seq_num 
_pdbx_nonpoly_scheme.pdb_seq_num 
_pdbx_nonpoly_scheme.auth_seq_num 
_pdbx_nonpoly_scheme.pdb_mon_id 
_pdbx_nonpoly_scheme.auth_mon_id 
_pdbx_nonpoly_scheme.pdb_strand_id 
_pdbx_nonpoly_scheme.pdb_ins_code 
B 2 GMP 1 101 105 GMP GMP X . 
C 3 MG  1 102 1   MG  MG  X . 
D 3 MG  1 103 2   MG  MG  X . 
E 4 HOH 1 201 2   HOH HOH X . 
E 4 HOH 2 202 1   HOH HOH X . 
# 
loop_
_software.citation_id 
_software.classification 
_software.compiler_name 
_software.compiler_version 
_software.contact_author 
_software.contact_author_email 
_software.date 
_software.description 
_software.dependencies 
_software.hardware 
_software.language 
_software.location 
_software.mods 
_software.name 
_software.os 
_software.os_version 
_software.type 
_software.version 
_software.pdbx_reference_DOI 
_software.pdbx_ordinal 
? refinement        ? ? ? ? ? ? ? ? ? ? ? PHENIX      ? ? ? '(1.20.1_4487: ???)' ? 1 
? 'data scaling'    ? ? ? ? ? ? ? ? ? ? ? Aimless     ? ? ? .                    ? 2 
? 'data extraction' ? ? ? ? ? ? ? ? ? ? ? PDB_EXTRACT ? ? ? .                    ? 3 
? phasing           ? ? ? ? ? ? ? ? ? ? ? PHASER      ? ? ? .                    ? 4 
? 'data reduction'  ? ? ? ? ? ? ? ? ? ? ? HKL-3000    ? ? ? .                    ? 5 
# 
_cell.angle_alpha                  90.00 
_cell.angle_alpha_esd              ? 
_cell.angle_beta                   90.00 
_cell.angle_beta_esd               ? 
_cell.angle_gamma                  90.00 
_cell.angle_gamma_esd              ? 
_cell.entry_id                     9LKU 
_cell.details                      ? 
_cell.formula_units_Z              ? 
_cell.length_a                     48.323 
_cell.length_a_esd                 ? 
_cell.length_b                     70.906 
_cell.length_b_esd                 ? 
_cell.length_c                     116.263 
_cell.length_c_esd                 ? 
_cell.volume                       ? 
_cell.volume_esd                   ? 
_cell.Z_PDB                        8 
_cell.reciprocal_angle_alpha       ? 
_cell.reciprocal_angle_beta        ? 
_cell.reciprocal_angle_gamma       ? 
_cell.reciprocal_angle_alpha_esd   ? 
_cell.reciprocal_angle_beta_esd    ? 
_cell.reciprocal_angle_gamma_esd   ? 
_cell.reciprocal_length_a          ? 
_cell.reciprocal_length_b          ? 
_cell.reciprocal_length_c          ? 
_cell.reciprocal_length_a_esd      ? 
_cell.reciprocal_length_b_esd      ? 
_cell.reciprocal_length_c_esd      ? 
_cell.pdbx_unique_axis             ? 
_cell.pdbx_esd_method              ? 
# 
_symmetry.entry_id                         9LKU 
_symmetry.cell_setting                     ? 
_symmetry.Int_Tables_number                23 
_symmetry.space_group_name_Hall            ? 
_symmetry.space_group_name_H-M             'I 2 2 2' 
_symmetry.pdbx_full_space_group_name_H-M   ? 
# 
_exptl.absorpt_coefficient_mu     ? 
_exptl.absorpt_correction_T_max   ? 
_exptl.absorpt_correction_T_min   ? 
_exptl.absorpt_correction_type    ? 
_exptl.absorpt_process_details    ? 
_exptl.entry_id                   9LKU 
_exptl.crystals_number            1 
_exptl.details                    ? 
_exptl.method                     'X-RAY DIFFRACTION' 
_exptl.method_details             ? 
# 
_exptl_crystal.colour                       ? 
_exptl_crystal.density_diffrn               ? 
_exptl_crystal.density_Matthews             2.39 
_exptl_crystal.density_method               ? 
_exptl_crystal.density_percent_sol          48.28 
_exptl_crystal.description                  ? 
_exptl_crystal.F_000                        ? 
_exptl_crystal.id                           1 
_exptl_crystal.preparation                  ? 
_exptl_crystal.size_max                     ? 
_exptl_crystal.size_mid                     ? 
_exptl_crystal.size_min                     ? 
_exptl_crystal.size_rad                     ? 
_exptl_crystal.colour_lustre                ? 
_exptl_crystal.colour_modifier              ? 
_exptl_crystal.colour_primary               ? 
_exptl_crystal.density_meas                 ? 
_exptl_crystal.density_meas_esd             ? 
_exptl_crystal.density_meas_gt              ? 
_exptl_crystal.density_meas_lt              ? 
_exptl_crystal.density_meas_temp            ? 
_exptl_crystal.density_meas_temp_esd        ? 
_exptl_crystal.density_meas_temp_gt         ? 
_exptl_crystal.density_meas_temp_lt         ? 
_exptl_crystal.pdbx_crystal_image_url       ? 
_exptl_crystal.pdbx_crystal_image_format    ? 
_exptl_crystal.pdbx_mosaicity               ? 
_exptl_crystal.pdbx_mosaicity_esd           ? 
_exptl_crystal.pdbx_mosaic_method           ? 
_exptl_crystal.pdbx_mosaic_block_size       ? 
_exptl_crystal.pdbx_mosaic_block_size_esd   ? 
# 
_exptl_crystal_grow.apparatus       ? 
_exptl_crystal_grow.atmosphere      ? 
_exptl_crystal_grow.crystal_id      1 
_exptl_crystal_grow.details         ? 
_exptl_crystal_grow.method          'VAPOR DIFFUSION, SITTING DROP' 
_exptl_crystal_grow.method_ref      ? 
_exptl_crystal_grow.pH              ? 
_exptl_crystal_grow.pressure        ? 
_exptl_crystal_grow.pressure_esd    ? 
_exptl_crystal_grow.seeding         ? 
_exptl_crystal_grow.seeding_ref     ? 
_exptl_crystal_grow.temp_details    ? 
_exptl_crystal_grow.temp_esd        ? 
_exptl_crystal_grow.time            ? 
_exptl_crystal_grow.pdbx_details    
;0.08 M Sodium chloride, 0.012 M Potassium chloride, 0.02 M Magnesium chloride hexahydrate, 0.04 M sodium cacodylate trihydrate 7.0, 35 % v/v 2-Methyl-2,4-pentanediol, 0.012 M spermine tetrahydrochloride
;
_exptl_crystal_grow.pdbx_pH_range   ? 
_exptl_crystal_grow.temp            289 
# 
_diffrn.ambient_environment              ? 
_diffrn.ambient_temp                     100 
_diffrn.ambient_temp_details             ? 
_diffrn.ambient_temp_esd                 ? 
_diffrn.crystal_id                       1 
_diffrn.crystal_support                  ? 
_diffrn.crystal_treatment                ? 
_diffrn.details                          ? 
_diffrn.id                               1 
_diffrn.ambient_pressure                 ? 
_diffrn.ambient_pressure_esd             ? 
_diffrn.ambient_pressure_gt              ? 
_diffrn.ambient_pressure_lt              ? 
_diffrn.ambient_temp_gt                  ? 
_diffrn.ambient_temp_lt                  ? 
_diffrn.pdbx_serial_crystal_experiment   N 
# 
_diffrn_detector.details                      ? 
_diffrn_detector.detector                     PIXEL 
_diffrn_detector.diffrn_id                    1 
_diffrn_detector.type                         'DECTRIS PILATUS 6M' 
_diffrn_detector.area_resol_mean              ? 
_diffrn_detector.dtime                        ? 
_diffrn_detector.pdbx_frames_total            ? 
_diffrn_detector.pdbx_collection_time_total   ? 
_diffrn_detector.pdbx_collection_date         2022-09-03 
_diffrn_detector.pdbx_frequency               ? 
_diffrn_detector.id                           ? 
_diffrn_detector.number_of_axes               ? 
# 
_diffrn_radiation.collimation                      ? 
_diffrn_radiation.diffrn_id                        1 
_diffrn_radiation.filter_edge                      ? 
_diffrn_radiation.inhomogeneity                    ? 
_diffrn_radiation.monochromator                    ? 
_diffrn_radiation.polarisn_norm                    ? 
_diffrn_radiation.polarisn_ratio                   ? 
_diffrn_radiation.probe                            ? 
_diffrn_radiation.type                             ? 
_diffrn_radiation.xray_symbol                      ? 
_diffrn_radiation.wavelength_id                    1 
_diffrn_radiation.pdbx_monochromatic_or_laue_m_l   M 
_diffrn_radiation.pdbx_wavelength_list             ? 
_diffrn_radiation.pdbx_wavelength                  ? 
_diffrn_radiation.pdbx_diffrn_protocol             'SINGLE WAVELENGTH' 
_diffrn_radiation.pdbx_analyzer                    ? 
_diffrn_radiation.pdbx_scattering_type             x-ray 
# 
_diffrn_radiation_wavelength.id           1 
_diffrn_radiation_wavelength.wavelength   0.97853 
_diffrn_radiation_wavelength.wt           1.0 
# 
_diffrn_source.current                     ? 
_diffrn_source.details                     ? 
_diffrn_source.diffrn_id                   1 
_diffrn_source.power                       ? 
_diffrn_source.size                        ? 
_diffrn_source.source                      SYNCHROTRON 
_diffrn_source.target                      ? 
_diffrn_source.type                        'SSRF BEAMLINE BL19U1' 
_diffrn_source.voltage                     ? 
_diffrn_source.take-off_angle              ? 
_diffrn_source.pdbx_wavelength_list        0.97853 
_diffrn_source.pdbx_wavelength             ? 
_diffrn_source.pdbx_synchrotron_beamline   BL19U1 
_diffrn_source.pdbx_synchrotron_site       SSRF 
# 
_reflns.B_iso_Wilson_estimate                          ? 
_reflns.entry_id                                       9LKU 
_reflns.data_reduction_details                         ? 
_reflns.data_reduction_method                          ? 
_reflns.d_resolution_high                              2.74 
_reflns.d_resolution_low                               58.13 
_reflns.details                                        ? 
_reflns.limit_h_max                                    ? 
_reflns.limit_h_min                                    ? 
_reflns.limit_k_max                                    ? 
_reflns.limit_k_min                                    ? 
_reflns.limit_l_max                                    ? 
_reflns.limit_l_min                                    ? 
_reflns.number_all                                     ? 
_reflns.number_obs                                     5513 
_reflns.observed_criterion                             ? 
_reflns.observed_criterion_F_max                       ? 
_reflns.observed_criterion_F_min                       ? 
_reflns.observed_criterion_I_max                       ? 
_reflns.observed_criterion_I_min                       ? 
_reflns.observed_criterion_sigma_F                     ? 
_reflns.observed_criterion_sigma_I                     ? 
_reflns.percent_possible_obs                           99.7 
_reflns.R_free_details                                 ? 
_reflns.Rmerge_F_all                                   ? 
_reflns.Rmerge_F_obs                                   ? 
_reflns.Friedel_coverage                               ? 
_reflns.number_gt                                      ? 
_reflns.threshold_expression                           ? 
_reflns.pdbx_redundancy                                10.3 
_reflns.pdbx_netI_over_av_sigmaI                       ? 
_reflns.pdbx_netI_over_sigmaI                          17.8 
_reflns.pdbx_res_netI_over_av_sigmaI_2                 ? 
_reflns.pdbx_res_netI_over_sigmaI_2                    ? 
_reflns.pdbx_chi_squared                               0.97 
_reflns.pdbx_scaling_rejects                           ? 
_reflns.pdbx_d_res_high_opt                            ? 
_reflns.pdbx_d_res_low_opt                             ? 
_reflns.pdbx_d_res_opt_method                          ? 
_reflns.phase_calculation_details                      ? 
_reflns.pdbx_Rrim_I_all                                0.095 
_reflns.pdbx_Rpim_I_all                                0.028 
_reflns.pdbx_d_opt                                     ? 
_reflns.pdbx_number_measured_all                       ? 
_reflns.pdbx_diffrn_id                                 1 
_reflns.pdbx_ordinal                                   1 
_reflns.pdbx_CC_half                                   0.999 
_reflns.pdbx_CC_star                                   ? 
_reflns.pdbx_R_split                                   ? 
_reflns.pdbx_Rmerge_I_obs                              0.090 
_reflns.pdbx_Rmerge_I_all                              ? 
_reflns.pdbx_Rsym_value                                ? 
_reflns.pdbx_CC_split_method                           ? 
_reflns.pdbx_aniso_diffraction_limit_axis_1_ortho[1]   ? 
_reflns.pdbx_aniso_diffraction_limit_axis_1_ortho[2]   ? 
_reflns.pdbx_aniso_diffraction_limit_axis_1_ortho[3]   ? 
_reflns.pdbx_aniso_diffraction_limit_axis_2_ortho[1]   ? 
_reflns.pdbx_aniso_diffraction_limit_axis_2_ortho[2]   ? 
_reflns.pdbx_aniso_diffraction_limit_axis_2_ortho[3]   ? 
_reflns.pdbx_aniso_diffraction_limit_axis_3_ortho[1]   ? 
_reflns.pdbx_aniso_diffraction_limit_axis_3_ortho[2]   ? 
_reflns.pdbx_aniso_diffraction_limit_axis_3_ortho[3]   ? 
_reflns.pdbx_aniso_diffraction_limit_1                 ? 
_reflns.pdbx_aniso_diffraction_limit_2                 ? 
_reflns.pdbx_aniso_diffraction_limit_3                 ? 
_reflns.pdbx_aniso_B_tensor_eigenvector_1_ortho[1]     ? 
_reflns.pdbx_aniso_B_tensor_eigenvector_1_ortho[2]     ? 
_reflns.pdbx_aniso_B_tensor_eigenvector_1_ortho[3]     ? 
_reflns.pdbx_aniso_B_tensor_eigenvector_2_ortho[1]     ? 
_reflns.pdbx_aniso_B_tensor_eigenvector_2_ortho[2]     ? 
_reflns.pdbx_aniso_B_tensor_eigenvector_2_ortho[3]     ? 
_reflns.pdbx_aniso_B_tensor_eigenvector_3_ortho[1]     ? 
_reflns.pdbx_aniso_B_tensor_eigenvector_3_ortho[2]     ? 
_reflns.pdbx_aniso_B_tensor_eigenvector_3_ortho[3]     ? 
_reflns.pdbx_aniso_B_tensor_eigenvalue_1               ? 
_reflns.pdbx_aniso_B_tensor_eigenvalue_2               ? 
_reflns.pdbx_aniso_B_tensor_eigenvalue_3               ? 
_reflns.pdbx_orthogonalization_convention              ? 
_reflns.pdbx_percent_possible_ellipsoidal              ? 
_reflns.pdbx_percent_possible_spherical                ? 
_reflns.pdbx_percent_possible_ellipsoidal_anomalous    ? 
_reflns.pdbx_percent_possible_spherical_anomalous      ? 
_reflns.pdbx_redundancy_anomalous                      ? 
_reflns.pdbx_CC_half_anomalous                         ? 
_reflns.pdbx_absDiff_over_sigma_anomalous              ? 
_reflns.pdbx_percent_possible_anomalous                ? 
_reflns.pdbx_observed_signal_threshold                 ? 
_reflns.pdbx_signal_type                               ? 
_reflns.pdbx_signal_details                            ? 
_reflns.pdbx_signal_software_id                        ? 
# 
_reflns_shell.d_res_high                                    2.74 
_reflns_shell.d_res_low                                     2.89 
_reflns_shell.meanI_over_sigI_all                           ? 
_reflns_shell.meanI_over_sigI_obs                           ? 
_reflns_shell.number_measured_all                           ? 
_reflns_shell.number_measured_obs                           ? 
_reflns_shell.number_possible                               ? 
_reflns_shell.number_unique_all                             ? 
_reflns_shell.number_unique_obs                             793 
_reflns_shell.percent_possible_obs                          ? 
_reflns_shell.Rmerge_F_all                                  ? 
_reflns_shell.Rmerge_F_obs                                  ? 
_reflns_shell.meanI_over_sigI_gt                            ? 
_reflns_shell.meanI_over_uI_all                             ? 
_reflns_shell.meanI_over_uI_gt                              ? 
_reflns_shell.number_measured_gt                            ? 
_reflns_shell.number_unique_gt                              ? 
_reflns_shell.percent_possible_gt                           ? 
_reflns_shell.Rmerge_F_gt                                   ? 
_reflns_shell.Rmerge_I_gt                                   ? 
_reflns_shell.pdbx_redundancy                               10.3 
_reflns_shell.pdbx_chi_squared                              0.94 
_reflns_shell.pdbx_netI_over_sigmaI_all                     ? 
_reflns_shell.pdbx_netI_over_sigmaI_obs                     ? 
_reflns_shell.pdbx_Rrim_I_all                               0.687 
_reflns_shell.pdbx_Rpim_I_all                               0.205 
_reflns_shell.pdbx_rejects                                  ? 
_reflns_shell.pdbx_ordinal                                  1 
_reflns_shell.pdbx_diffrn_id                                1 
_reflns_shell.pdbx_CC_half                                  0.961 
_reflns_shell.pdbx_CC_star                                  ? 
_reflns_shell.pdbx_R_split                                  ? 
_reflns_shell.percent_possible_all                          ? 
_reflns_shell.Rmerge_I_all                                  ? 
_reflns_shell.Rmerge_I_obs                                  0.655 
_reflns_shell.pdbx_Rsym_value                               ? 
_reflns_shell.pdbx_percent_possible_ellipsoidal             ? 
_reflns_shell.pdbx_percent_possible_spherical               ? 
_reflns_shell.pdbx_percent_possible_ellipsoidal_anomalous   ? 
_reflns_shell.pdbx_percent_possible_spherical_anomalous     ? 
_reflns_shell.pdbx_redundancy_anomalous                     ? 
_reflns_shell.pdbx_CC_half_anomalous                        ? 
_reflns_shell.pdbx_absDiff_over_sigma_anomalous             ? 
_reflns_shell.pdbx_percent_possible_anomalous               ? 
# 
_refine.aniso_B[1][1]                            ? 
_refine.aniso_B[1][2]                            ? 
_refine.aniso_B[1][3]                            ? 
_refine.aniso_B[2][2]                            ? 
_refine.aniso_B[2][3]                            ? 
_refine.aniso_B[3][3]                            ? 
_refine.B_iso_max                                ? 
_refine.B_iso_mean                               ? 
_refine.B_iso_min                                ? 
_refine.correlation_coeff_Fo_to_Fc               ? 
_refine.correlation_coeff_Fo_to_Fc_free          ? 
_refine.details                                  ? 
_refine.diff_density_max                         ? 
_refine.diff_density_max_esd                     ? 
_refine.diff_density_min                         ? 
_refine.diff_density_min_esd                     ? 
_refine.diff_density_rms                         ? 
_refine.diff_density_rms_esd                     ? 
_refine.entry_id                                 9LKU 
_refine.pdbx_refine_id                           'X-RAY DIFFRACTION' 
_refine.ls_abs_structure_details                 ? 
_refine.ls_abs_structure_Flack                   ? 
_refine.ls_abs_structure_Flack_esd               ? 
_refine.ls_abs_structure_Rogers                  ? 
_refine.ls_abs_structure_Rogers_esd              ? 
_refine.ls_d_res_high                            2.74 
_refine.ls_d_res_low                             39.93 
_refine.ls_extinction_coef                       ? 
_refine.ls_extinction_coef_esd                   ? 
_refine.ls_extinction_expression                 ? 
_refine.ls_extinction_method                     ? 
_refine.ls_goodness_of_fit_all                   ? 
_refine.ls_goodness_of_fit_all_esd               ? 
_refine.ls_goodness_of_fit_obs                   ? 
_refine.ls_goodness_of_fit_obs_esd               ? 
_refine.ls_hydrogen_treatment                    ? 
_refine.ls_matrix_type                           ? 
_refine.ls_number_constraints                    ? 
_refine.ls_number_parameters                     ? 
_refine.ls_number_reflns_all                     ? 
_refine.ls_number_reflns_obs                     5375 
_refine.ls_number_reflns_R_free                  540 
_refine.ls_number_reflns_R_work                  ? 
_refine.ls_number_restraints                     ? 
_refine.ls_percent_reflns_obs                    97.04 
_refine.ls_percent_reflns_R_free                 10.05 
_refine.ls_R_factor_all                          ? 
_refine.ls_R_factor_obs                          0.2078 
_refine.ls_R_factor_R_free                       0.2654 
_refine.ls_R_factor_R_free_error                 ? 
_refine.ls_R_factor_R_free_error_details         ? 
_refine.ls_R_factor_R_work                       0.2009 
_refine.ls_R_Fsqd_factor_obs                     ? 
_refine.ls_R_I_factor_obs                        ? 
_refine.ls_redundancy_reflns_all                 ? 
_refine.ls_redundancy_reflns_obs                 ? 
_refine.ls_restrained_S_all                      ? 
_refine.ls_restrained_S_obs                      ? 
_refine.ls_shift_over_esd_max                    ? 
_refine.ls_shift_over_esd_mean                   ? 
_refine.ls_structure_factor_coef                 ? 
_refine.ls_weighting_details                     ? 
_refine.ls_weighting_scheme                      ? 
_refine.ls_wR_factor_all                         ? 
_refine.ls_wR_factor_obs                         ? 
_refine.ls_wR_factor_R_free                      ? 
_refine.ls_wR_factor_R_work                      ? 
_refine.occupancy_max                            ? 
_refine.occupancy_min                            ? 
_refine.solvent_model_details                    'FLAT BULK SOLVENT MODEL' 
_refine.solvent_model_param_bsol                 ? 
_refine.solvent_model_param_ksol                 ? 
_refine.correlation_coeff_I_to_Fcsqd_work        ? 
_refine.correlation_coeff_I_to_Fcsqd_free        ? 
_refine.pdbx_R_complete                          ? 
_refine.ls_R_factor_gt                           ? 
_refine.ls_goodness_of_fit_gt                    ? 
_refine.ls_goodness_of_fit_ref                   ? 
_refine.ls_shift_over_su_max                     ? 
_refine.ls_shift_over_su_max_lt                  ? 
_refine.ls_shift_over_su_mean                    ? 
_refine.ls_shift_over_su_mean_lt                 ? 
_refine.pdbx_ls_sigma_I                          ? 
_refine.pdbx_ls_sigma_F                          1.34 
_refine.pdbx_ls_sigma_Fsqd                       ? 
_refine.pdbx_data_cutoff_high_absF               ? 
_refine.pdbx_data_cutoff_high_rms_absF           ? 
_refine.pdbx_data_cutoff_low_absF                ? 
_refine.pdbx_isotropic_thermal_model             ? 
_refine.pdbx_ls_cross_valid_method               THROUGHOUT 
_refine.pdbx_method_to_determine_struct          'MOLECULAR REPLACEMENT' 
_refine.pdbx_starting_model                      ? 
_refine.pdbx_stereochemistry_target_values       ML 
_refine.pdbx_R_Free_selection_details            ? 
_refine.pdbx_stereochem_target_val_spec_case     ? 
_refine.pdbx_overall_ESU_R                       ? 
_refine.pdbx_overall_ESU_R_Free                  ? 
_refine.pdbx_solvent_vdw_probe_radii             1.10 
_refine.pdbx_solvent_ion_probe_radii             ? 
_refine.pdbx_solvent_shrinkage_radii             0.90 
_refine.pdbx_real_space_R                        ? 
_refine.pdbx_density_correlation                 ? 
_refine.pdbx_pd_number_of_powder_patterns        ? 
_refine.pdbx_pd_number_of_points                 ? 
_refine.pdbx_pd_meas_number_of_points            ? 
_refine.pdbx_pd_proc_ls_prof_R_factor            ? 
_refine.pdbx_pd_proc_ls_prof_wR_factor           ? 
_refine.pdbx_pd_Marquardt_correlation_coeff      ? 
_refine.pdbx_pd_Fsqrd_R_factor                   ? 
_refine.pdbx_pd_ls_matrix_band_width             ? 
_refine.pdbx_overall_phase_error                 32.09 
_refine.pdbx_overall_SU_R_free_Cruickshank_DPI   ? 
_refine.pdbx_overall_SU_R_free_Blow_DPI          ? 
_refine.pdbx_overall_SU_R_Blow_DPI               ? 
_refine.pdbx_TLS_residual_ADP_flag               ? 
_refine.pdbx_diffrn_id                           1 
_refine.overall_SU_B                             ? 
_refine.overall_SU_ML                            0.34 
_refine.overall_SU_R_Cruickshank_DPI             ? 
_refine.overall_SU_R_free                        ? 
_refine.overall_FOM_free_R_set                   ? 
_refine.overall_FOM_work_R_set                   ? 
_refine.pdbx_average_fsc_overall                 ? 
_refine.pdbx_average_fsc_work                    ? 
_refine.pdbx_average_fsc_free                    ? 
# 
_refine_hist.pdbx_refine_id                   'X-RAY DIFFRACTION' 
_refine_hist.cycle_id                         LAST 
_refine_hist.details                          ? 
_refine_hist.d_res_high                       2.74 
_refine_hist.d_res_low                        39.93 
_refine_hist.number_atoms_solvent             2 
_refine_hist.number_atoms_total               1410 
_refine_hist.number_reflns_all                ? 
_refine_hist.number_reflns_obs                ? 
_refine_hist.number_reflns_R_free             ? 
_refine_hist.number_reflns_R_work             ? 
_refine_hist.R_factor_all                     ? 
_refine_hist.R_factor_obs                     ? 
_refine_hist.R_factor_R_free                  ? 
_refine_hist.R_factor_R_work                  ? 
_refine_hist.pdbx_number_residues_total       ? 
_refine_hist.pdbx_B_iso_mean_ligand           ? 
_refine_hist.pdbx_B_iso_mean_solvent          ? 
_refine_hist.pdbx_number_atoms_protein        0 
_refine_hist.pdbx_number_atoms_nucleic_acid   1406 
_refine_hist.pdbx_number_atoms_ligand         2 
_refine_hist.pdbx_number_atoms_lipid          ? 
_refine_hist.pdbx_number_atoms_carb           ? 
_refine_hist.pdbx_pseudo_atom_details         ? 
# 
loop_
_refine_ls_restr.pdbx_refine_id 
_refine_ls_restr.criterion 
_refine_ls_restr.dev_ideal 
_refine_ls_restr.dev_ideal_target 
_refine_ls_restr.number 
_refine_ls_restr.rejects 
_refine_ls_restr.type 
_refine_ls_restr.weight 
_refine_ls_restr.pdbx_Zscore 
_refine_ls_restr.pdbx_restraint_function 
'X-RAY DIFFRACTION' ? 0.005  ? 1570 ? f_bond_d           ? ? ? 
'X-RAY DIFFRACTION' ? 1.246  ? 2441 ? f_angle_d          ? ? ? 
'X-RAY DIFFRACTION' ? 17.997 ? 780  ? f_dihedral_angle_d ? ? ? 
'X-RAY DIFFRACTION' ? 0.055  ? 327  ? f_chiral_restr     ? ? ? 
'X-RAY DIFFRACTION' ? 0.007  ? 66   ? f_plane_restr      ? ? ? 
# 
loop_
_refine_ls_shell.pdbx_refine_id 
_refine_ls_shell.d_res_high 
_refine_ls_shell.d_res_low 
_refine_ls_shell.number_reflns_all 
_refine_ls_shell.number_reflns_obs 
_refine_ls_shell.number_reflns_R_free 
_refine_ls_shell.number_reflns_R_work 
_refine_ls_shell.percent_reflns_obs 
_refine_ls_shell.percent_reflns_R_free 
_refine_ls_shell.R_factor_all 
_refine_ls_shell.R_factor_obs 
_refine_ls_shell.R_factor_R_free_error 
_refine_ls_shell.R_factor_R_work 
_refine_ls_shell.redundancy_reflns_all 
_refine_ls_shell.redundancy_reflns_obs 
_refine_ls_shell.wR_factor_all 
_refine_ls_shell.wR_factor_obs 
_refine_ls_shell.wR_factor_R_free 
_refine_ls_shell.wR_factor_R_work 
_refine_ls_shell.pdbx_R_complete 
_refine_ls_shell.correlation_coeff_Fo_to_Fc 
_refine_ls_shell.correlation_coeff_Fo_to_Fc_free 
_refine_ls_shell.correlation_coeff_I_to_Fcsqd_work 
_refine_ls_shell.correlation_coeff_I_to_Fcsqd_free 
_refine_ls_shell.pdbx_total_number_of_bins_used 
_refine_ls_shell.pdbx_phase_error 
_refine_ls_shell.pdbx_fsc_work 
_refine_ls_shell.pdbx_fsc_free 
_refine_ls_shell.R_factor_R_free 
'X-RAY DIFFRACTION' 2.74 3.01  . . 135 1199 98.00 . . . . 0.2791 . . . . . . . . . . . . . . . 0.3657 
'X-RAY DIFFRACTION' 3.01 3.45  . . 127 1147 93.00 . . . . 0.2708 . . . . . . . . . . . . . . . 0.3321 
'X-RAY DIFFRACTION' 3.45 4.35  . . 135 1194 98.00 . . . . 0.2008 . . . . . . . . . . . . . . . 0.2856 
'X-RAY DIFFRACTION' 4.35 39.93 . . 143 1295 99.00 . . . . 0.1574 . . . . . . . . . . . . . . . 0.2018 
# 
_struct.entry_id                     9LKU 
_struct.title                        
;Crystal structure of the 2'-dG-III riboswitch bound to Guanosine
;
_struct.pdbx_model_details           ? 
_struct.pdbx_formula_weight          ? 
_struct.pdbx_formula_weight_method   ? 
_struct.pdbx_model_type_details      ? 
_struct.pdbx_CASP_flag               N 
# 
_struct_keywords.entry_id        9LKU 
_struct_keywords.text            
;Riboswitch, 2'-dG, Guanosine, RNA
;
_struct_keywords.pdbx_keywords   RNA 
# 
loop_
_struct_asym.id 
_struct_asym.pdbx_blank_PDB_chainid_flag 
_struct_asym.pdbx_modified 
_struct_asym.entity_id 
_struct_asym.details 
A N N 1 ? 
B N N 2 ? 
C N N 3 ? 
D N N 3 ? 
E N N 4 ? 
# 
_struct_ref.id                         1 
_struct_ref.db_name                    PDB 
_struct_ref.db_code                    9LKU 
_struct_ref.pdbx_db_accession          9LKU 
_struct_ref.pdbx_db_isoform            ? 
_struct_ref.entity_id                  1 
_struct_ref.pdbx_seq_one_letter_code   ? 
_struct_ref.pdbx_align_begin           1 
# 
_struct_ref_seq.align_id                      1 
_struct_ref_seq.ref_id                        1 
_struct_ref_seq.pdbx_PDB_id_code              9LKU 
_struct_ref_seq.pdbx_strand_id                X 
_struct_ref_seq.seq_align_beg                 1 
_struct_ref_seq.pdbx_seq_align_beg_ins_code   ? 
_struct_ref_seq.seq_align_end                 65 
_struct_ref_seq.pdbx_seq_align_end_ins_code   ? 
_struct_ref_seq.pdbx_db_accession             9LKU 
_struct_ref_seq.db_align_beg                  5 
_struct_ref_seq.pdbx_db_align_beg_ins_code    ? 
_struct_ref_seq.db_align_end                  69 
_struct_ref_seq.pdbx_db_align_end_ins_code    ? 
_struct_ref_seq.pdbx_auth_seq_align_beg       5 
_struct_ref_seq.pdbx_auth_seq_align_end       69 
# 
_pdbx_struct_assembly.id                   1 
_pdbx_struct_assembly.details              author_and_software_defined_assembly 
_pdbx_struct_assembly.method_details       PISA 
_pdbx_struct_assembly.oligomeric_details   monomeric 
_pdbx_struct_assembly.oligomeric_count     1 
# 
loop_
_pdbx_struct_assembly_prop.biol_id 
_pdbx_struct_assembly_prop.type 
_pdbx_struct_assembly_prop.value 
_pdbx_struct_assembly_prop.details 
1 'ABSA (A^2)' 750   ? 
1 MORE         -5    ? 
1 'SSA (A^2)'  10870 ? 
# 
_pdbx_struct_assembly_gen.assembly_id       1 
_pdbx_struct_assembly_gen.oper_expression   1 
_pdbx_struct_assembly_gen.asym_id_list      A,B,C,D,E 
# 
_pdbx_struct_assembly_auth_evidence.id                     1 
_pdbx_struct_assembly_auth_evidence.assembly_id            1 
_pdbx_struct_assembly_auth_evidence.experimental_support   none 
_pdbx_struct_assembly_auth_evidence.details                ? 
# 
_pdbx_struct_oper_list.id                   1 
_pdbx_struct_oper_list.type                 'identity operation' 
_pdbx_struct_oper_list.name                 1_555 
_pdbx_struct_oper_list.symmetry_operation   x,y,z 
_pdbx_struct_oper_list.matrix[1][1]         1.0000000000 
_pdbx_struct_oper_list.matrix[1][2]         0.0000000000 
_pdbx_struct_oper_list.matrix[1][3]         0.0000000000 
_pdbx_struct_oper_list.vector[1]            0.0000000000 
_pdbx_struct_oper_list.matrix[2][1]         0.0000000000 
_pdbx_struct_oper_list.matrix[2][2]         1.0000000000 
_pdbx_struct_oper_list.matrix[2][3]         0.0000000000 
_pdbx_struct_oper_list.vector[2]            0.0000000000 
_pdbx_struct_oper_list.matrix[3][1]         0.0000000000 
_pdbx_struct_oper_list.matrix[3][2]         0.0000000000 
_pdbx_struct_oper_list.matrix[3][3]         1.0000000000 
_pdbx_struct_oper_list.vector[3]            0.0000000000 
# 
loop_
_struct_conn.id 
_struct_conn.conn_type_id 
_struct_conn.pdbx_leaving_atom_flag 
_struct_conn.pdbx_PDB_id 
_struct_conn.ptnr1_label_asym_id 
_struct_conn.ptnr1_label_comp_id 
_struct_conn.ptnr1_label_seq_id 
_struct_conn.ptnr1_label_atom_id 
_struct_conn.pdbx_ptnr1_label_alt_id 
_struct_conn.pdbx_ptnr1_PDB_ins_code 
_struct_conn.pdbx_ptnr1_standard_comp_id 
_struct_conn.ptnr1_symmetry 
_struct_conn.ptnr2_label_asym_id 
_struct_conn.ptnr2_label_comp_id 
_struct_conn.ptnr2_label_seq_id 
_struct_conn.ptnr2_label_atom_id 
_struct_conn.pdbx_ptnr2_label_alt_id 
_struct_conn.pdbx_ptnr2_PDB_ins_code 
_struct_conn.ptnr1_auth_asym_id 
_struct_conn.ptnr1_auth_comp_id 
_struct_conn.ptnr1_auth_seq_id 
_struct_conn.ptnr2_auth_asym_id 
_struct_conn.ptnr2_auth_comp_id 
_struct_conn.ptnr2_auth_seq_id 
_struct_conn.ptnr2_symmetry 
_struct_conn.pdbx_ptnr3_label_atom_id 
_struct_conn.pdbx_ptnr3_label_seq_id 
_struct_conn.pdbx_ptnr3_label_comp_id 
_struct_conn.pdbx_ptnr3_label_asym_id 
_struct_conn.pdbx_ptnr3_label_alt_id 
_struct_conn.pdbx_ptnr3_PDB_ins_code 
_struct_conn.details 
_struct_conn.pdbx_dist_value 
_struct_conn.pdbx_value_order 
_struct_conn.pdbx_role 
covale1  covale both ? A GDP 1  "O3'" ? ? ? 1_555 A G   2  P  ? ? X GDP 5  X G   6   1_555 ? ? ? ? ? ? ?                    1.559 
? ? 
covale2  covale both ? A U   64 "O3'" ? ? ? 1_555 A CCC 65 P  ? ? X U   68 X CCC 69  1_555 ? ? ? ? ? ? ?                    1.605 
? ? 
metalc1  metalc ?    ? A G   4  O6    ? ? ? 1_555 C MG  .  MG ? ? X G   8  X MG  102 1_555 ? ? ? ? ? ? ?                    2.887 
? ? 
metalc2  metalc ?    ? A U   5  O4    ? ? ? 1_555 C MG  .  MG ? ? X U   9  X MG  102 1_555 ? ? ? ? ? ? ?                    2.833 
? ? 
metalc3  metalc ?    ? A A   6  OP2   ? ? ? 1_555 D MG  .  MG ? ? X A   10 X MG  103 1_555 ? ? ? ? ? ? ?                    2.583 
? ? 
metalc4  metalc ?    ? A A   8  OP1   ? ? ? 1_555 D MG  .  MG ? ? X A   12 X MG  103 1_555 ? ? ? ? ? ? ?                    2.378 
? ? 
metalc5  metalc ?    ? A G   61 O6    ? ? ? 1_555 C MG  .  MG ? ? X G   65 X MG  102 1_555 ? ? ? ? ? ? ?                    2.404 
? ? 
hydrog1  hydrog ?    ? A GDP 1  N1    ? ? ? 1_555 A CCC 65 N3 ? ? X GDP 5  X CCC 69  1_555 ? ? ? ? ? ? WATSON-CRICK         ?     
? ? 
hydrog2  hydrog ?    ? A GDP 1  N2    ? ? ? 1_555 A CCC 65 O2 ? ? X GDP 5  X CCC 69  1_555 ? ? ? ? ? ? WATSON-CRICK         ?     
? ? 
hydrog3  hydrog ?    ? A GDP 1  O6    ? ? ? 1_555 A CCC 65 N4 ? ? X GDP 5  X CCC 69  1_555 ? ? ? ? ? ? WATSON-CRICK         ?     
? ? 
hydrog4  hydrog ?    ? A G   2  N1    ? ? ? 1_555 A U   64 O2 ? ? X G   6  X U   68  1_555 ? ? ? ? ? ? TYPE_28_PAIR         ?     
? ? 
hydrog5  hydrog ?    ? A G   2  O6    ? ? ? 1_555 A U   64 N3 ? ? X G   6  X U   68  1_555 ? ? ? ? ? ? TYPE_28_PAIR         ?     
? ? 
hydrog6  hydrog ?    ? A C   3  N3    ? ? ? 1_555 A G   63 N1 ? ? X C   7  X G   67  1_555 ? ? ? ? ? ? WATSON-CRICK         ?     
? ? 
hydrog7  hydrog ?    ? A C   3  N4    ? ? ? 1_555 A G   63 O6 ? ? X C   7  X G   67  1_555 ? ? ? ? ? ? WATSON-CRICK         ?     
? ? 
hydrog8  hydrog ?    ? A C   3  O2    ? ? ? 1_555 A G   63 N2 ? ? X C   7  X G   67  1_555 ? ? ? ? ? ? WATSON-CRICK         ?     
? ? 
hydrog9  hydrog ?    ? A G   4  N1    ? ? ? 1_555 A C   62 N3 ? ? X G   8  X C   66  1_555 ? ? ? ? ? ? WATSON-CRICK         ?     
? ? 
hydrog10 hydrog ?    ? A G   4  N2    ? ? ? 1_555 A C   62 O2 ? ? X G   8  X C   66  1_555 ? ? ? ? ? ? WATSON-CRICK         ?     
? ? 
hydrog11 hydrog ?    ? A G   4  O6    ? ? ? 1_555 A C   62 N4 ? ? X G   8  X C   66  1_555 ? ? ? ? ? ? WATSON-CRICK         ?     
? ? 
hydrog12 hydrog ?    ? A U   5  N3    ? ? ? 1_555 A G   61 O6 ? ? X U   9  X G   65  1_555 ? ? ? ? ? ? TYPE_28_PAIR         ?     
? ? 
hydrog13 hydrog ?    ? A U   5  O2    ? ? ? 1_555 A G   61 N1 ? ? X U   9  X G   65  1_555 ? ? ? ? ? ? TYPE_28_PAIR         ?     
? ? 
hydrog14 hydrog ?    ? A A   6  N1    ? ? ? 1_555 A U   60 N3 ? ? X A   10 X U   64  1_555 ? ? ? ? ? ? WATSON-CRICK         ?     
? ? 
hydrog15 hydrog ?    ? A A   6  N6    ? ? ? 1_555 A U   60 O4 ? ? X A   10 X U   64  1_555 ? ? ? ? ? ? WATSON-CRICK         ?     
? ? 
hydrog16 hydrog ?    ? A U   7  N3    ? ? ? 1_555 A A   36 N1 ? ? X U   11 X A   40  1_555 ? ? ? ? ? ? WATSON-CRICK         ?     
? ? 
hydrog17 hydrog ?    ? A U   7  O4    ? ? ? 1_555 A A   36 N6 ? ? X U   11 X A   40  1_555 ? ? ? ? ? ? WATSON-CRICK         ?     
? ? 
hydrog18 hydrog ?    ? A A   8  N1    ? ? ? 1_555 A G   31 N2 ? ? X A   12 X G   35  1_555 ? ? ? ? ? ? TYPE_10_PAIR         ?     
? ? 
hydrog19 hydrog ?    ? A A   8  N6    ? ? ? 1_555 A G   31 N3 ? ? X A   12 X G   35  1_555 ? ? ? ? ? ? TYPE_10_PAIR         ?     
? ? 
hydrog20 hydrog ?    ? A U   9  N3    ? ? ? 1_555 A A   38 N7 ? ? X U   13 X A   42  1_555 ? ? ? ? ? ? HOOGSTEEN            ?     
? ? 
hydrog21 hydrog ?    ? A U   9  O4    ? ? ? 1_555 A A   38 N6 ? ? X U   13 X A   42  1_555 ? ? ? ? ? ? HOOGSTEEN            ?     
? ? 
hydrog22 hydrog ?    ? A C   10 N3    ? ? ? 1_555 A G   30 N1 ? ? X C   14 X G   34  1_555 ? ? ? ? ? ? WATSON-CRICK         ?     
? ? 
hydrog23 hydrog ?    ? A C   10 N4    ? ? ? 1_555 A G   30 O6 ? ? X C   14 X G   34  1_555 ? ? ? ? ? ? WATSON-CRICK         ?     
? ? 
hydrog24 hydrog ?    ? A C   10 O2    ? ? ? 1_555 A G   30 N2 ? ? X C   14 X G   34  1_555 ? ? ? ? ? ? WATSON-CRICK         ?     
? ? 
hydrog25 hydrog ?    ? A C   11 N3    ? ? ? 1_555 A G   29 N1 ? ? X C   15 X G   33  1_555 ? ? ? ? ? ? WATSON-CRICK         ?     
? ? 
hydrog26 hydrog ?    ? A C   11 N4    ? ? ? 1_555 A G   29 O6 ? ? X C   15 X G   33  1_555 ? ? ? ? ? ? WATSON-CRICK         ?     
? ? 
hydrog27 hydrog ?    ? A C   11 O2    ? ? ? 1_555 A G   29 N2 ? ? X C   15 X G   33  1_555 ? ? ? ? ? ? WATSON-CRICK         ?     
? ? 
hydrog28 hydrog ?    ? A U   12 N3    ? ? ? 1_555 A A   28 N1 ? ? X U   16 X A   32  1_555 ? ? ? ? ? ? WATSON-CRICK         ?     
? ? 
hydrog29 hydrog ?    ? A U   12 O4    ? ? ? 1_555 A A   28 N6 ? ? X U   16 X A   32  1_555 ? ? ? ? ? ? WATSON-CRICK         ?     
? ? 
hydrog30 hydrog ?    ? A U   13 N3    ? ? ? 1_555 A A   27 N1 ? ? X U   17 X A   31  1_555 ? ? ? ? ? ? WATSON-CRICK         ?     
? ? 
hydrog31 hydrog ?    ? A U   13 O4    ? ? ? 1_555 A A   27 N6 ? ? X U   17 X A   31  1_555 ? ? ? ? ? ? WATSON-CRICK         ?     
? ? 
hydrog32 hydrog ?    ? A A   14 N1    ? ? ? 1_555 A U   26 N3 ? ? X A   18 X U   30  1_555 ? ? ? ? ? ? WATSON-CRICK         ?     
? ? 
hydrog33 hydrog ?    ? A A   14 N6    ? ? ? 1_555 A U   26 O4 ? ? X A   18 X U   30  1_555 ? ? ? ? ? ? WATSON-CRICK         ?     
? ? 
hydrog34 hydrog ?    ? A A   15 N1    ? ? ? 1_555 A U   25 N3 ? ? X A   19 X U   29  1_555 ? ? ? ? ? ? WATSON-CRICK         ?     
? ? 
hydrog35 hydrog ?    ? A A   15 N6    ? ? ? 1_555 A U   25 O4 ? ? X A   19 X U   29  1_555 ? ? ? ? ? ? WATSON-CRICK         ?     
? ? 
hydrog36 hydrog ?    ? A U   16 N3    ? ? ? 1_555 A U   24 O4 ? ? X U   20 X U   28  1_555 ? ? ? ? ? ? TYPE_16_PAIR         ?     
? ? 
hydrog37 hydrog ?    ? A U   16 O2    ? ? ? 1_555 A U   24 N3 ? ? X U   20 X U   28  1_555 ? ? ? ? ? ? TYPE_16_PAIR         ?     
? ? 
hydrog38 hydrog ?    ? A A   18 N1    ? ? ? 1_555 A A   51 N6 ? ? X A   22 X A   55  1_555 ? ? ? ? ? ? TYPE_5_PAIR          ?     
? ? 
hydrog39 hydrog ?    ? A A   18 N6    ? ? ? 1_555 A A   51 N7 ? ? X A   22 X A   55  1_555 ? ? ? ? ? ? TYPE_5_PAIR          ?     
? ? 
hydrog40 hydrog ?    ? A U   19 N3    ? ? ? 1_555 A A   50 N7 ? ? X U   23 X A   54  1_555 ? ? ? ? ? ? 'REVERSED HOOGSTEEN' ?     
? ? 
hydrog41 hydrog ?    ? A U   19 O2    ? ? ? 1_555 A A   50 N6 ? ? X U   23 X A   54  1_555 ? ? ? ? ? ? 'REVERSED HOOGSTEEN' ?     
? ? 
hydrog42 hydrog ?    ? A A   20 N7    ? ? ? 1_555 A A   49 N6 ? ? X A   24 X A   53  1_555 ? ? ? ? ? ? 'A-A MISPAIR'        ?     
? ? 
hydrog43 hydrog ?    ? A G   22 N1    ? ? ? 1_555 A C   46 N3 ? ? X G   26 X C   50  1_555 ? ? ? ? ? ? WATSON-CRICK         ?     
? ? 
hydrog44 hydrog ?    ? A G   22 N2    ? ? ? 1_555 A C   46 O2 ? ? X G   26 X C   50  1_555 ? ? ? ? ? ? WATSON-CRICK         ?     
? ? 
hydrog45 hydrog ?    ? A G   22 O6    ? ? ? 1_555 A C   46 N4 ? ? X G   26 X C   50  1_555 ? ? ? ? ? ? WATSON-CRICK         ?     
? ? 
hydrog46 hydrog ?    ? A G   23 N1    ? ? ? 1_555 A C   45 N3 ? ? X G   27 X C   49  1_555 ? ? ? ? ? ? WATSON-CRICK         ?     
? ? 
hydrog47 hydrog ?    ? A G   23 N2    ? ? ? 1_555 A C   45 O2 ? ? X G   27 X C   49  1_555 ? ? ? ? ? ? WATSON-CRICK         ?     
? ? 
hydrog48 hydrog ?    ? A G   23 O6    ? ? ? 1_555 A C   45 N4 ? ? X G   27 X C   49  1_555 ? ? ? ? ? ? WATSON-CRICK         ?     
? ? 
hydrog49 hydrog ?    ? A G   23 N2    ? ? ? 1_555 A A   51 N1 ? ? X G   27 X A   55  1_555 ? ? ? ? ? ? 'G-A MISPAIR'        ?     
? ? 
hydrog50 hydrog ?    ? A G   31 N1    ? ? ? 1_555 A C   37 N3 ? ? X G   35 X C   41  1_555 ? ? ? ? ? ? WATSON-CRICK         ?     
? ? 
hydrog51 hydrog ?    ? A G   31 N2    ? ? ? 1_555 A C   37 O2 ? ? X G   35 X C   41  1_555 ? ? ? ? ? ? WATSON-CRICK         ?     
? ? 
hydrog52 hydrog ?    ? A G   31 O6    ? ? ? 1_555 A C   37 N4 ? ? X G   35 X C   41  1_555 ? ? ? ? ? ? WATSON-CRICK         ?     
? ? 
hydrog53 hydrog ?    ? A A   34 N6    ? ? ? 1_555 A U   60 O2 ? ? X A   38 X U   64  1_555 ? ? ? ? ? ? 'A-U PAIR'           ?     
? ? 
hydrog54 hydrog ?    ? A A   36 N3    ? ? ? 1_555 A A   58 N6 ? ? X A   40 X A   62  1_555 ? ? ? ? ? ? 'A-A MISPAIR'        ?     
? ? 
hydrog55 hydrog ?    ? A U   39 N3    ? ? ? 1_555 A U   57 O2 ? ? X U   43 X U   61  1_555 ? ? ? ? ? ? TYPE_16_PAIR         ?     
? ? 
hydrog56 hydrog ?    ? A U   39 O4    ? ? ? 1_555 A U   57 N3 ? ? X U   43 X U   61  1_555 ? ? ? ? ? ? TYPE_16_PAIR         ?     
? ? 
hydrog57 hydrog ?    ? A A   40 N1    ? ? ? 1_555 A U   56 N3 ? ? X A   44 X U   60  1_555 ? ? ? ? ? ? WATSON-CRICK         ?     
? ? 
hydrog58 hydrog ?    ? A A   40 N6    ? ? ? 1_555 A U   56 O4 ? ? X A   44 X U   60  1_555 ? ? ? ? ? ? WATSON-CRICK         ?     
? ? 
hydrog59 hydrog ?    ? A G   41 N1    ? ? ? 1_555 A C   55 N3 ? ? X G   45 X C   59  1_555 ? ? ? ? ? ? WATSON-CRICK         ?     
? ? 
hydrog60 hydrog ?    ? A G   41 N2    ? ? ? 1_555 A C   55 O2 ? ? X G   45 X C   59  1_555 ? ? ? ? ? ? WATSON-CRICK         ?     
? ? 
hydrog61 hydrog ?    ? A G   41 O6    ? ? ? 1_555 A C   55 N4 ? ? X G   45 X C   59  1_555 ? ? ? ? ? ? WATSON-CRICK         ?     
? ? 
hydrog62 hydrog ?    ? A A   42 N1    ? ? ? 1_555 A U   54 N3 ? ? X A   46 X U   58  1_555 ? ? ? ? ? ? WATSON-CRICK         ?     
? ? 
hydrog63 hydrog ?    ? A A   42 N6    ? ? ? 1_555 A U   54 O4 ? ? X A   46 X U   58  1_555 ? ? ? ? ? ? WATSON-CRICK         ?     
? ? 
hydrog64 hydrog ?    ? A A   43 N1    ? ? ? 1_555 A U   53 N3 ? ? X A   47 X U   57  1_555 ? ? ? ? ? ? WATSON-CRICK         ?     
? ? 
hydrog65 hydrog ?    ? A A   43 N6    ? ? ? 1_555 A U   53 O4 ? ? X A   47 X U   57  1_555 ? ? ? ? ? ? WATSON-CRICK         ?     
? ? 
hydrog66 hydrog ?    ? A A   44 N6    ? ? ? 1_555 A U   52 O4 ? ? X A   48 X U   56  1_555 ? ? ? ? ? ? 'A-U PAIR'           ?     
? ? 
hydrog67 hydrog ?    ? A C   46 O2    ? ? ? 1_555 A A   50 N6 ? ? X C   50 X A   54  1_555 ? ? ? ? ? ? 'C-A MISPAIR'        ?     
? ? 
# 
loop_
_struct_conn_type.id 
_struct_conn_type.criteria 
_struct_conn_type.reference 
covale ? ? 
metalc ? ? 
hydrog ? ? 
# 
loop_
_pdbx_struct_conn_angle.id 
_pdbx_struct_conn_angle.ptnr1_label_atom_id 
_pdbx_struct_conn_angle.ptnr1_label_alt_id 
_pdbx_struct_conn_angle.ptnr1_label_asym_id 
_pdbx_struct_conn_angle.ptnr1_label_comp_id 
_pdbx_struct_conn_angle.ptnr1_label_seq_id 
_pdbx_struct_conn_angle.ptnr1_auth_atom_id 
_pdbx_struct_conn_angle.ptnr1_auth_asym_id 
_pdbx_struct_conn_angle.ptnr1_auth_comp_id 
_pdbx_struct_conn_angle.ptnr1_auth_seq_id 
_pdbx_struct_conn_angle.ptnr1_PDB_ins_code 
_pdbx_struct_conn_angle.ptnr1_symmetry 
_pdbx_struct_conn_angle.ptnr2_label_atom_id 
_pdbx_struct_conn_angle.ptnr2_label_alt_id 
_pdbx_struct_conn_angle.ptnr2_label_asym_id 
_pdbx_struct_conn_angle.ptnr2_label_comp_id 
_pdbx_struct_conn_angle.ptnr2_label_seq_id 
_pdbx_struct_conn_angle.ptnr2_auth_atom_id 
_pdbx_struct_conn_angle.ptnr2_auth_asym_id 
_pdbx_struct_conn_angle.ptnr2_auth_comp_id 
_pdbx_struct_conn_angle.ptnr2_auth_seq_id 
_pdbx_struct_conn_angle.ptnr2_PDB_ins_code 
_pdbx_struct_conn_angle.ptnr2_symmetry 
_pdbx_struct_conn_angle.ptnr3_label_atom_id 
_pdbx_struct_conn_angle.ptnr3_label_alt_id 
_pdbx_struct_conn_angle.ptnr3_label_asym_id 
_pdbx_struct_conn_angle.ptnr3_label_comp_id 
_pdbx_struct_conn_angle.ptnr3_label_seq_id 
_pdbx_struct_conn_angle.ptnr3_auth_atom_id 
_pdbx_struct_conn_angle.ptnr3_auth_asym_id 
_pdbx_struct_conn_angle.ptnr3_auth_comp_id 
_pdbx_struct_conn_angle.ptnr3_auth_seq_id 
_pdbx_struct_conn_angle.ptnr3_PDB_ins_code 
_pdbx_struct_conn_angle.ptnr3_symmetry 
_pdbx_struct_conn_angle.value 
_pdbx_struct_conn_angle.value_esd 
1 O6  ? A G 4 ? X G 8  ? 1_555 MG ? C MG . ? X MG 102 ? 1_555 O4  ? A U 5  ? X U 9  ? 1_555 71.2 ? 
2 O6  ? A G 4 ? X G 8  ? 1_555 MG ? C MG . ? X MG 102 ? 1_555 O6  ? A G 61 ? X G 65 ? 1_555 69.8 ? 
3 O4  ? A U 5 ? X U 9  ? 1_555 MG ? C MG . ? X MG 102 ? 1_555 O6  ? A G 61 ? X G 65 ? 1_555 76.4 ? 
4 OP2 ? A A 6 ? X A 10 ? 1_555 MG ? D MG . ? X MG 103 ? 1_555 OP1 ? A A 8  ? X A 12 ? 1_555 90.6 ? 
# 
_pdbx_entry_details.entry_id                   9LKU 
_pdbx_entry_details.nonpolymer_details         ? 
_pdbx_entry_details.sequence_details           ? 
_pdbx_entry_details.compound_details           ? 
_pdbx_entry_details.source_details             ? 
_pdbx_entry_details.has_ligand_of_interest     Y 
_pdbx_entry_details.has_protein_modification   N 
# 
_pdbx_validate_close_contact.id               1 
_pdbx_validate_close_contact.PDB_model_num    1 
_pdbx_validate_close_contact.auth_atom_id_1   O4 
_pdbx_validate_close_contact.auth_asym_id_1   X 
_pdbx_validate_close_contact.auth_comp_id_1   U 
_pdbx_validate_close_contact.auth_seq_id_1    68 
_pdbx_validate_close_contact.PDB_ins_code_1   ? 
_pdbx_validate_close_contact.label_alt_id_1   ? 
_pdbx_validate_close_contact.auth_atom_id_2   O 
_pdbx_validate_close_contact.auth_asym_id_2   X 
_pdbx_validate_close_contact.auth_comp_id_2   HOH 
_pdbx_validate_close_contact.auth_seq_id_2    201 
_pdbx_validate_close_contact.PDB_ins_code_2   ? 
_pdbx_validate_close_contact.label_alt_id_2   ? 
_pdbx_validate_close_contact.dist             2.13 
# 
loop_
_chem_comp_atom.comp_id 
_chem_comp_atom.atom_id 
_chem_comp_atom.type_symbol 
_chem_comp_atom.pdbx_aromatic_flag 
_chem_comp_atom.pdbx_stereo_config 
_chem_comp_atom.pdbx_ordinal 
A   OP3    O  N N 1   
A   P      P  N N 2   
A   OP1    O  N N 3   
A   OP2    O  N N 4   
A   "O5'"  O  N N 5   
A   "C5'"  C  N N 6   
A   "C4'"  C  N R 7   
A   "O4'"  O  N N 8   
A   "C3'"  C  N S 9   
A   "O3'"  O  N N 10  
A   "C2'"  C  N R 11  
A   "O2'"  O  N N 12  
A   "C1'"  C  N R 13  
A   N9     N  Y N 14  
A   C8     C  Y N 15  
A   N7     N  Y N 16  
A   C5     C  Y N 17  
A   C6     C  Y N 18  
A   N6     N  N N 19  
A   N1     N  Y N 20  
A   C2     C  Y N 21  
A   N3     N  Y N 22  
A   C4     C  Y N 23  
A   HOP3   H  N N 24  
A   HOP2   H  N N 25  
A   "H5'"  H  N N 26  
A   "H5''" H  N N 27  
A   "H4'"  H  N N 28  
A   "H3'"  H  N N 29  
A   "HO3'" H  N N 30  
A   "H2'"  H  N N 31  
A   "HO2'" H  N N 32  
A   "H1'"  H  N N 33  
A   H8     H  N N 34  
A   H61    H  N N 35  
A   H62    H  N N 36  
A   H2     H  N N 37  
C   OP3    O  N N 38  
C   P      P  N N 39  
C   OP1    O  N N 40  
C   OP2    O  N N 41  
C   "O5'"  O  N N 42  
C   "C5'"  C  N N 43  
C   "C4'"  C  N R 44  
C   "O4'"  O  N N 45  
C   "C3'"  C  N S 46  
C   "O3'"  O  N N 47  
C   "C2'"  C  N R 48  
C   "O2'"  O  N N 49  
C   "C1'"  C  N R 50  
C   N1     N  N N 51  
C   C2     C  N N 52  
C   O2     O  N N 53  
C   N3     N  N N 54  
C   C4     C  N N 55  
C   N4     N  N N 56  
C   C5     C  N N 57  
C   C6     C  N N 58  
C   HOP3   H  N N 59  
C   HOP2   H  N N 60  
C   "H5'"  H  N N 61  
C   "H5''" H  N N 62  
C   "H4'"  H  N N 63  
C   "H3'"  H  N N 64  
C   "HO3'" H  N N 65  
C   "H2'"  H  N N 66  
C   "HO2'" H  N N 67  
C   "H1'"  H  N N 68  
C   H41    H  N N 69  
C   H42    H  N N 70  
C   H5     H  N N 71  
C   H6     H  N N 72  
CCC PC     P  N S 73  
CCC O1C    O  N N 74  
CCC O2C    O  N N 75  
CCC P      P  N N 76  
CCC OP1    O  N N 77  
CCC OP2    O  N N 78  
CCC OP3    O  N N 79  
CCC "O5'"  O  N N 80  
CCC "C5'"  C  N N 81  
CCC "C4'"  C  N R 82  
CCC "O4'"  O  N N 83  
CCC "C3'"  C  N R 84  
CCC "O3'"  O  N N 85  
CCC "C2'"  C  N R 86  
CCC "O2'"  O  N N 87  
CCC "C1'"  C  N R 88  
CCC N1     N  N N 89  
CCC C2     C  N N 90  
CCC O2     O  N N 91  
CCC N3     N  N N 92  
CCC C4     C  N N 93  
CCC N4     N  N N 94  
CCC C5     C  N N 95  
CCC C6     C  N N 96  
CCC HOC2   H  N N 97  
CCC HOP2   H  N N 98  
CCC HOP3   H  N N 99  
CCC "H5'"  H  N N 100 
CCC "H5''" H  N N 101 
CCC "H4'"  H  N N 102 
CCC "H3'"  H  N N 103 
CCC "H2'"  H  N N 104 
CCC "H1'"  H  N N 105 
CCC H41    H  N N 106 
CCC H42    H  N N 107 
CCC H5     H  N N 108 
CCC H6     H  N N 109 
G   OP3    O  N N 110 
G   P      P  N N 111 
G   OP1    O  N N 112 
G   OP2    O  N N 113 
G   "O5'"  O  N N 114 
G   "C5'"  C  N N 115 
G   "C4'"  C  N R 116 
G   "O4'"  O  N N 117 
G   "C3'"  C  N S 118 
G   "O3'"  O  N N 119 
G   "C2'"  C  N R 120 
G   "O2'"  O  N N 121 
G   "C1'"  C  N R 122 
G   N9     N  Y N 123 
G   C8     C  Y N 124 
G   N7     N  Y N 125 
G   C5     C  Y N 126 
G   C6     C  N N 127 
G   O6     O  N N 128 
G   N1     N  N N 129 
G   C2     C  N N 130 
G   N2     N  N N 131 
G   N3     N  N N 132 
G   C4     C  Y N 133 
G   HOP3   H  N N 134 
G   HOP2   H  N N 135 
G   "H5'"  H  N N 136 
G   "H5''" H  N N 137 
G   "H4'"  H  N N 138 
G   "H3'"  H  N N 139 
G   "HO3'" H  N N 140 
G   "H2'"  H  N N 141 
G   "HO2'" H  N N 142 
G   "H1'"  H  N N 143 
G   H8     H  N N 144 
G   H1     H  N N 145 
G   H21    H  N N 146 
G   H22    H  N N 147 
GDP PB     P  N N 148 
GDP O1B    O  N N 149 
GDP O2B    O  N N 150 
GDP O3B    O  N N 151 
GDP O3A    O  N N 152 
GDP PA     P  N N 153 
GDP O1A    O  N N 154 
GDP O2A    O  N N 155 
GDP "O5'"  O  N N 156 
GDP "C5'"  C  N N 157 
GDP "C4'"  C  N R 158 
GDP "O4'"  O  N N 159 
GDP "C3'"  C  N S 160 
GDP "O3'"  O  N N 161 
GDP "C2'"  C  N R 162 
GDP "O2'"  O  N N 163 
GDP "C1'"  C  N R 164 
GDP N9     N  Y N 165 
GDP C8     C  Y N 166 
GDP N7     N  Y N 167 
GDP C5     C  Y N 168 
GDP C6     C  N N 169 
GDP O6     O  N N 170 
GDP N1     N  N N 171 
GDP C2     C  N N 172 
GDP N2     N  N N 173 
GDP N3     N  N N 174 
GDP C4     C  Y N 175 
GDP HOB2   H  N N 176 
GDP HOB3   H  N N 177 
GDP HOA2   H  N N 178 
GDP "H5'"  H  N N 179 
GDP "H5''" H  N N 180 
GDP "H4'"  H  N N 181 
GDP "H3'"  H  N N 182 
GDP "HO3'" H  N N 183 
GDP "H2'"  H  N N 184 
GDP "HO2'" H  N N 185 
GDP "H1'"  H  N N 186 
GDP H8     H  N N 187 
GDP HN1    H  N N 188 
GDP HN21   H  N N 189 
GDP HN22   H  N N 190 
GMP "O5'"  O  N N 191 
GMP "C5'"  C  N N 192 
GMP "C4'"  C  N R 193 
GMP "O4'"  O  N N 194 
GMP "C3'"  C  N S 195 
GMP "O3'"  O  N N 196 
GMP "C2'"  C  N R 197 
GMP "O2'"  O  N N 198 
GMP "C1'"  C  N R 199 
GMP N9     N  Y N 200 
GMP C8     C  Y N 201 
GMP N7     N  Y N 202 
GMP C5     C  Y N 203 
GMP C6     C  N N 204 
GMP O6     O  N N 205 
GMP N1     N  N N 206 
GMP C2     C  N N 207 
GMP N2     N  N N 208 
GMP N3     N  N N 209 
GMP C4     C  Y N 210 
GMP "HO5'" H  N N 211 
GMP "H5'1" H  N N 212 
GMP "H5'2" H  N N 213 
GMP "H4'"  H  N N 214 
GMP "H3'"  H  N N 215 
GMP "HO3'" H  N N 216 
GMP "H2'"  H  N N 217 
GMP "HO2'" H  N N 218 
GMP "H1'"  H  N N 219 
GMP H8     H  N N 220 
GMP HN1    H  N N 221 
GMP HN21   H  N N 222 
GMP HN22   H  N N 223 
HOH O      O  N N 224 
HOH H1     H  N N 225 
HOH H2     H  N N 226 
MG  MG     MG N N 227 
U   OP3    O  N N 228 
U   P      P  N N 229 
U   OP1    O  N N 230 
U   OP2    O  N N 231 
U   "O5'"  O  N N 232 
U   "C5'"  C  N N 233 
U   "C4'"  C  N R 234 
U   "O4'"  O  N N 235 
U   "C3'"  C  N S 236 
U   "O3'"  O  N N 237 
U   "C2'"  C  N R 238 
U   "O2'"  O  N N 239 
U   "C1'"  C  N R 240 
U   N1     N  N N 241 
U   C2     C  N N 242 
U   O2     O  N N 243 
U   N3     N  N N 244 
U   C4     C  N N 245 
U   O4     O  N N 246 
U   C5     C  N N 247 
U   C6     C  N N 248 
U   HOP3   H  N N 249 
U   HOP2   H  N N 250 
U   "H5'"  H  N N 251 
U   "H5''" H  N N 252 
U   "H4'"  H  N N 253 
U   "H3'"  H  N N 254 
U   "HO3'" H  N N 255 
U   "H2'"  H  N N 256 
U   "HO2'" H  N N 257 
U   "H1'"  H  N N 258 
U   H3     H  N N 259 
U   H5     H  N N 260 
U   H6     H  N N 261 
# 
loop_
_chem_comp_bond.comp_id 
_chem_comp_bond.atom_id_1 
_chem_comp_bond.atom_id_2 
_chem_comp_bond.value_order 
_chem_comp_bond.pdbx_aromatic_flag 
_chem_comp_bond.pdbx_stereo_config 
_chem_comp_bond.pdbx_ordinal 
A   OP3   P      sing N N 1   
A   OP3   HOP3   sing N N 2   
A   P     OP1    doub N N 3   
A   P     OP2    sing N N 4   
A   P     "O5'"  sing N N 5   
A   OP2   HOP2   sing N N 6   
A   "O5'" "C5'"  sing N N 7   
A   "C5'" "C4'"  sing N N 8   
A   "C5'" "H5'"  sing N N 9   
A   "C5'" "H5''" sing N N 10  
A   "C4'" "O4'"  sing N N 11  
A   "C4'" "C3'"  sing N N 12  
A   "C4'" "H4'"  sing N N 13  
A   "O4'" "C1'"  sing N N 14  
A   "C3'" "O3'"  sing N N 15  
A   "C3'" "C2'"  sing N N 16  
A   "C3'" "H3'"  sing N N 17  
A   "O3'" "HO3'" sing N N 18  
A   "C2'" "O2'"  sing N N 19  
A   "C2'" "C1'"  sing N N 20  
A   "C2'" "H2'"  sing N N 21  
A   "O2'" "HO2'" sing N N 22  
A   "C1'" N9     sing N N 23  
A   "C1'" "H1'"  sing N N 24  
A   N9    C8     sing Y N 25  
A   N9    C4     sing Y N 26  
A   C8    N7     doub Y N 27  
A   C8    H8     sing N N 28  
A   N7    C5     sing Y N 29  
A   C5    C6     sing Y N 30  
A   C5    C4     doub Y N 31  
A   C6    N6     sing N N 32  
A   C6    N1     doub Y N 33  
A   N6    H61    sing N N 34  
A   N6    H62    sing N N 35  
A   N1    C2     sing Y N 36  
A   C2    N3     doub Y N 37  
A   C2    H2     sing N N 38  
A   N3    C4     sing Y N 39  
C   OP3   P      sing N N 40  
C   OP3   HOP3   sing N N 41  
C   P     OP1    doub N N 42  
C   P     OP2    sing N N 43  
C   P     "O5'"  sing N N 44  
C   OP2   HOP2   sing N N 45  
C   "O5'" "C5'"  sing N N 46  
C   "C5'" "C4'"  sing N N 47  
C   "C5'" "H5'"  sing N N 48  
C   "C5'" "H5''" sing N N 49  
C   "C4'" "O4'"  sing N N 50  
C   "C4'" "C3'"  sing N N 51  
C   "C4'" "H4'"  sing N N 52  
C   "O4'" "C1'"  sing N N 53  
C   "C3'" "O3'"  sing N N 54  
C   "C3'" "C2'"  sing N N 55  
C   "C3'" "H3'"  sing N N 56  
C   "O3'" "HO3'" sing N N 57  
C   "C2'" "O2'"  sing N N 58  
C   "C2'" "C1'"  sing N N 59  
C   "C2'" "H2'"  sing N N 60  
C   "O2'" "HO2'" sing N N 61  
C   "C1'" N1     sing N N 62  
C   "C1'" "H1'"  sing N N 63  
C   N1    C2     sing N N 64  
C   N1    C6     sing N N 65  
C   C2    O2     doub N N 66  
C   C2    N3     sing N N 67  
C   N3    C4     doub N N 68  
C   C4    N4     sing N N 69  
C   C4    C5     sing N N 70  
C   N4    H41    sing N N 71  
C   N4    H42    sing N N 72  
C   C5    C6     doub N N 73  
C   C5    H5     sing N N 74  
C   C6    H6     sing N N 75  
CCC PC    O1C    doub N N 76  
CCC PC    O2C    sing N N 77  
CCC PC    "O3'"  sing N N 78  
CCC PC    "O2'"  sing N N 79  
CCC O2C   HOC2   sing N N 80  
CCC P     OP1    doub N N 81  
CCC P     OP2    sing N N 82  
CCC P     OP3    sing N N 83  
CCC P     "O5'"  sing N N 84  
CCC OP2   HOP2   sing N N 85  
CCC OP3   HOP3   sing N N 86  
CCC "O5'" "C5'"  sing N N 87  
CCC "C5'" "C4'"  sing N N 88  
CCC "C5'" "H5'"  sing N N 89  
CCC "C5'" "H5''" sing N N 90  
CCC "C4'" "O4'"  sing N N 91  
CCC "C4'" "C3'"  sing N N 92  
CCC "C4'" "H4'"  sing N N 93  
CCC "O4'" "C1'"  sing N N 94  
CCC "C3'" "O3'"  sing N N 95  
CCC "C3'" "C2'"  sing N N 96  
CCC "C3'" "H3'"  sing N N 97  
CCC "C2'" "O2'"  sing N N 98  
CCC "C2'" "C1'"  sing N N 99  
CCC "C2'" "H2'"  sing N N 100 
CCC "C1'" N1     sing N N 101 
CCC "C1'" "H1'"  sing N N 102 
CCC N1    C2     sing N N 103 
CCC N1    C6     sing N N 104 
CCC C2    O2     doub N N 105 
CCC C2    N3     sing N N 106 
CCC N3    C4     doub N N 107 
CCC C4    N4     sing N N 108 
CCC C4    C5     sing N N 109 
CCC N4    H41    sing N N 110 
CCC N4    H42    sing N N 111 
CCC C5    C6     doub N N 112 
CCC C5    H5     sing N N 113 
CCC C6    H6     sing N N 114 
G   OP3   P      sing N N 115 
G   OP3   HOP3   sing N N 116 
G   P     OP1    doub N N 117 
G   P     OP2    sing N N 118 
G   P     "O5'"  sing N N 119 
G   OP2   HOP2   sing N N 120 
G   "O5'" "C5'"  sing N N 121 
G   "C5'" "C4'"  sing N N 122 
G   "C5'" "H5'"  sing N N 123 
G   "C5'" "H5''" sing N N 124 
G   "C4'" "O4'"  sing N N 125 
G   "C4'" "C3'"  sing N N 126 
G   "C4'" "H4'"  sing N N 127 
G   "O4'" "C1'"  sing N N 128 
G   "C3'" "O3'"  sing N N 129 
G   "C3'" "C2'"  sing N N 130 
G   "C3'" "H3'"  sing N N 131 
G   "O3'" "HO3'" sing N N 132 
G   "C2'" "O2'"  sing N N 133 
G   "C2'" "C1'"  sing N N 134 
G   "C2'" "H2'"  sing N N 135 
G   "O2'" "HO2'" sing N N 136 
G   "C1'" N9     sing N N 137 
G   "C1'" "H1'"  sing N N 138 
G   N9    C8     sing Y N 139 
G   N9    C4     sing Y N 140 
G   C8    N7     doub Y N 141 
G   C8    H8     sing N N 142 
G   N7    C5     sing Y N 143 
G   C5    C6     sing N N 144 
G   C5    C4     doub Y N 145 
G   C6    O6     doub N N 146 
G   C6    N1     sing N N 147 
G   N1    C2     sing N N 148 
G   N1    H1     sing N N 149 
G   C2    N2     sing N N 150 
G   C2    N3     doub N N 151 
G   N2    H21    sing N N 152 
G   N2    H22    sing N N 153 
G   N3    C4     sing N N 154 
GDP PB    O1B    doub N N 155 
GDP PB    O2B    sing N N 156 
GDP PB    O3B    sing N N 157 
GDP PB    O3A    sing N N 158 
GDP O2B   HOB2   sing N N 159 
GDP O3B   HOB3   sing N N 160 
GDP O3A   PA     sing N N 161 
GDP PA    O1A    doub N N 162 
GDP PA    O2A    sing N N 163 
GDP PA    "O5'"  sing N N 164 
GDP O2A   HOA2   sing N N 165 
GDP "O5'" "C5'"  sing N N 166 
GDP "C5'" "C4'"  sing N N 167 
GDP "C5'" "H5'"  sing N N 168 
GDP "C5'" "H5''" sing N N 169 
GDP "C4'" "O4'"  sing N N 170 
GDP "C4'" "C3'"  sing N N 171 
GDP "C4'" "H4'"  sing N N 172 
GDP "O4'" "C1'"  sing N N 173 
GDP "C3'" "O3'"  sing N N 174 
GDP "C3'" "C2'"  sing N N 175 
GDP "C3'" "H3'"  sing N N 176 
GDP "O3'" "HO3'" sing N N 177 
GDP "C2'" "O2'"  sing N N 178 
GDP "C2'" "C1'"  sing N N 179 
GDP "C2'" "H2'"  sing N N 180 
GDP "O2'" "HO2'" sing N N 181 
GDP "C1'" N9     sing N N 182 
GDP "C1'" "H1'"  sing N N 183 
GDP N9    C8     sing Y N 184 
GDP N9    C4     sing Y N 185 
GDP C8    N7     doub Y N 186 
GDP C8    H8     sing N N 187 
GDP N7    C5     sing Y N 188 
GDP C5    C6     sing N N 189 
GDP C5    C4     doub Y N 190 
GDP C6    O6     doub N N 191 
GDP C6    N1     sing N N 192 
GDP N1    C2     sing N N 193 
GDP N1    HN1    sing N N 194 
GDP C2    N2     sing N N 195 
GDP C2    N3     doub N N 196 
GDP N2    HN21   sing N N 197 
GDP N2    HN22   sing N N 198 
GDP N3    C4     sing N N 199 
GMP "O5'" "C5'"  sing N N 200 
GMP "O5'" "HO5'" sing N N 201 
GMP "C5'" "C4'"  sing N N 202 
GMP "C5'" "H5'1" sing N N 203 
GMP "C5'" "H5'2" sing N N 204 
GMP "C4'" "O4'"  sing N N 205 
GMP "C4'" "C3'"  sing N N 206 
GMP "C4'" "H4'"  sing N N 207 
GMP "O4'" "C1'"  sing N N 208 
GMP "C3'" "O3'"  sing N N 209 
GMP "C3'" "C2'"  sing N N 210 
GMP "C3'" "H3'"  sing N N 211 
GMP "O3'" "HO3'" sing N N 212 
GMP "C2'" "O2'"  sing N N 213 
GMP "C2'" "C1'"  sing N N 214 
GMP "C2'" "H2'"  sing N N 215 
GMP "O2'" "HO2'" sing N N 216 
GMP "C1'" N9     sing N N 217 
GMP "C1'" "H1'"  sing N N 218 
GMP N9    C8     sing Y N 219 
GMP N9    C4     sing Y N 220 
GMP C8    N7     doub Y N 221 
GMP C8    H8     sing N N 222 
GMP N7    C5     sing Y N 223 
GMP C5    C6     sing N N 224 
GMP C5    C4     doub Y N 225 
GMP C6    O6     doub N N 226 
GMP C6    N1     sing N N 227 
GMP N1    C2     sing N N 228 
GMP N1    HN1    sing N N 229 
GMP C2    N2     sing N N 230 
GMP C2    N3     doub N N 231 
GMP N2    HN21   sing N N 232 
GMP N2    HN22   sing N N 233 
GMP N3    C4     sing N N 234 
HOH O     H1     sing N N 235 
HOH O     H2     sing N N 236 
U   OP3   P      sing N N 237 
U   OP3   HOP3   sing N N 238 
U   P     OP1    doub N N 239 
U   P     OP2    sing N N 240 
U   P     "O5'"  sing N N 241 
U   OP2   HOP2   sing N N 242 
U   "O5'" "C5'"  sing N N 243 
U   "C5'" "C4'"  sing N N 244 
U   "C5'" "H5'"  sing N N 245 
U   "C5'" "H5''" sing N N 246 
U   "C4'" "O4'"  sing N N 247 
U   "C4'" "C3'"  sing N N 248 
U   "C4'" "H4'"  sing N N 249 
U   "O4'" "C1'"  sing N N 250 
U   "C3'" "O3'"  sing N N 251 
U   "C3'" "C2'"  sing N N 252 
U   "C3'" "H3'"  sing N N 253 
U   "O3'" "HO3'" sing N N 254 
U   "C2'" "O2'"  sing N N 255 
U   "C2'" "C1'"  sing N N 256 
U   "C2'" "H2'"  sing N N 257 
U   "O2'" "HO2'" sing N N 258 
U   "C1'" N1     sing N N 259 
U   "C1'" "H1'"  sing N N 260 
U   N1    C2     sing N N 261 
U   N1    C6     sing N N 262 
U   C2    O2     doub N N 263 
U   C2    N3     sing N N 264 
U   N3    C4     sing N N 265 
U   N3    H3     sing N N 266 
U   C4    O4     doub N N 267 
U   C4    C5     sing N N 268 
U   C5    C6     doub N N 269 
U   C5    H5     sing N N 270 
U   C6    H6     sing N N 271 
# 
loop_
_ndb_struct_conf_na.entry_id 
_ndb_struct_conf_na.feature 
9LKU 'double helix'         
9LKU 'a-form double helix'  
9LKU 'mismatched base pair' 
9LKU 'internal loop'        
9LKU 'three-way junction'   
# 
loop_
_ndb_struct_na_base_pair.model_number 
_ndb_struct_na_base_pair.i_label_asym_id 
_ndb_struct_na_base_pair.i_label_comp_id 
_ndb_struct_na_base_pair.i_label_seq_id 
_ndb_struct_na_base_pair.i_symmetry 
_ndb_struct_na_base_pair.j_label_asym_id 
_ndb_struct_na_base_pair.j_label_comp_id 
_ndb_struct_na_base_pair.j_label_seq_id 
_ndb_struct_na_base_pair.j_symmetry 
_ndb_struct_na_base_pair.shear 
_ndb_struct_na_base_pair.stretch 
_ndb_struct_na_base_pair.stagger 
_ndb_struct_na_base_pair.buckle 
_ndb_struct_na_base_pair.propeller 
_ndb_struct_na_base_pair.opening 
_ndb_struct_na_base_pair.pair_number 
_ndb_struct_na_base_pair.pair_name 
_ndb_struct_na_base_pair.i_auth_asym_id 
_ndb_struct_na_base_pair.i_auth_seq_id 
_ndb_struct_na_base_pair.i_PDB_ins_code 
_ndb_struct_na_base_pair.j_auth_asym_id 
_ndb_struct_na_base_pair.j_auth_seq_id 
_ndb_struct_na_base_pair.j_PDB_ins_code 
_ndb_struct_na_base_pair.hbond_type_28 
_ndb_struct_na_base_pair.hbond_type_12 
1 A GDP 1  1_555 A CCC 65 1_555 0.102  -0.072 -0.149 -11.700 -3.165  2.250    1  X_GDP5:CCC69_X X 5  ? X 69 ? 19 1 
1 A G   2  1_555 A U   64 1_555 -2.839 -0.613 0.541  3.238   -12.469 9.809    2  X_G6:U68_X     X 6  ? X 68 ? 28 1 
1 A C   3  1_555 A G   63 1_555 -0.414 0.020  0.507  -3.511  -12.975 1.528    3  X_C7:G67_X     X 7  ? X 67 ? 19 1 
1 A G   4  1_555 A C   62 1_555 -0.259 -0.014 -0.013 -7.903  -19.769 2.806    4  X_G8:C66_X     X 8  ? X 66 ? 19 1 
1 A U   5  1_555 A G   61 1_555 1.708  -0.570 0.177  -9.682  -15.876 0.262    5  X_U9:G65_X     X 9  ? X 65 ? 28 1 
1 A A   6  1_555 A U   60 1_555 0.373  -0.074 0.013  -1.163  -7.162  -10.395  6  X_A10:U64_X    X 10 ? X 64 ? 20 1 
1 A U   24 1_555 A U   16 1_555 -2.766 -1.742 -0.461 -10.485 -13.946 15.238   7  X_U28:U20_X    X 28 ? X 20 ? 16 1 
1 A U   25 1_555 A A   15 1_555 0.220  -0.196 -0.421 -13.986 -10.012 1.366    8  X_U29:A19_X    X 29 ? X 19 ? 20 1 
1 A U   26 1_555 A A   14 1_555 -0.109 0.050  0.394  -6.094  -2.375  5.219    9  X_U30:A18_X    X 30 ? X 18 ? 20 1 
1 A A   27 1_555 A U   13 1_555 0.190  -0.234 0.087  3.495   -6.913  2.228    10 X_A31:U17_X    X 31 ? X 17 ? 20 1 
1 A A   28 1_555 A U   12 1_555 0.123  -0.320 -0.391 -3.624  -12.885 -1.937   11 X_A32:U16_X    X 32 ? X 16 ? 20 1 
1 A G   29 1_555 A C   11 1_555 -0.376 -0.078 0.199  7.201   -2.265  2.276    12 X_G33:C15_X    X 33 ? X 15 ? 19 1 
1 A G   30 1_555 A C   10 1_555 0.131  -0.073 -0.301 -6.720  -14.249 0.229    13 X_G34:C14_X    X 34 ? X 14 ? 19 1 
1 A G   31 1_555 A C   37 1_555 -0.394 -0.168 0.189  0.277   3.196   -2.180   14 X_G35:C41_X    X 35 ? X 41 ? 19 1 
1 A U   7  1_555 A A   36 1_555 -0.223 0.064  -0.531 26.389  -6.723  -1.048   15 X_U11:A40_X    X 11 ? X 40 ? 20 1 
1 A U   9  1_555 A A   38 1_555 0.092  3.528  0.123  -6.447  7.321   -58.550  16 X_U13:A42_X    X 13 ? X 42 ? 23 3 
1 A U   57 1_555 A U   39 1_555 2.425  -1.728 0.139  9.541   -3.248  18.140   17 X_U61:U43_X    X 61 ? X 43 ? 16 1 
1 A U   56 1_555 A A   40 1_555 -0.342 -0.415 -0.507 10.986  1.033   -1.781   18 X_U60:A44_X    X 60 ? X 44 ? 20 1 
1 A C   55 1_555 A G   41 1_555 0.936  -0.139 0.048  3.794   -7.950  -0.192   19 X_C59:G45_X    X 59 ? X 45 ? 19 1 
1 A U   54 1_555 A A   42 1_555 0.118  0.151  0.359  0.391   -3.389  4.546    20 X_U58:A46_X    X 58 ? X 46 ? 20 1 
1 A U   53 1_555 A A   43 1_555 0.349  0.018  0.543  -14.701 4.414   7.766    21 X_U57:A47_X    X 57 ? X 47 ? 20 1 
1 A A   44 1_555 A U   52 1_555 -0.260 5.244  0.155  -36.337 1.820   -77.517  22 X_A48:U56_X    X 48 ? X 56 ? ?  3 
1 A C   45 1_555 A G   23 1_555 -0.113 -0.174 0.316  -22.337 -5.836  0.252    23 X_C49:G27_X    X 49 ? X 27 ? 19 1 
1 A C   46 1_555 A G   22 1_555 -0.601 -0.250 0.826  -4.713  0.848   0.421    24 X_C50:G26_X    X 50 ? X 26 ? 19 1 
1 A A   49 1_555 A A   20 1_555 5.248  0.466  1.392  10.862  12.004  -102.893 25 X_A53:A24_X    X 53 ? X 24 ? ?  ? 
1 A A   18 1_555 A A   51 1_555 3.667  1.632  0.078  -21.657 10.662  -100.541 26 X_A22:A55_X    X 22 ? X 55 ? 5  4 
1 A U   19 1_555 A A   50 1_555 3.461  -1.615 -0.383 7.043   6.371   -91.635  27 X_U23:A54_X    X 23 ? X 54 ? 24 4 
# 
loop_
_ndb_struct_na_base_pair_step.model_number 
_ndb_struct_na_base_pair_step.i_label_asym_id_1 
_ndb_struct_na_base_pair_step.i_label_comp_id_1 
_ndb_struct_na_base_pair_step.i_label_seq_id_1 
_ndb_struct_na_base_pair_step.i_symmetry_1 
_ndb_struct_na_base_pair_step.j_label_asym_id_1 
_ndb_struct_na_base_pair_step.j_label_comp_id_1 
_ndb_struct_na_base_pair_step.j_label_seq_id_1 
_ndb_struct_na_base_pair_step.j_symmetry_1 
_ndb_struct_na_base_pair_step.i_label_asym_id_2 
_ndb_struct_na_base_pair_step.i_label_comp_id_2 
_ndb_struct_na_base_pair_step.i_label_seq_id_2 
_ndb_struct_na_base_pair_step.i_symmetry_2 
_ndb_struct_na_base_pair_step.j_label_asym_id_2 
_ndb_struct_na_base_pair_step.j_label_comp_id_2 
_ndb_struct_na_base_pair_step.j_label_seq_id_2 
_ndb_struct_na_base_pair_step.j_symmetry_2 
_ndb_struct_na_base_pair_step.shift 
_ndb_struct_na_base_pair_step.slide 
_ndb_struct_na_base_pair_step.rise 
_ndb_struct_na_base_pair_step.tilt 
_ndb_struct_na_base_pair_step.roll 
_ndb_struct_na_base_pair_step.twist 
_ndb_struct_na_base_pair_step.x_displacement 
_ndb_struct_na_base_pair_step.y_displacement 
_ndb_struct_na_base_pair_step.helical_rise 
_ndb_struct_na_base_pair_step.inclination 
_ndb_struct_na_base_pair_step.tip 
_ndb_struct_na_base_pair_step.helical_twist 
_ndb_struct_na_base_pair_step.step_number 
_ndb_struct_na_base_pair_step.step_name 
_ndb_struct_na_base_pair_step.i_auth_asym_id_1 
_ndb_struct_na_base_pair_step.i_auth_seq_id_1 
_ndb_struct_na_base_pair_step.i_PDB_ins_code_1 
_ndb_struct_na_base_pair_step.j_auth_asym_id_1 
_ndb_struct_na_base_pair_step.j_auth_seq_id_1 
_ndb_struct_na_base_pair_step.j_PDB_ins_code_1 
_ndb_struct_na_base_pair_step.i_auth_asym_id_2 
_ndb_struct_na_base_pair_step.i_auth_seq_id_2 
_ndb_struct_na_base_pair_step.i_PDB_ins_code_2 
_ndb_struct_na_base_pair_step.j_auth_asym_id_2 
_ndb_struct_na_base_pair_step.j_auth_seq_id_2 
_ndb_struct_na_base_pair_step.j_PDB_ins_code_2 
1 A GDP 1  1_555 A CCC 65 1_555 A G 2  1_555 A U 64 1_555 0.190  -2.455 2.401  -6.434   9.480    17.185  -9.095 -2.050 0.825  
28.034  19.025  20.630   1  XX_GDP5G6:U68CCC69_XX X 5  ? X 69 ? X 6  ? X 68 ? 
1 A G   2  1_555 A U   64 1_555 A C 3  1_555 A G 63 1_555 -0.439 -1.144 3.297  -2.790   7.613    42.399  -2.292 0.327  3.078  
10.412  3.816   43.132   2  XX_G6C7:G67U68_XX     X 6  ? X 68 ? X 7  ? X 67 ? 
1 A C   3  1_555 A G   63 1_555 A G 4  1_555 A C 62 1_555 0.293  -1.897 3.170  5.398    8.756    31.357  -4.686 0.312  2.576  
15.681  -9.667  32.961   3  XX_C7G8:C66G67_XX     X 7  ? X 67 ? X 8  ? X 66 ? 
1 A G   4  1_555 A C   62 1_555 A U 5  1_555 A G 61 1_555 0.072  -0.897 3.118  1.374    4.289    43.761  -1.579 0.026  3.022  
5.736   -1.838  43.981   4  XX_G8U9:G65C66_XX     X 8  ? X 66 ? X 9  ? X 65 ? 
1 A U   5  1_555 A G   61 1_555 A A 6  1_555 A U 60 1_555 -0.647 -1.818 2.828  5.828    9.754    28.340  -4.929 2.109  1.942  
18.985  -11.343 30.489   5  XX_U9A10:U64G65_XX    X 9  ? X 65 ? X 10 ? X 64 ? 
1 A U   24 1_555 A U   16 1_555 A U 25 1_555 A A 15 1_555 -0.844 -1.454 3.357  -1.308   8.988    46.652  -2.525 0.944  3.064  
11.225  1.633   47.479   6  XX_U28U29:A19U20_XX   X 28 ? X 20 ? X 29 ? X 19 ? 
1 A U   25 1_555 A A   15 1_555 A U 26 1_555 A A 14 1_555 -0.675 -1.984 3.274  -6.929   -1.405   19.989  -4.778 -1.205 3.439  
-3.895  19.201  21.191   7  XX_U29U30:A18A19_XX   X 29 ? X 19 ? X 30 ? X 18 ? 
1 A U   26 1_555 A A   14 1_555 A A 27 1_555 A U 13 1_555 0.317  -1.207 2.847  2.642    8.322    34.753  -2.960 -0.200 2.517  
13.667  -4.340  35.800   8  XX_U30A31:U17A18_XX   X 30 ? X 18 ? X 31 ? X 17 ? 
1 A A   27 1_555 A U   13 1_555 A A 28 1_555 A U 12 1_555 -0.398 -1.476 3.595  3.781    5.391    30.670  -3.801 1.487  3.224  
10.047  -7.046  31.352   9  XX_A31A32:U16U17_XX   X 31 ? X 17 ? X 32 ? X 16 ? 
1 A A   28 1_555 A U   12 1_555 A G 29 1_555 A C 11 1_555 0.458  -1.662 2.957  -4.513   2.774    26.622  -4.149 -1.964 2.661  
5.948   9.680   27.135   10 XX_A32G33:C15U16_XX   X 32 ? X 16 ? X 33 ? X 15 ? 
1 A G   29 1_555 A C   11 1_555 A G 30 1_555 A C 10 1_555 0.525  -2.091 3.480  5.319    10.922   34.395  -4.839 -0.114 2.759  
17.795  -8.668  36.416   11 XX_G33G34:C14C15_XX   X 33 ? X 15 ? X 34 ? X 14 ? 
1 A G   30 1_555 A C   10 1_555 A G 31 1_555 A C 37 1_555 2.627  -0.749 2.840  2.081    -0.816   52.434  -0.799 -2.850 2.945  
-0.923  -2.354  52.478   12 XX_G34G35:C41C14_XX   X 34 ? X 14 ? X 35 ? X 41 ? 
1 A G   31 1_555 A C   37 1_555 A U 7  1_555 A A 36 1_555 -1.859 -0.327 2.704  6.813    8.363    47.597  -0.896 2.660  2.347  
10.209  -8.317  48.734   13 XX_G35U11:A40C41_XX   X 35 ? X 41 ? X 11 ? X 40 ? 
1 A U   9  1_555 A A   38 1_555 A U 57 1_555 A U 39 1_555 4.746  -0.272 -0.606 -124.333 -111.497 56.771  -0.902 -1.531 -3.234 
-58.018 64.697  168.572  14 XX_U13U61:U43A42_XX   X 13 ? X 42 ? X 61 ? X 43 ? 
1 A U   57 1_555 A U   39 1_555 A U 56 1_555 A A 40 1_555 -0.623 1.466  -3.308 4.225    -11.584  -38.059 -3.401 -1.370 -2.685 
17.221  6.280   -39.936  15 XX_U61U60:A44U43_XX   X 61 ? X 43 ? X 60 ? X 44 ? 
1 A U   56 1_555 A A   40 1_555 A C 55 1_555 A G 41 1_555 0.394  2.049  -3.095 -0.145   -4.559   -21.967 -6.758 1.059  -2.618 
11.802  -0.374  -22.430  16 XX_U60C59:G45A44_XX   X 60 ? X 44 ? X 59 ? X 45 ? 
1 A C   55 1_555 A G   41 1_555 A U 54 1_555 A A 42 1_555 0.334  1.986  -3.042 0.119    -8.828   -33.741 -4.464 0.542  -2.461 
14.894  0.201   -34.845  17 XX_C59U58:A46G45_XX   X 59 ? X 45 ? X 58 ? X 46 ? 
1 A U   54 1_555 A A   42 1_555 A U 53 1_555 A A 43 1_555 0.769  2.178  -2.716 -2.732   0.562    -22.740 -5.319 2.735  -2.658 
-1.419  -6.896  -22.908  18 XX_U58U57:A47A46_XX   X 58 ? X 46 ? X 57 ? X 47 ? 
1 A U   53 1_555 A A   43 1_555 A A 44 1_555 A U 52 1_555 1.007  3.294  4.029  -126.902 97.615   -47.769 -2.582 -0.678 0.548  
-52.396 -68.117 -161.822 19 XX_U57A48:U56A47_XX   X 57 ? X 47 ? X 48 ? X 56 ? 
1 A A   44 1_555 A U   52 1_555 A C 45 1_555 A G 23 1_555 2.151  1.244  3.863  -6.670   12.609   15.982  -2.799 -9.050 2.956  
37.118  19.636  21.391   20 XX_A48C49:G27U56_XX   X 48 ? X 56 ? X 49 ? X 27 ? 
1 A C   45 1_555 A G   23 1_555 A C 46 1_555 A G 22 1_555 -0.821 -1.455 2.713  -7.159   8.139    25.203  -4.677 0.322  2.285  
17.648  15.522  27.400   21 XX_C49C50:G26G27_XX   X 49 ? X 27 ? X 50 ? X 26 ? 
1 A C   46 1_555 A G   22 1_555 A A 49 1_555 A A 20 1_555 1.994  4.341  1.899  56.759   -162.289 5.191   1.520  -1.229 -3.349 
-84.781 -29.651 171.937  22 XX_C50A53:A24G26_XX   X 50 ? X 26 ? X 53 ? X 24 ? 
1 A A   18 1_555 A A   51 1_555 A U 19 1_555 A A 50 1_555 0.727  -0.708 3.017  7.165    3.321    34.993  -1.596 -0.219 3.025  
5.438   -11.731 35.845   23 XX_A22U23:A54A55_XX   X 22 ? X 55 ? X 23 ? X 54 ? 
# 
_pdbx_audit_support.funding_organization   'National Natural Science Foundation of China (NSFC)' 
_pdbx_audit_support.country                China 
_pdbx_audit_support.grant_number           ? 
_pdbx_audit_support.ordinal                1 
# 
_pdbx_initial_refinement_model.id               1 
_pdbx_initial_refinement_model.entity_id_list   ? 
_pdbx_initial_refinement_model.type             'experimental model' 
_pdbx_initial_refinement_model.source_name      PDB 
_pdbx_initial_refinement_model.accession_code   1Y27 
_pdbx_initial_refinement_model.details          ? 
# 
_atom_sites.entry_id                    9LKU 
_atom_sites.Cartn_transf_matrix[1][1]   ? 
_atom_sites.Cartn_transf_matrix[1][2]   ? 
_atom_sites.Cartn_transf_matrix[1][3]   ? 
_atom_sites.Cartn_transf_matrix[2][1]   ? 
_atom_sites.Cartn_transf_matrix[2][2]   ? 
_atom_sites.Cartn_transf_matrix[2][3]   ? 
_atom_sites.Cartn_transf_matrix[3][1]   ? 
_atom_sites.Cartn_transf_matrix[3][2]   ? 
_atom_sites.Cartn_transf_matrix[3][3]   ? 
_atom_sites.Cartn_transf_vector[1]      ? 
_atom_sites.Cartn_transf_vector[2]      ? 
_atom_sites.Cartn_transf_vector[3]      ? 
_atom_sites.Cartn_transform_axes        ? 
_atom_sites.fract_transf_matrix[1][1]   -0.01112073 
_atom_sites.fract_transf_matrix[1][2]   -0.01166611 
_atom_sites.fract_transf_matrix[1][3]   -0.01297972 
_atom_sites.fract_transf_matrix[2][1]   -0.00679725 
_atom_sites.fract_transf_matrix[2][2]   -0.00571184 
_atom_sites.fract_transf_matrix[2][3]   0.01095750 
_atom_sites.fract_transf_matrix[3][1]   -0.00595222 
_atom_sites.fract_transf_matrix[3][2]   0.00619129 
_atom_sites.fract_transf_matrix[3][3]   -0.00046498 
_atom_sites.fract_transf_vector[1]      0.230346 
_atom_sites.fract_transf_vector[2]      0.416727 
_atom_sites.fract_transf_vector[3]      0.197774 
_atom_sites.solution_primary            ? 
_atom_sites.solution_secondary          ? 
_atom_sites.solution_hydrogens          ? 
_atom_sites.special_details             ? 
# 
loop_
_atom_type.symbol 
C  
H  
MG 
MN 
N  
O  
P  
# 
loop_
_atom_site.group_PDB 
_atom_site.id 
_atom_site.type_symbol 
_atom_site.label_atom_id 
_atom_site.label_alt_id 
_atom_site.label_comp_id 
_atom_site.label_asym_id 
_atom_site.label_entity_id 
_atom_site.label_seq_id 
_atom_site.pdbx_PDB_ins_code 
_atom_site.Cartn_x 
_atom_site.Cartn_y 
_atom_site.Cartn_z 
_atom_site.occupancy 
_atom_site.B_iso_or_equiv 
_atom_site.pdbx_formal_charge 
_atom_site.auth_seq_id 
_atom_site.auth_comp_id 
_atom_site.auth_asym_id 
_atom_site.auth_atom_id 
_atom_site.pdbx_PDB_model_num 
HETATM 1    P  PB    . GDP A 1 1  ? 23.946  -2.005  4.060   1.00 71.37  ? 5   GDP X PB    1 
HETATM 2    O  O1B   . GDP A 1 1  ? 23.054  -0.980  4.732   1.00 74.30  ? 5   GDP X O1B   1 
HETATM 3    O  O2B   . GDP A 1 1  ? 25.281  -2.224  4.738   1.00 59.89  ? 5   GDP X O2B   1 
HETATM 4    O  O3B   . GDP A 1 1  ? 23.244  -3.272  3.602   1.00 61.94  ? 5   GDP X O3B   1 
HETATM 5    O  O3A   . GDP A 1 1  ? 24.282  -1.213  2.704   1.00 65.74  ? 5   GDP X O3A   1 
HETATM 6    P  PA    . GDP A 1 1  ? 23.055  -0.632  1.838   1.00 62.68  ? 5   GDP X PA    1 
HETATM 7    O  O1A   . GDP A 1 1  ? 22.008  -1.726  1.729   1.00 54.17  ? 5   GDP X O1A   1 
HETATM 8    O  O2A   . GDP A 1 1  ? 22.698  0.712   2.437   1.00 65.31  ? 5   GDP X O2A   1 
HETATM 9    O  "O5'" . GDP A 1 1  ? 23.761  -0.439  0.398   1.00 55.58  ? 5   GDP X "O5'" 1 
HETATM 10   C  "C5'" . GDP A 1 1  ? 24.486  0.747   0.084   1.00 54.07  ? 5   GDP X "C5'" 1 
HETATM 11   C  "C4'" . GDP A 1 1  ? 25.355  0.550   -1.160  1.00 55.96  ? 5   GDP X "C4'" 1 
HETATM 12   O  "O4'" . GDP A 1 1  ? 26.575  -0.146  -0.833  1.00 60.00  ? 5   GDP X "O4'" 1 
HETATM 13   C  "C3'" . GDP A 1 1  ? 24.676  -0.272  -2.244  1.00 53.55  ? 5   GDP X "C3'" 1 
HETATM 14   O  "O3'" . GDP A 1 1  ? 23.944  0.516   -3.184  1.00 55.01  ? 5   GDP X "O3'" 1 
HETATM 15   C  "C2'" . GDP A 1 1  ? 25.860  -0.925  -2.918  1.00 56.95  ? 5   GDP X "C2'" 1 
HETATM 16   O  "O2'" . GDP A 1 1  ? 26.415  -0.045  -3.890  1.00 62.35  ? 5   GDP X "O2'" 1 
HETATM 17   C  "C1'" . GDP A 1 1  ? 26.875  -1.144  -1.810  1.00 58.01  ? 5   GDP X "C1'" 1 
HETATM 18   N  N9    . GDP A 1 1  ? 26.513  -2.488  -1.309  1.00 57.02  ? 5   GDP X N9    1 
HETATM 19   C  C8    . GDP A 1 1  ? 25.969  -2.790  -0.117  1.00 57.18  ? 5   GDP X C8    1 
HETATM 20   N  N7    . GDP A 1 1  ? 25.723  -4.124  -0.018  1.00 57.37  ? 5   GDP X N7    1 
HETATM 21   C  C5    . GDP A 1 1  ? 26.099  -4.686  -1.182  1.00 54.52  ? 5   GDP X C5    1 
HETATM 22   C  C6    . GDP A 1 1  ? 26.123  -6.045  -1.758  1.00 55.28  ? 5   GDP X C6    1 
HETATM 23   O  O6    . GDP A 1 1  ? 25.718  -7.015  -1.093  1.00 61.48  ? 5   GDP X O6    1 
HETATM 24   N  N1    . GDP A 1 1  ? 26.599  -6.219  -2.989  1.00 54.79  ? 5   GDP X N1    1 
HETATM 25   C  C2    . GDP A 1 1  ? 27.050  -5.192  -3.719  1.00 55.21  ? 5   GDP X C2    1 
HETATM 26   N  N2    . GDP A 1 1  ? 27.506  -5.433  -4.967  1.00 55.85  ? 5   GDP X N2    1 
HETATM 27   N  N3    . GDP A 1 1  ? 27.062  -3.920  -3.259  1.00 55.38  ? 5   GDP X N3    1 
HETATM 28   C  C4    . GDP A 1 1  ? 26.615  -3.609  -2.023  1.00 55.46  ? 5   GDP X C4    1 
ATOM   29   P  P     . G   A 1 2  ? 22.512  0.109   -3.647  1.00 54.91  ? 6   G   X P     1 
ATOM   30   O  OP1   . G   A 1 2  ? 21.678  1.315   -3.851  1.00 60.10  ? 6   G   X OP1   1 
ATOM   31   O  OP2   . G   A 1 2  ? 22.003  -0.958  -2.766  1.00 52.46  ? 6   G   X OP2   1 
ATOM   32   O  "O5'" . G   A 1 2  ? 22.828  -0.519  -5.074  1.00 54.94  ? 6   G   X "O5'" 1 
ATOM   33   C  "C5'" . G   A 1 2  ? 23.989  -0.128  -5.785  1.00 50.76  ? 6   G   X "C5'" 1 
ATOM   34   C  "C4'" . G   A 1 2  ? 24.345  -1.106  -6.872  1.00 48.61  ? 6   G   X "C4'" 1 
ATOM   35   O  "O4'" . G   A 1 2  ? 25.290  -2.097  -6.392  1.00 57.38  ? 6   G   X "O4'" 1 
ATOM   36   C  "C3'" . G   A 1 2  ? 23.214  -1.936  -7.443  1.00 48.28  ? 6   G   X "C3'" 1 
ATOM   37   O  "O3'" . G   A 1 2  ? 22.408  -1.197  -8.336  1.00 51.15  ? 6   G   X "O3'" 1 
ATOM   38   C  "C2'" . G   A 1 2  ? 23.972  -3.079  -8.106  1.00 52.76  ? 6   G   X "C2'" 1 
ATOM   39   O  "O2'" . G   A 1 2  ? 24.549  -2.656  -9.330  1.00 50.39  ? 6   G   X "O2'" 1 
ATOM   40   C  "C1'" . G   A 1 2  ? 25.103  -3.310  -7.100  1.00 55.86  ? 6   G   X "C1'" 1 
ATOM   41   N  N9    . G   A 1 2  ? 24.733  -4.375  -6.151  1.00 54.23  ? 6   G   X N9    1 
ATOM   42   C  C8    . G   A 1 2  ? 24.283  -4.203  -4.866  1.00 54.68  ? 6   G   X C8    1 
ATOM   43   N  N7    . G   A 1 2  ? 23.989  -5.327  -4.275  1.00 55.14  ? 6   G   X N7    1 
ATOM   44   C  C5    . G   A 1 2  ? 24.239  -6.292  -5.232  1.00 53.62  ? 6   G   X C5    1 
ATOM   45   C  C6    . G   A 1 2  ? 24.089  -7.691  -5.153  1.00 54.26  ? 6   G   X C6    1 
ATOM   46   O  O6    . G   A 1 2  ? 23.696  -8.353  -4.183  1.00 55.87  ? 6   G   X O6    1 
ATOM   47   N  N1    . G   A 1 2  ? 24.445  -8.310  -6.345  1.00 55.48  ? 6   G   X N1    1 
ATOM   48   C  C2    . G   A 1 2  ? 24.885  -7.653  -7.468  1.00 54.85  ? 6   G   X C2    1 
ATOM   49   N  N2    . G   A 1 2  ? 25.181  -8.420  -8.525  1.00 54.20  ? 6   G   X N2    1 
ATOM   50   N  N3    . G   A 1 2  ? 25.024  -6.342  -7.551  1.00 54.08  ? 6   G   X N3    1 
ATOM   51   C  C4    . G   A 1 2  ? 24.686  -5.726  -6.403  1.00 53.00  ? 6   G   X C4    1 
ATOM   52   P  P     . C   A 1 3  ? 20.826  -1.455  -8.461  1.00 58.46  ? 7   C   X P     1 
ATOM   53   O  OP1   . C   A 1 3  ? 20.338  -0.355  -9.327  1.00 61.15  ? 7   C   X OP1   1 
ATOM   54   O  OP2   . C   A 1 3  ? 20.159  -1.659  -7.148  1.00 56.77  ? 7   C   X OP2   1 
ATOM   55   O  "O5'" . C   A 1 3  ? 20.735  -2.802  -9.295  1.00 49.88  ? 7   C   X "O5'" 1 
ATOM   56   C  "C5'" . C   A 1 3  ? 21.459  -2.934  -10.502 1.00 48.86  ? 7   C   X "C5'" 1 
ATOM   57   C  "C4'" . C   A 1 3  ? 21.472  -4.364  -10.942 1.00 51.80  ? 7   C   X "C4'" 1 
ATOM   58   O  "O4'" . C   A 1 3  ? 22.411  -5.132  -10.140 1.00 50.86  ? 7   C   X "O4'" 1 
ATOM   59   C  "C3'" . C   A 1 3  ? 20.165  -5.087  -10.740 1.00 51.17  ? 7   C   X "C3'" 1 
ATOM   60   O  "O3'" . C   A 1 3  ? 19.185  -4.756  -11.700 1.00 53.81  ? 7   C   X "O3'" 1 
ATOM   61   C  "C2'" . C   A 1 3  ? 20.604  -6.547  -10.731 1.00 50.35  ? 7   C   X "C2'" 1 
ATOM   62   O  "O2'" . C   A 1 3  ? 20.887  -7.015  -12.038 1.00 49.85  ? 7   C   X "O2'" 1 
ATOM   63   C  "C1'" . C   A 1 3  ? 21.915  -6.442  -9.951  1.00 48.95  ? 7   C   X "C1'" 1 
ATOM   64   N  N1    . C   A 1 3  ? 21.649  -6.628  -8.513  1.00 52.69  ? 7   C   X N1    1 
ATOM   65   C  C2    . C   A 1 3  ? 21.385  -7.920  -8.076  1.00 51.21  ? 7   C   X C2    1 
ATOM   66   O  O2    . C   A 1 3  ? 21.442  -8.842  -8.898  1.00 55.62  ? 7   C   X O2    1 
ATOM   67   N  N3    . C   A 1 3  ? 21.093  -8.137  -6.779  1.00 50.59  ? 7   C   X N3    1 
ATOM   68   C  C4    . C   A 1 3  ? 21.047  -7.113  -5.939  1.00 49.76  ? 7   C   X C4    1 
ATOM   69   N  N4    . C   A 1 3  ? 20.759  -7.385  -4.671  1.00 48.57  ? 7   C   X N4    1 
ATOM   70   C  C5    . C   A 1 3  ? 21.293  -5.774  -6.355  1.00 51.51  ? 7   C   X C5    1 
ATOM   71   C  C6    . C   A 1 3  ? 21.584  -5.574  -7.646  1.00 52.79  ? 7   C   X C6    1 
ATOM   72   P  P     . G   A 1 4  ? 17.662  -5.184  -11.428 1.00 60.12  ? 8   G   X P     1 
ATOM   73   O  OP1   . G   A 1 4  ? 16.701  -4.409  -12.253 1.00 53.29  ? 8   G   X OP1   1 
ATOM   74   O  OP2   . G   A 1 4  ? 17.495  -5.191  -9.956  1.00 53.74  ? 8   G   X OP2   1 
ATOM   75   O  "O5'" . G   A 1 4  ? 17.634  -6.675  -11.966 1.00 55.98  ? 8   G   X "O5'" 1 
ATOM   76   C  "C5'" . G   A 1 4  ? 16.510  -7.490  -11.743 1.00 53.30  ? 8   G   X "C5'" 1 
ATOM   77   C  "C4'" . G   A 1 4  ? 16.914  -8.914  -11.505 1.00 54.60  ? 8   G   X "C4'" 1 
ATOM   78   O  "O4'" . G   A 1 4  ? 18.077  -8.983  -10.637 1.00 50.11  ? 8   G   X "O4'" 1 
ATOM   79   C  "C3'" . G   A 1 4  ? 15.860  -9.718  -10.782 1.00 54.68  ? 8   G   X "C3'" 1 
ATOM   80   O  "O3'" . G   A 1 4  ? 14.877  -10.182 -11.669 1.00 59.64  ? 8   G   X "O3'" 1 
ATOM   81   C  "C2'" . G   A 1 4  ? 16.662  -10.816 -10.124 1.00 51.25  ? 8   G   X "C2'" 1 
ATOM   82   O  "O2'" . G   A 1 4  ? 16.994  -11.797 -11.088 1.00 53.55  ? 8   G   X "O2'" 1 
ATOM   83   C  "C1'" . G   A 1 4  ? 17.928  -10.057 -9.732  1.00 50.74  ? 8   G   X "C1'" 1 
ATOM   84   N  N9    . G   A 1 4  ? 17.855  -9.510  -8.356  1.00 50.70  ? 8   G   X N9    1 
ATOM   85   C  C8    . G   A 1 4  ? 17.924  -8.183  -7.997  1.00 49.66  ? 8   G   X C8    1 
ATOM   86   N  N7    . G   A 1 4  ? 17.850  -7.989  -6.706  1.00 50.16  ? 8   G   X N7    1 
ATOM   87   C  C5    . G   A 1 4  ? 17.737  -9.265  -6.164  1.00 48.02  ? 8   G   X C5    1 
ATOM   88   C  C6    . G   A 1 4  ? 17.622  -9.683  -4.810  1.00 44.35  ? 8   G   X C6    1 
ATOM   89   O  O6    . G   A 1 4  ? 17.603  -8.996  -3.783  1.00 43.88  ? 8   G   X O6    1 
ATOM   90   N  N1    . G   A 1 4  ? 17.513  -11.060 -4.704  1.00 45.38  ? 8   G   X N1    1 
ATOM   91   C  C2    . G   A 1 4  ? 17.530  -11.934 -5.764  1.00 49.98  ? 8   G   X C2    1 
ATOM   92   N  N2    . G   A 1 4  ? 17.436  -13.239 -5.460  1.00 48.84  ? 8   G   X N2    1 
ATOM   93   N  N3    . G   A 1 4  ? 17.638  -11.561 -7.033  1.00 50.85  ? 8   G   X N3    1 
ATOM   94   C  C4    . G   A 1 4  ? 17.737  -10.216 -7.167  1.00 50.23  ? 8   G   X C4    1 
ATOM   95   P  P     . U   A 1 5  ? 13.361  -9.745  -11.429 1.00 60.54  ? 9   U   X P     1 
ATOM   96   O  OP1   . U   A 1 5  ? 12.652  -9.870  -12.730 1.00 57.08  ? 9   U   X OP1   1 
ATOM   97   O  OP2   . U   A 1 5  ? 13.377  -8.453  -10.690 1.00 57.30  ? 9   U   X OP2   1 
ATOM   98   O  "O5'" . U   A 1 5  ? 12.838  -10.885 -10.455 1.00 53.61  ? 9   U   X "O5'" 1 
ATOM   99   C  "C5'" . U   A 1 5  ? 13.260  -12.221 -10.664 1.00 51.88  ? 9   U   X "C5'" 1 
ATOM   100  C  "C4'" . U   A 1 5  ? 13.304  -12.996 -9.378  1.00 51.89  ? 9   U   X "C4'" 1 
ATOM   101  O  "O4'" . U   A 1 5  ? 14.408  -12.546 -8.560  1.00 50.97  ? 9   U   X "O4'" 1 
ATOM   102  C  "C3'" . U   A 1 5  ? 12.095  -12.839 -8.478  1.00 50.22  ? 9   U   X "C3'" 1 
ATOM   103  O  "O3'" . U   A 1 5  ? 11.021  -13.654 -8.902  1.00 48.51  ? 9   U   X "O3'" 1 
ATOM   104  C  "C2'" . U   A 1 5  ? 12.652  -13.231 -7.122  1.00 47.41  ? 9   U   X "C2'" 1 
ATOM   105  O  "O2'" . U   A 1 5  ? 12.763  -14.640 -7.050  1.00 44.26  ? 9   U   X "O2'" 1 
ATOM   106  C  "C1'" . U   A 1 5  ? 14.068  -12.659 -7.199  1.00 45.98  ? 9   U   X "C1'" 1 
ATOM   107  N  N1    . U   A 1 5  ? 14.202  -11.324 -6.577  1.00 47.48  ? 9   U   X N1    1 
ATOM   108  C  C2    . U   A 1 5  ? 14.315  -11.256 -5.201  1.00 48.32  ? 9   U   X C2    1 
ATOM   109  O  O2    . U   A 1 5  ? 14.276  -12.232 -4.472  1.00 46.52  ? 9   U   X O2    1 
ATOM   110  N  N3    . U   A 1 5  ? 14.455  -9.991  -4.689  1.00 47.96  ? 9   U   X N3    1 
ATOM   111  C  C4    . U   A 1 5  ? 14.513  -8.816  -5.392  1.00 42.08  ? 9   U   X C4    1 
ATOM   112  O  O4    . U   A 1 5  ? 14.664  -7.775  -4.767  1.00 40.24  ? 9   U   X O4    1 
ATOM   113  C  C5    . U   A 1 5  ? 14.408  -8.967  -6.807  1.00 44.51  ? 9   U   X C5    1 
ATOM   114  C  C6    . U   A 1 5  ? 14.260  -10.184 -7.339  1.00 46.10  ? 9   U   X C6    1 
ATOM   115  P  P     . A   A 1 6  ? 9.512   -13.201 -8.640  1.00 49.85  ? 10  A   X P     1 
ATOM   116  O  OP1   . A   A 1 6  ? 8.644   -14.194 -9.324  1.00 49.29  ? 10  A   X OP1   1 
ATOM   117  O  OP2   . A   A 1 6  ? 9.383   -11.753 -8.963  1.00 49.72  ? 10  A   X OP2   1 
ATOM   118  O  "O5'" . A   A 1 6  ? 9.342   -13.407 -7.068  1.00 49.52  ? 10  A   X "O5'" 1 
ATOM   119  C  "C5'" . A   A 1 6  ? 9.155   -14.704 -6.523  1.00 45.47  ? 10  A   X "C5'" 1 
ATOM   120  C  "C4'" . A   A 1 6  ? 8.987   -14.668 -5.023  1.00 43.09  ? 10  A   X "C4'" 1 
ATOM   121  O  "O4'" . A   A 1 6  ? 10.176  -14.126 -4.422  1.00 47.48  ? 10  A   X "O4'" 1 
ATOM   122  C  "C3'" . A   A 1 6  ? 7.878   -13.787 -4.475  1.00 47.84  ? 10  A   X "C3'" 1 
ATOM   123  O  "O3'" . A   A 1 6  ? 6.607   -14.406 -4.539  1.00 50.49  ? 10  A   X "O3'" 1 
ATOM   124  C  "C2'" . A   A 1 6  ? 8.330   -13.523 -3.048  1.00 42.38  ? 10  A   X "C2'" 1 
ATOM   125  O  "O2'" . A   A 1 6  ? 7.961   -14.607 -2.216  1.00 41.22  ? 10  A   X "O2'" 1 
ATOM   126  C  "C1'" . A   A 1 6  ? 9.852   -13.504 -3.198  1.00 42.63  ? 10  A   X "C1'" 1 
ATOM   127  N  N9    . A   A 1 6  ? 10.408  -12.140 -3.204  1.00 43.04  ? 10  A   X N9    1 
ATOM   128  C  C8    . A   A 1 6  ? 10.557  -11.296 -4.273  1.00 46.26  ? 10  A   X C8    1 
ATOM   129  N  N7    . A   A 1 6  ? 11.090  -10.135 -3.956  1.00 46.07  ? 10  A   X N7    1 
ATOM   130  C  C5    . A   A 1 6  ? 11.307  -10.237 -2.591  1.00 41.72  ? 10  A   X C5    1 
ATOM   131  C  C6    . A   A 1 6  ? 11.848  -9.346  -1.656  1.00 42.68  ? 10  A   X C6    1 
ATOM   132  N  N6    . A   A 1 6  ? 12.282  -8.132  -1.983  1.00 44.59  ? 10  A   X N6    1 
ATOM   133  N  N1    . A   A 1 6  ? 11.932  -9.742  -0.368  1.00 40.57  ? 10  A   X N1    1 
ATOM   134  C  C2    . A   A 1 6  ? 11.495  -10.966 -0.068  1.00 39.74  ? 10  A   X C2    1 
ATOM   135  N  N3    . A   A 1 6  ? 10.968  -11.894 -0.863  1.00 40.44  ? 10  A   X N3    1 
ATOM   136  C  C4    . A   A 1 6  ? 10.895  -11.462 -2.121  1.00 40.27  ? 10  A   X C4    1 
ATOM   137  P  P     . U   A 1 7  ? 5.470   -13.766 -5.465  1.00 46.07  ? 11  U   X P     1 
ATOM   138  O  OP1   . U   A 1 7  ? 4.206   -14.496 -5.182  1.00 45.71  ? 11  U   X OP1   1 
ATOM   139  O  OP2   . U   A 1 7  ? 5.980   -13.709 -6.867  1.00 46.44  ? 11  U   X OP2   1 
ATOM   140  O  "O5'" . U   A 1 7  ? 5.361   -12.275 -4.921  1.00 43.75  ? 11  U   X "O5'" 1 
ATOM   141  C  "C5'" . U   A 1 7  ? 5.075   -11.204 -5.813  1.00 47.60  ? 11  U   X "C5'" 1 
ATOM   142  C  "C4'" . U   A 1 7  ? 5.400   -9.865  -5.202  1.00 46.49  ? 11  U   X "C4'" 1 
ATOM   143  O  "O4'" . U   A 1 7  ? 4.704   -9.736  -3.933  1.00 44.73  ? 11  U   X "O4'" 1 
ATOM   144  C  "C3'" . U   A 1 7  ? 6.879   -9.628  -4.899  1.00 48.34  ? 11  U   X "C3'" 1 
ATOM   145  O  "O3'" . U   A 1 7  ? 7.164   -8.254  -5.071  1.00 46.45  ? 11  U   X "O3'" 1 
ATOM   146  C  "C2'" . U   A 1 7  ? 6.979   -9.932  -3.413  1.00 47.08  ? 11  U   X "C2'" 1 
ATOM   147  O  "O2'" . U   A 1 7  ? 8.043   -9.251  -2.779  1.00 47.45  ? 11  U   X "O2'" 1 
ATOM   148  C  "C1'" . U   A 1 7  ? 5.633   -9.423  -2.916  1.00 44.68  ? 11  U   X "C1'" 1 
ATOM   149  N  N1    . U   A 1 7  ? 5.184   -10.023 -1.654  1.00 43.08  ? 11  U   X N1    1 
ATOM   150  C  C2    . U   A 1 7  ? 5.187   -9.198  -0.546  1.00 42.73  ? 11  U   X C2    1 
ATOM   151  O  O2    . U   A 1 7  ? 5.548   -8.038  -0.589  1.00 40.65  ? 11  U   X O2    1 
ATOM   152  N  N3    . U   A 1 7  ? 4.766   -9.785  0.621   1.00 44.77  ? 11  U   X N3    1 
ATOM   153  C  C4    . U   A 1 7  ? 4.350   -11.090 0.790   1.00 45.23  ? 11  U   X C4    1 
ATOM   154  O  O4    . U   A 1 7  ? 3.996   -11.458 1.913   1.00 43.60  ? 11  U   X O4    1 
ATOM   155  C  C5    . U   A 1 7  ? 4.372   -11.888 -0.406  1.00 45.71  ? 11  U   X C5    1 
ATOM   156  C  C6    . U   A 1 7  ? 4.780   -11.337 -1.563  1.00 45.55  ? 11  U   X C6    1 
ATOM   157  P  P     . A   A 1 8  ? 7.783   -7.739  -6.443  1.00 56.30  ? 12  A   X P     1 
ATOM   158  O  OP1   . A   A 1 8  ? 8.103   -8.904  -7.322  1.00 50.62  ? 12  A   X OP1   1 
ATOM   159  O  OP2   . A   A 1 8  ? 8.858   -6.797  -6.019  1.00 51.38  ? 12  A   X OP2   1 
ATOM   160  O  "O5'" . A   A 1 8  ? 6.572   -6.918  -7.088  1.00 52.66  ? 12  A   X "O5'" 1 
ATOM   161  C  "C5'" . A   A 1 8  ? 5.811   -6.025  -6.287  1.00 48.96  ? 12  A   X "C5'" 1 
ATOM   162  C  "C4'" . A   A 1 8  ? 4.403   -5.869  -6.799  1.00 47.67  ? 12  A   X "C4'" 1 
ATOM   163  O  "O4'" . A   A 1 8  ? 3.753   -7.158  -6.871  1.00 47.74  ? 12  A   X "O4'" 1 
ATOM   164  C  "C3'" . A   A 1 8  ? 3.474   -5.029  -5.938  1.00 49.39  ? 12  A   X "C3'" 1 
ATOM   165  O  "O3'" . A   A 1 8  ? 3.623   -3.644  -6.200  1.00 52.11  ? 12  A   X "O3'" 1 
ATOM   166  C  "C2'" . A   A 1 8  ? 2.090   -5.544  -6.321  1.00 51.63  ? 12  A   X "C2'" 1 
ATOM   167  O  "O2'" . A   A 1 8  ? 1.634   -4.896  -7.503  1.00 56.62  ? 12  A   X "O2'" 1 
ATOM   168  C  "C1'" . A   A 1 8  ? 2.369   -7.011  -6.657  1.00 42.88  ? 12  A   X "C1'" 1 
ATOM   169  N  N9    . A   A 1 8  ? 1.912   -7.973  -5.630  1.00 42.93  ? 12  A   X N9    1 
ATOM   170  C  C8    . A   A 1 8  ? 1.270   -9.150  -5.923  1.00 46.37  ? 12  A   X C8    1 
ATOM   171  N  N7    . A   A 1 8  ? 0.946   -9.888  -4.883  1.00 45.94  ? 12  A   X N7    1 
ATOM   172  C  C5    . A   A 1 8  ? 1.414   -9.161  -3.814  1.00 42.88  ? 12  A   X C5    1 
ATOM   173  C  C6    . A   A 1 8  ? 1.372   -9.426  -2.440  1.00 42.12  ? 12  A   X C6    1 
ATOM   174  N  N6    . A   A 1 8  ? 0.821   -10.517 -1.918  1.00 42.56  ? 12  A   X N6    1 
ATOM   175  N  N1    . A   A 1 8  ? 1.912   -8.514  -1.607  1.00 44.65  ? 12  A   X N1    1 
ATOM   176  C  C2    . A   A 1 8  ? 2.454   -7.417  -2.153  1.00 45.08  ? 12  A   X C2    1 
ATOM   177  N  N3    . A   A 1 8  ? 2.556   -7.055  -3.441  1.00 46.31  ? 12  A   X N3    1 
ATOM   178  C  C4    . A   A 1 8  ? 2.010   -7.980  -4.248  1.00 45.94  ? 12  A   X C4    1 
ATOM   179  P  P     . U   A 1 9  ? 4.282   -2.659  -5.118  1.00 55.80  ? 13  U   X P     1 
ATOM   180  O  OP1   . U   A 1 9  ? 4.217   -1.281  -5.685  1.00 61.26  ? 13  U   X OP1   1 
ATOM   181  O  OP2   . U   A 1 9  ? 5.581   -3.232  -4.663  1.00 60.09  ? 13  U   X OP2   1 
ATOM   182  O  "O5'" . U   A 1 9  ? 3.297   -2.729  -3.877  1.00 47.30  ? 13  U   X "O5'" 1 
ATOM   183  C  "C5'" . U   A 1 9  ? 3.708   -3.361  -2.678  1.00 48.49  ? 13  U   X "C5'" 1 
ATOM   184  C  "C4'" . U   A 1 9  ? 3.239   -2.609  -1.464  1.00 51.98  ? 13  U   X "C4'" 1 
ATOM   185  O  "O4'" . U   A 1 9  ? 4.385   -1.936  -0.871  1.00 54.21  ? 13  U   X "O4'" 1 
ATOM   186  C  "C3'" . U   A 1 9  ? 2.172   -1.538  -1.736  1.00 50.22  ? 13  U   X "C3'" 1 
ATOM   187  O  "O3'" . U   A 1 9  ? 1.067   -1.646  -0.839  1.00 49.72  ? 13  U   X "O3'" 1 
ATOM   188  C  "C2'" . U   A 1 9  ? 2.901   -0.213  -1.511  1.00 50.31  ? 13  U   X "C2'" 1 
ATOM   189  O  "O2'" . U   A 1 9  ? 2.103   0.784   -0.916  1.00 50.74  ? 13  U   X "O2'" 1 
ATOM   190  C  "C1'" . U   A 1 9  ? 4.066   -0.594  -0.588  1.00 56.40  ? 13  U   X "C1'" 1 
ATOM   191  N  N1    . U   A 1 9  ? 5.242   0.258   -0.847  1.00 54.80  ? 13  U   X N1    1 
ATOM   192  C  C2    . U   A 1 9  ? 5.759   1.038   0.170   1.00 52.20  ? 13  U   X C2    1 
ATOM   193  O  O2    . U   A 1 9  ? 5.329   0.991   1.308   1.00 53.54  ? 13  U   X O2    1 
ATOM   194  N  N3    . U   A 1 9  ? 6.809   1.856   -0.183  1.00 51.07  ? 13  U   X N3    1 
ATOM   195  C  C4    . U   A 1 9  ? 7.364   1.985   -1.437  1.00 53.24  ? 13  U   X C4    1 
ATOM   196  O  O4    . U   A 1 9  ? 8.303   2.758   -1.606  1.00 57.02  ? 13  U   X O4    1 
ATOM   197  C  C5    . U   A 1 9  ? 6.764   1.170   -2.443  1.00 55.28  ? 13  U   X C5    1 
ATOM   198  C  C6    . U   A 1 9  ? 5.741   0.369   -2.125  1.00 57.11  ? 13  U   X C6    1 
ATOM   199  P  P     . C   A 1 10 ? -0.413  -1.185  -1.305  1.00 41.71  ? 14  C   X P     1 
ATOM   200  O  OP1   . C   A 1 10 ? -0.318  -0.069  -2.286  1.00 47.70  ? 14  C   X OP1   1 
ATOM   201  O  OP2   . C   A 1 10 ? -1.206  -1.141  -0.067  1.00 35.79  ? 14  C   X OP2   1 
ATOM   202  O  "O5'" . C   A 1 10 ? -1.046  -2.428  -2.071  1.00 45.35  ? 14  C   X "O5'" 1 
ATOM   203  C  "C5'" . C   A 1 10 ? -0.859  -2.619  -3.465  1.00 45.31  ? 14  C   X "C5'" 1 
ATOM   204  C  "C4'" . C   A 1 10 ? -1.224  -4.028  -3.862  1.00 50.00  ? 14  C   X "C4'" 1 
ATOM   205  O  "O4'" . C   A 1 10 ? -0.238  -4.952  -3.321  1.00 48.51  ? 14  C   X "O4'" 1 
ATOM   206  C  "C3'" . C   A 1 10 ? -2.551  -4.557  -3.323  1.00 49.68  ? 14  C   X "C3'" 1 
ATOM   207  O  "O3'" . C   A 1 10 ? -3.685  -4.140  -4.061  1.00 41.10  ? 14  C   X "O3'" 1 
ATOM   208  C  "C2'" . C   A 1 10 ? -2.327  -6.063  -3.341  1.00 50.58  ? 14  C   X "C2'" 1 
ATOM   209  O  "O2'" . C   A 1 10 ? -2.387  -6.562  -4.675  1.00 51.18  ? 14  C   X "O2'" 1 
ATOM   210  C  "C1'" . C   A 1 10 ? -0.875  -6.136  -2.882  1.00 45.70  ? 14  C   X "C1'" 1 
ATOM   211  N  N1    . C   A 1 10 ? -0.772  -6.187  -1.409  1.00 46.10  ? 14  C   X N1    1 
ATOM   212  C  C2    . C   A 1 10 ? -1.139  -7.359  -0.752  1.00 48.72  ? 14  C   X C2    1 
ATOM   213  O  O2    . C   A 1 10 ? -1.545  -8.301  -1.442  1.00 47.94  ? 14  C   X O2    1 
ATOM   214  N  N3    . C   A 1 10 ? -1.050  -7.424  0.604   1.00 47.91  ? 14  C   X N3    1 
ATOM   215  C  C4    . C   A 1 10 ? -0.609  -6.364  1.287   1.00 45.27  ? 14  C   X C4    1 
ATOM   216  N  N4    . C   A 1 10 ? -0.530  -6.449  2.610   1.00 45.95  ? 14  C   X N4    1 
ATOM   217  C  C5    . C   A 1 10 ? -0.219  -5.162  0.642   1.00 44.16  ? 14  C   X C5    1 
ATOM   218  C  C6    . C   A 1 10 ? -0.317  -5.118  -0.693  1.00 44.59  ? 14  C   X C6    1 
ATOM   219  P  P     . C   A 1 11 ? -5.050  -3.801  -3.294  1.00 48.55  ? 15  C   X P     1 
ATOM   220  O  OP1   . C   A 1 11 ? -5.870  -3.015  -4.249  1.00 57.53  ? 15  C   X OP1   1 
ATOM   221  O  OP2   . C   A 1 11 ? -4.760  -3.292  -1.932  1.00 45.20  ? 15  C   X OP2   1 
ATOM   222  O  "O5'" . C   A 1 11 ? -5.724  -5.207  -2.997  1.00 47.13  ? 15  C   X "O5'" 1 
ATOM   223  C  "C5'" . C   A 1 11 ? -6.033  -6.122  -4.031  1.00 48.39  ? 15  C   X "C5'" 1 
ATOM   224  C  "C4'" . C   A 1 11 ? -6.629  -7.368  -3.433  1.00 49.56  ? 15  C   X "C4'" 1 
ATOM   225  O  "O4'" . C   A 1 11 ? -5.618  -8.067  -2.657  1.00 53.14  ? 15  C   X "O4'" 1 
ATOM   226  C  "C3'" . C   A 1 11 ? -7.737  -7.109  -2.434  1.00 47.44  ? 15  C   X "C3'" 1 
ATOM   227  O  "O3'" . C   A 1 11 ? -8.983  -6.864  -3.051  1.00 50.90  ? 15  C   X "O3'" 1 
ATOM   228  C  "C2'" . C   A 1 11 ? -7.693  -8.345  -1.542  1.00 45.44  ? 15  C   X "C2'" 1 
ATOM   229  O  "O2'" . C   A 1 11 ? -8.306  -9.458  -2.174  1.00 48.08  ? 15  C   X "O2'" 1 
ATOM   230  C  "C1'" . C   A 1 11 ? -6.196  -8.616  -1.486  1.00 49.53  ? 15  C   X "C1'" 1 
ATOM   231  N  N1    . C   A 1 11 ? -5.548  -8.008  -0.300  1.00 47.33  ? 15  C   X N1    1 
ATOM   232  C  C2    . C   A 1 11 ? -5.781  -8.535  0.971   1.00 47.00  ? 15  C   X C2    1 
ATOM   233  O  O2    . C   A 1 11 ? -6.547  -9.500  1.100   1.00 46.59  ? 15  C   X O2    1 
ATOM   234  N  N3    . C   A 1 11 ? -5.171  -7.969  2.043   1.00 50.29  ? 15  C   X N3    1 
ATOM   235  C  C4    . C   A 1 11 ? -4.343  -6.930  1.891   1.00 48.32  ? 15  C   X C4    1 
ATOM   236  N  N4    . C   A 1 11 ? -3.755  -6.414  2.977   1.00 45.30  ? 15  C   X N4    1 
ATOM   237  C  C5    . C   A 1 11 ? -4.085  -6.380  0.606   1.00 48.89  ? 15  C   X C5    1 
ATOM   238  C  C6    . C   A 1 11 ? -4.699  -6.945  -0.446  1.00 49.77  ? 15  C   X C6    1 
ATOM   239  P  P     . U   A 1 12 ? -10.064 -5.934  -2.311  1.00 50.48  ? 16  U   X P     1 
ATOM   240  O  OP1   . U   A 1 12 ? -11.197 -5.776  -3.251  1.00 49.10  ? 16  U   X OP1   1 
ATOM   241  O  OP2   . U   A 1 12 ? -9.385  -4.723  -1.774  1.00 43.24  ? 16  U   X OP2   1 
ATOM   242  O  "O5'" . U   A 1 12 ? -10.562 -6.848  -1.103  1.00 47.52  ? 16  U   X "O5'" 1 
ATOM   243  C  "C5'" . U   A 1 12 ? -11.196 -8.082  -1.374  1.00 44.03  ? 16  U   X "C5'" 1 
ATOM   244  C  "C4'" . U   A 1 12 ? -11.413 -8.871  -0.116  1.00 46.62  ? 16  U   X "C4'" 1 
ATOM   245  O  "O4'" . U   A 1 12 ? -10.150 -9.156  0.518   1.00 50.55  ? 16  U   X "O4'" 1 
ATOM   246  C  "C3'" . U   A 1 12 ? -12.201 -8.183  0.969   1.00 50.93  ? 16  U   X "C3'" 1 
ATOM   247  O  "O3'" . U   A 1 12 ? -13.586 -8.221  0.726   1.00 62.10  ? 16  U   X "O3'" 1 
ATOM   248  C  "C2'" . U   A 1 12 ? -11.800 -8.964  2.203   1.00 51.39  ? 16  U   X "C2'" 1 
ATOM   249  O  "O2'" . U   A 1 12 ? -12.470 -10.216 2.226   1.00 54.37  ? 16  U   X "O2'" 1 
ATOM   250  C  "C1'" . U   A 1 12 ? -10.331 -9.222  1.916   1.00 49.98  ? 16  U   X "C1'" 1 
ATOM   251  N  N1    . U   A 1 12 ? -9.444  -8.232  2.550   1.00 48.55  ? 16  U   X N1    1 
ATOM   252  C  C2    . U   A 1 12 ? -9.106  -8.483  3.857   1.00 49.48  ? 16  U   X C2    1 
ATOM   253  O  O2    . U   A 1 12 ? -9.536  -9.440  4.477   1.00 54.42  ? 16  U   X O2    1 
ATOM   254  N  N3    . U   A 1 12 ? -8.248  -7.583  4.413   1.00 46.76  ? 16  U   X N3    1 
ATOM   255  C  C4    . U   A 1 12 ? -7.711  -6.484  3.791   1.00 49.55  ? 16  U   X C4    1 
ATOM   256  O  O4    . U   A 1 12 ? -6.947  -5.763  4.435   1.00 53.10  ? 16  U   X O4    1 
ATOM   257  C  C5    . U   A 1 12 ? -8.111  -6.289  2.428   1.00 47.21  ? 16  U   X C5    1 
ATOM   258  C  C6    . U   A 1 12 ? -8.948  -7.156  1.857   1.00 47.83  ? 16  U   X C6    1 
ATOM   259  P  P     . U   A 1 13 ? -14.518 -7.036  1.262   1.00 55.63  ? 17  U   X P     1 
ATOM   260  O  OP1   . U   A 1 13 ? -15.829 -7.347  0.633   1.00 55.82  ? 17  U   X OP1   1 
ATOM   261  O  OP2   . U   A 1 13 ? -13.837 -5.735  0.987   1.00 43.83  ? 17  U   X OP2   1 
ATOM   262  O  "O5'" . U   A 1 13 ? -14.604 -7.301  2.837   1.00 45.93  ? 17  U   X "O5'" 1 
ATOM   263  C  "C5'" . U   A 1 13 ? -15.064 -8.551  3.325   1.00 48.04  ? 17  U   X "C5'" 1 
ATOM   264  C  "C4'" . U   A 1 13 ? -14.734 -8.745  4.785   1.00 51.38  ? 17  U   X "C4'" 1 
ATOM   265  O  "O4'" . U   A 1 13 ? -13.303 -8.703  4.987   1.00 57.45  ? 17  U   X "O4'" 1 
ATOM   266  C  "C3'" . U   A 1 13 ? -15.264 -7.691  5.737   1.00 55.31  ? 17  U   X "C3'" 1 
ATOM   267  O  "O3'" . U   A 1 13 ? -16.619 -7.898  6.065   1.00 61.33  ? 17  U   X "O3'" 1 
ATOM   268  C  "C2'" . U   A 1 13 ? -14.341 -7.830  6.938   1.00 52.92  ? 17  U   X "C2'" 1 
ATOM   269  O  "O2'" . U   A 1 13 ? -14.729 -8.947  7.719   1.00 54.20  ? 17  U   X "O2'" 1 
ATOM   270  C  "C1'" . U   A 1 13 ? -13.016 -8.167  6.266   1.00 54.64  ? 17  U   X "C1'" 1 
ATOM   271  N  N1    . U   A 1 13 ? -12.104 -7.007  6.114   1.00 51.11  ? 17  U   X N1    1 
ATOM   272  C  C2    . U   A 1 13 ? -11.436 -6.562  7.234   1.00 47.24  ? 17  U   X C2    1 
ATOM   273  O  O2    . U   A 1 13 ? -11.601 -7.047  8.337   1.00 50.92  ? 17  U   X O2    1 
ATOM   274  N  N3    . U   A 1 13 ? -10.580 -5.523  7.011   1.00 46.28  ? 17  U   X N3    1 
ATOM   275  C  C4    . U   A 1 13 ? -10.332 -4.902  5.798   1.00 51.76  ? 17  U   X C4    1 
ATOM   276  O  O4    . U   A 1 13 ? -9.526  -3.972  5.742   1.00 52.43  ? 17  U   X O4    1 
ATOM   277  C  C5    . U   A 1 13 ? -11.053 -5.424  4.679   1.00 50.61  ? 17  U   X C5    1 
ATOM   278  C  C6    . U   A 1 13 ? -11.890 -6.442  4.876   1.00 53.07  ? 17  U   X C6    1 
ATOM   279  P  P     . A   A 1 14 ? -17.554 -6.648  6.425   1.00 54.05  ? 18  A   X P     1 
ATOM   280  O  OP1   . A   A 1 14 ? -18.922 -7.207  6.503   1.00 61.99  ? 18  A   X OP1   1 
ATOM   281  O  OP2   . A   A 1 14 ? -17.272 -5.522  5.501   1.00 41.60  ? 18  A   X OP2   1 
ATOM   282  O  "O5'" . A   A 1 14 ? -17.101 -6.254  7.903   1.00 51.20  ? 18  A   X "O5'" 1 
ATOM   283  C  "C5'" . A   A 1 14 ? -17.405 -7.085  9.006   1.00 45.55  ? 18  A   X "C5'" 1 
ATOM   284  C  "C4'" . A   A 1 14 ? -16.910 -6.457  10.278  1.00 52.29  ? 18  A   X "C4'" 1 
ATOM   285  O  "O4'" . A   A 1 14 ? -15.462 -6.539  10.326  1.00 53.96  ? 18  A   X "O4'" 1 
ATOM   286  C  "C3'" . A   A 1 14 ? -17.193 -4.969  10.434  1.00 56.39  ? 18  A   X "C3'" 1 
ATOM   287  O  "O3'" . A   A 1 14 ? -18.510 -4.690  10.877  1.00 56.75  ? 18  A   X "O3'" 1 
ATOM   288  C  "C2'" . A   A 1 14 ? -16.109 -4.539  11.413  1.00 55.28  ? 18  A   X "C2'" 1 
ATOM   289  O  "O2'" . A   A 1 14 ? -16.438 -4.953  12.732  1.00 56.81  ? 18  A   X "O2'" 1 
ATOM   290  C  "C1'" . A   A 1 14 ? -14.931 -5.374  10.924  1.00 53.39  ? 18  A   X "C1'" 1 
ATOM   291  N  N9    . A   A 1 14 ? -14.137 -4.653  9.909   1.00 51.71  ? 18  A   X N9    1 
ATOM   292  C  C8    . A   A 1 14 ? -14.278 -4.685  8.540   1.00 53.13  ? 18  A   X C8    1 
ATOM   293  N  N7    . A   A 1 14 ? -13.426 -3.924  7.880   1.00 50.64  ? 18  A   X N7    1 
ATOM   294  C  C5    . A   A 1 14 ? -12.673 -3.346  8.891   1.00 51.01  ? 18  A   X C5    1 
ATOM   295  C  C6    . A   A 1 14 ? -11.599 -2.437  8.858   1.00 51.03  ? 18  A   X C6    1 
ATOM   296  N  N6    . A   A 1 14 ? -11.085 -1.944  7.733   1.00 51.08  ? 18  A   X N6    1 
ATOM   297  N  N1    . A   A 1 14 ? -11.059 -2.051  10.035  1.00 52.82  ? 18  A   X N1    1 
ATOM   298  C  C2    . A   A 1 14 ? -11.585 -2.560  11.166  1.00 55.86  ? 18  A   X C2    1 
ATOM   299  N  N3    . A   A 1 14 ? -12.594 -3.423  11.335  1.00 54.34  ? 18  A   X N3    1 
ATOM   300  C  C4    . A   A 1 14 ? -13.100 -3.782  10.142  1.00 52.89  ? 18  A   X C4    1 
ATOM   301  P  P     . A   A 1 15 ? -19.204 -3.265  10.573  1.00 61.89  ? 19  A   X P     1 
ATOM   302  O  OP1   . A   A 1 15 ? -20.162 -3.072  11.689  1.00 58.19  ? 19  A   X OP1   1 
ATOM   303  O  OP2   . A   A 1 15 ? -19.644 -3.131  9.155   1.00 57.49  ? 19  A   X OP2   1 
ATOM   304  O  "O5'" . A   A 1 15 ? -18.059 -2.188  10.782  1.00 53.69  ? 19  A   X "O5'" 1 
ATOM   305  C  "C5'" . A   A 1 15 ? -18.312 -1.023  11.537  1.00 52.76  ? 19  A   X "C5'" 1 
ATOM   306  C  "C4'" . A   A 1 15 ? -17.231 -0.799  12.551  1.00 52.55  ? 19  A   X "C4'" 1 
ATOM   307  O  "O4'" . A   A 1 15 ? -16.043 -1.502  12.129  1.00 55.88  ? 19  A   X "O4'" 1 
ATOM   308  C  "C3'" . A   A 1 15 ? -16.772 0.638   12.702  1.00 54.80  ? 19  A   X "C3'" 1 
ATOM   309  O  "O3'" . A   A 1 15 ? -17.594 1.391   13.568  1.00 56.36  ? 19  A   X "O3'" 1 
ATOM   310  C  "C2'" . A   A 1 15 ? -15.346 0.477   13.191  1.00 54.30  ? 19  A   X "C2'" 1 
ATOM   311  O  "O2'" . A   A 1 15 ? -15.326 0.102   14.556  1.00 54.22  ? 19  A   X "O2'" 1 
ATOM   312  C  "C1'" . A   A 1 15 ? -14.902 -0.711  12.363  1.00 54.65  ? 19  A   X "C1'" 1 
ATOM   313  N  N9    . A   A 1 15 ? -14.398 -0.273  11.054  1.00 55.65  ? 19  A   X N9    1 
ATOM   314  C  C8    . A   A 1 15 ? -14.989 -0.422  9.823   1.00 53.28  ? 19  A   X C8    1 
ATOM   315  N  N7    . A   A 1 15 ? -14.285 0.093   8.844   1.00 53.25  ? 19  A   X N7    1 
ATOM   316  C  C5    . A   A 1 15 ? -13.165 0.613   9.478   1.00 54.12  ? 19  A   X C5    1 
ATOM   317  C  C6    . A   A 1 15 ? -12.033 1.289   8.997   1.00 54.76  ? 19  A   X C6    1 
ATOM   318  N  N6    . A   A 1 15 ? -11.821 1.567   7.711   1.00 52.76  ? 19  A   X N6    1 
ATOM   319  N  N1    . A   A 1 15 ? -11.112 1.673   9.904   1.00 57.06  ? 19  A   X N1    1 
ATOM   320  C  C2    . A   A 1 15 ? -11.327 1.390   11.199  1.00 57.93  ? 19  A   X C2    1 
ATOM   321  N  N3    . A   A 1 15 ? -12.342 0.754   11.778  1.00 54.25  ? 19  A   X N3    1 
ATOM   322  C  C4    . A   A 1 15 ? -13.229 0.395   10.842  1.00 54.65  ? 19  A   X C4    1 
ATOM   323  P  P     . U   A 1 16 ? -18.125 2.831   13.112  1.00 58.00  ? 20  U   X P     1 
ATOM   324  O  OP1   . U   A 1 16 ? -18.986 3.272   14.246  1.00 62.62  ? 20  U   X OP1   1 
ATOM   325  O  OP2   . U   A 1 16 ? -18.660 2.760   11.724  1.00 50.67  ? 20  U   X OP2   1 
ATOM   326  O  "O5'" . U   A 1 16 ? -16.815 3.734   13.078  1.00 50.65  ? 20  U   X "O5'" 1 
ATOM   327  C  "C5'" . U   A 1 16 ? -15.863 3.675   14.126  1.00 53.11  ? 20  U   X "C5'" 1 
ATOM   328  C  "C4'" . U   A 1 16 ? -14.691 4.531   13.777  1.00 56.06  ? 20  U   X "C4'" 1 
ATOM   329  O  "O4'" . U   A 1 16 ? -13.822 3.844   12.844  1.00 59.15  ? 20  U   X "O4'" 1 
ATOM   330  C  "C3'" . U   A 1 16 ? -15.081 5.792   13.050  1.00 57.07  ? 20  U   X "C3'" 1 
ATOM   331  O  "O3'" . U   A 1 16 ? -15.559 6.770   13.948  1.00 60.79  ? 20  U   X "O3'" 1 
ATOM   332  C  "C2'" . U   A 1 16 ? -13.813 6.148   12.281  1.00 55.94  ? 20  U   X "C2'" 1 
ATOM   333  O  "O2'" . U   A 1 16 ? -12.842 6.739   13.127  1.00 54.90  ? 20  U   X "O2'" 1 
ATOM   334  C  "C1'" . U   A 1 16 ? -13.308 4.761   11.898  1.00 60.03  ? 20  U   X "C1'" 1 
ATOM   335  N  N1    . U   A 1 16 ? -13.771 4.348   10.556  1.00 59.51  ? 20  U   X N1    1 
ATOM   336  C  C2    . U   A 1 16 ? -12.992 4.679   9.464   1.00 59.76  ? 20  U   X C2    1 
ATOM   337  O  O2    . U   A 1 16 ? -11.951 5.303   9.547   1.00 61.93  ? 20  U   X O2    1 
ATOM   338  N  N3    . U   A 1 16 ? -13.474 4.249   8.256   1.00 58.77  ? 20  U   X N3    1 
ATOM   339  C  C4    . U   A 1 16 ? -14.632 3.534   8.035   1.00 58.66  ? 20  U   X C4    1 
ATOM   340  O  O4    . U   A 1 16 ? -14.945 3.216   6.885   1.00 57.79  ? 20  U   X O4    1 
ATOM   341  C  C5    . U   A 1 16 ? -15.380 3.233   9.218   1.00 58.90  ? 20  U   X C5    1 
ATOM   342  C  C6    . U   A 1 16 ? -14.936 3.637   10.409  1.00 57.33  ? 20  U   X C6    1 
ATOM   343  P  P     . G   A 1 17 ? -16.339 8.065   13.415  1.00 61.07  ? 21  G   X P     1 
ATOM   344  O  OP1   . G   A 1 17 ? -17.144 8.546   14.570  1.00 56.12  ? 21  G   X OP1   1 
ATOM   345  O  OP2   . G   A 1 17 ? -17.100 7.833   12.146  1.00 48.81  ? 21  G   X OP2   1 
ATOM   346  O  "O5'" . G   A 1 17 ? -15.115 9.038   13.138  1.00 58.32  ? 21  G   X "O5'" 1 
ATOM   347  C  "C5'" . G   A 1 17 ? -15.285 10.170  12.320  1.00 66.31  ? 21  G   X "C5'" 1 
ATOM   348  C  "C4'" . G   A 1 17 ? -14.189 10.315  11.308  1.00 59.73  ? 21  G   X "C4'" 1 
ATOM   349  O  "O4'" . G   A 1 17 ? -13.768 9.031   10.798  1.00 65.47  ? 21  G   X "O4'" 1 
ATOM   350  C  "C3'" . G   A 1 17 ? -14.612 11.064  10.075  1.00 66.32  ? 21  G   X "C3'" 1 
ATOM   351  O  "O3'" . G   A 1 17 ? -14.640 12.446  10.313  1.00 70.94  ? 21  G   X "O3'" 1 
ATOM   352  C  "C2'" . G   A 1 17 ? -13.590 10.625  9.051   1.00 68.21  ? 21  G   X "C2'" 1 
ATOM   353  O  "O2'" . G   A 1 17 ? -12.365 11.301  9.282   1.00 75.56  ? 21  G   X "O2'" 1 
ATOM   354  C  "C1'" . G   A 1 17 ? -13.400 9.160   9.440   1.00 67.08  ? 21  G   X "C1'" 1 
ATOM   355  N  N9    . G   A 1 17 ? -14.214 8.231   8.627   1.00 67.16  ? 21  G   X N9    1 
ATOM   356  C  C8    . G   A 1 17 ? -15.114 7.323   9.117   1.00 66.07  ? 21  G   X C8    1 
ATOM   357  N  N7    . G   A 1 17 ? -15.687 6.600   8.197   1.00 66.23  ? 21  G   X N7    1 
ATOM   358  C  C5    . G   A 1 17 ? -15.126 7.040   7.013   1.00 67.94  ? 21  G   X C5    1 
ATOM   359  C  C6    . G   A 1 17 ? -15.376 6.610   5.680   1.00 70.84  ? 21  G   X C6    1 
ATOM   360  O  O6    . G   A 1 17 ? -16.162 5.727   5.286   1.00 68.79  ? 21  G   X O6    1 
ATOM   361  N  N1    . G   A 1 17 ? -14.595 7.328   4.773   1.00 71.36  ? 21  G   X N1    1 
ATOM   362  C  C2    . G   A 1 17 ? -13.700 8.323   5.111   1.00 72.02  ? 21  G   X C2    1 
ATOM   363  N  N2    . G   A 1 17 ? -13.038 8.905   4.099   1.00 72.80  ? 21  G   X N2    1 
ATOM   364  N  N3    . G   A 1 17 ? -13.465 8.724   6.352   1.00 72.06  ? 21  G   X N3    1 
ATOM   365  C  C4    . G   A 1 17 ? -14.209 8.046   7.257   1.00 69.88  ? 21  G   X C4    1 
ATOM   366  P  P     . A   A 1 18 ? -16.045 13.199  10.299  1.00 68.45  ? 22  A   X P     1 
ATOM   367  O  OP1   . A   A 1 18 ? -16.126 13.958  11.578  1.00 68.20  ? 22  A   X OP1   1 
ATOM   368  O  OP2   . A   A 1 18 ? -17.092 12.215  9.915   1.00 60.24  ? 22  A   X OP2   1 
ATOM   369  O  "O5'" . A   A 1 18 ? -15.851 14.211  9.087   1.00 74.49  ? 22  A   X "O5'" 1 
ATOM   370  C  "C5'" . A   A 1 18 ? -14.633 14.939  8.994   1.00 77.07  ? 22  A   X "C5'" 1 
ATOM   371  C  "C4'" . A   A 1 18 ? -13.995 14.908  7.620   1.00 73.97  ? 22  A   X "C4'" 1 
ATOM   372  O  "O4'" . A   A 1 18 ? -13.731 13.561  7.158   1.00 72.95  ? 22  A   X "O4'" 1 
ATOM   373  C  "C3'" . A   A 1 18 ? -14.779 15.503  6.475   1.00 75.88  ? 22  A   X "C3'" 1 
ATOM   374  O  "O3'" . A   A 1 18 ? -14.871 16.909  6.534   1.00 77.62  ? 22  A   X "O3'" 1 
ATOM   375  C  "C2'" . A   A 1 18 ? -14.012 14.979  5.269   1.00 74.54  ? 22  A   X "C2'" 1 
ATOM   376  O  "O2'" . A   A 1 18 ? -12.801 15.703  5.101   1.00 71.85  ? 22  A   X "O2'" 1 
ATOM   377  C  "C1'" . A   A 1 18 ? -13.653 13.571  5.740   1.00 73.95  ? 22  A   X "C1'" 1 
ATOM   378  N  N9    . A   A 1 18 ? -14.522 12.525  5.159   1.00 72.98  ? 22  A   X N9    1 
ATOM   379  C  C8    . A   A 1 18 ? -15.442 11.730  5.783   1.00 74.56  ? 22  A   X C8    1 
ATOM   380  N  N7    . A   A 1 18 ? -16.028 10.872  4.979   1.00 76.77  ? 22  A   X N7    1 
ATOM   381  C  C5    . A   A 1 18 ? -15.452 11.104  3.744   1.00 74.82  ? 22  A   X C5    1 
ATOM   382  C  C6    . A   A 1 18 ? -15.647 10.519  2.479   1.00 78.93  ? 22  A   X C6    1 
ATOM   383  N  N6    . A   A 1 18 ? -16.514 9.537   2.229   1.00 80.35  ? 22  A   X N6    1 
ATOM   384  N  N1    . A   A 1 18 ? -14.911 10.988  1.449   1.00 79.68  ? 22  A   X N1    1 
ATOM   385  C  C2    . A   A 1 18 ? -14.040 11.974  1.690   1.00 77.78  ? 22  A   X C2    1 
ATOM   386  N  N3    . A   A 1 18 ? -13.770 12.601  2.837   1.00 79.05  ? 22  A   X N3    1 
ATOM   387  C  C4    . A   A 1 18 ? -14.519 12.116  3.843   1.00 75.78  ? 22  A   X C4    1 
ATOM   388  P  P     . U   A 1 19 ? -16.236 17.622  6.087   1.00 73.51  ? 23  U   X P     1 
ATOM   389  O  OP1   . U   A 1 19 ? -16.177 18.982  6.676   1.00 69.47  ? 23  U   X OP1   1 
ATOM   390  O  OP2   . U   A 1 19 ? -17.391 16.728  6.358   1.00 70.48  ? 23  U   X OP2   1 
ATOM   391  O  "O5'" . U   A 1 19 ? -16.090 17.714  4.507   1.00 77.02  ? 23  U   X "O5'" 1 
ATOM   392  C  "C5'" . U   A 1 19 ? -14.856 18.124  3.933   1.00 79.81  ? 23  U   X "C5'" 1 
ATOM   393  C  "C4'" . U   A 1 19 ? -14.766 17.773  2.472   1.00 81.41  ? 23  U   X "C4'" 1 
ATOM   394  O  "O4'" . U   A 1 19 ? -14.952 16.343  2.310   1.00 79.32  ? 23  U   X "O4'" 1 
ATOM   395  C  "C3'" . U   A 1 19 ? -15.801 18.444  1.576   1.00 84.45  ? 23  U   X "C3'" 1 
ATOM   396  O  "O3'" . U   A 1 19 ? -15.211 18.716  0.310   1.00 85.50  ? 23  U   X "O3'" 1 
ATOM   397  C  "C2'" . U   A 1 19 ? -16.869 17.368  1.419   1.00 84.29  ? 23  U   X "C2'" 1 
ATOM   398  O  "O2'" . U   A 1 19 ? -17.631 17.473  0.233   1.00 90.97  ? 23  U   X "O2'" 1 
ATOM   399  C  "C1'" . U   A 1 19 ? -16.033 16.095  1.434   1.00 81.99  ? 23  U   X "C1'" 1 
ATOM   400  N  N1    . U   A 1 19 ? -16.751 14.929  1.951   1.00 83.91  ? 23  U   X N1    1 
ATOM   401  C  C2    . U   A 1 19 ? -16.971 13.890  1.074   1.00 85.66  ? 23  U   X C2    1 
ATOM   402  O  O2    . U   A 1 19 ? -16.601 13.930  -0.085  1.00 86.87  ? 23  U   X O2    1 
ATOM   403  N  N3    . U   A 1 19 ? -17.634 12.814  1.606   1.00 83.44  ? 23  U   X N3    1 
ATOM   404  C  C4    . U   A 1 19 ? -18.081 12.699  2.903   1.00 81.28  ? 23  U   X C4    1 
ATOM   405  O  O4    . U   A 1 19 ? -18.660 11.670  3.236   1.00 84.50  ? 23  U   X O4    1 
ATOM   406  C  C5    . U   A 1 19 ? -17.813 13.819  3.753   1.00 79.64  ? 23  U   X C5    1 
ATOM   407  C  C6    . U   A 1 19 ? -17.167 14.879  3.261   1.00 80.42  ? 23  U   X C6    1 
ATOM   408  P  P     . A   A 1 20 ? -15.449 20.136  -0.388  1.00 89.66  ? 24  A   X P     1 
ATOM   409  O  OP1   . A   A 1 20 ? -15.857 21.098  0.674   1.00 86.03  ? 24  A   X OP1   1 
ATOM   410  O  OP2   . A   A 1 20 ? -16.321 19.882  -1.570  1.00 89.60  ? 24  A   X OP2   1 
ATOM   411  O  "O5'" . A   A 1 20 ? -14.001 20.548  -0.903  1.00 84.94  ? 24  A   X "O5'" 1 
ATOM   412  C  "C5'" . A   A 1 20 ? -12.959 19.587  -0.953  1.00 77.97  ? 24  A   X "C5'" 1 
ATOM   413  C  "C4'" . A   A 1 20 ? -12.444 19.376  -2.355  1.00 77.13  ? 24  A   X "C4'" 1 
ATOM   414  O  "O4'" . A   A 1 20 ? -13.065 18.202  -2.933  1.00 77.91  ? 24  A   X "O4'" 1 
ATOM   415  C  "C3'" . A   A 1 20 ? -12.669 20.519  -3.347  1.00 79.82  ? 24  A   X "C3'" 1 
ATOM   416  O  "O3'" . A   A 1 20 ? -11.488 20.701  -4.123  1.00 79.47  ? 24  A   X "O3'" 1 
ATOM   417  C  "C2'" . A   A 1 20 ? -13.792 20.001  -4.235  1.00 77.85  ? 24  A   X "C2'" 1 
ATOM   418  O  "O2'" . A   A 1 20 ? -13.775 20.509  -5.550  1.00 76.89  ? 24  A   X "O2'" 1 
ATOM   419  C  "C1'" . A   A 1 20 ? -13.528 18.504  -4.226  1.00 76.80  ? 24  A   X "C1'" 1 
ATOM   420  N  N9    . A   A 1 20 ? -14.721 17.713  -4.470  1.00 75.53  ? 24  A   X N9    1 
ATOM   421  C  C8    . A   A 1 20 ? -15.688 17.343  -3.574  1.00 75.60  ? 24  A   X C8    1 
ATOM   422  N  N7    . A   A 1 20 ? -16.634 16.633  -4.137  1.00 79.31  ? 24  A   X N7    1 
ATOM   423  C  C5    . A   A 1 20 ? -16.253 16.540  -5.475  1.00 76.14  ? 24  A   X C5    1 
ATOM   424  C  C6    . A   A 1 20 ? -16.831 15.919  -6.601  1.00 75.51  ? 24  A   X C6    1 
ATOM   425  N  N6    . A   A 1 20 ? -17.980 15.235  -6.567  1.00 77.47  ? 24  A   X N6    1 
ATOM   426  N  N1    . A   A 1 20 ? -16.178 16.030  -7.780  1.00 69.30  ? 24  A   X N1    1 
ATOM   427  C  C2    . A   A 1 20 ? -15.034 16.722  -7.814  1.00 67.00  ? 24  A   X C2    1 
ATOM   428  N  N3    . A   A 1 20 ? -14.391 17.347  -6.831  1.00 66.59  ? 24  A   X N3    1 
ATOM   429  C  C4    . A   A 1 20 ? -15.066 17.205  -5.684  1.00 72.98  ? 24  A   X C4    1 
ATOM   430  P  P     . U   A 1 21 ? -10.677 22.088  -4.059  1.00 82.62  ? 25  U   X P     1 
ATOM   431  O  OP1   . U   A 1 21 ? -11.182 22.941  -5.165  1.00 82.12  ? 25  U   X OP1   1 
ATOM   432  O  OP2   . U   A 1 21 ? -9.235  21.741  -4.049  1.00 82.03  ? 25  U   X OP2   1 
ATOM   433  O  "O5'" . U   A 1 21 ? -11.129 22.775  -2.686  1.00 84.11  ? 25  U   X "O5'" 1 
ATOM   434  C  "C5'" . U   A 1 21 ? -10.759 22.239  -1.419  1.00 87.86  ? 25  U   X "C5'" 1 
ATOM   435  C  "C4'" . U   A 1 21 ? -9.296  22.409  -1.166  1.00 88.37  ? 25  U   X "C4'" 1 
ATOM   436  O  "O4'" . U   A 1 21 ? -8.986  23.815  -1.280  1.00 96.65  ? 25  U   X "O4'" 1 
ATOM   437  C  "C3'" . U   A 1 21 ? -8.806  21.993  0.214   1.00 87.92  ? 25  U   X "C3'" 1 
ATOM   438  O  "O3'" . U   A 1 21 ? -8.471  20.604  0.229   1.00 88.76  ? 25  U   X "O3'" 1 
ATOM   439  C  "C2'" . U   A 1 21 ? -7.634  22.938  0.459   1.00 93.75  ? 25  U   X "C2'" 1 
ATOM   440  O  "O2'" . U   A 1 21 ? -6.466  22.451  -0.192  1.00 93.33  ? 25  U   X "O2'" 1 
ATOM   441  C  "C1'" . U   A 1 21 ? -8.089  24.204  -0.277  1.00 95.58  ? 25  U   X "C1'" 1 
ATOM   442  N  N1    . U   A 1 21 ? -8.784  25.213  0.563   1.00 97.95  ? 25  U   X N1    1 
ATOM   443  C  C2    . U   A 1 21 ? -8.087  26.378  0.859   1.00 99.84  ? 25  U   X C2    1 
ATOM   444  O  O2    . U   A 1 21 ? -6.938  26.588  0.508   1.00 98.00  ? 25  U   X O2    1 
ATOM   445  N  N3    . U   A 1 21 ? -8.781  27.300  1.600   1.00 104.62 ? 25  U   X N3    1 
ATOM   446  C  C4    . U   A 1 21 ? -10.077 27.195  2.056   1.00 103.81 ? 25  U   X C4    1 
ATOM   447  O  O4    . U   A 1 21 ? -10.541 28.128  2.715   1.00 102.82 ? 25  U   X O4    1 
ATOM   448  C  C5    . U   A 1 21 ? -10.749 25.975  1.696   1.00 97.54  ? 25  U   X C5    1 
ATOM   449  C  C6    . U   A 1 21 ? -10.098 25.058  0.967   1.00 96.16  ? 25  U   X C6    1 
ATOM   450  P  P     . G   A 1 22 ? -7.662  19.881  1.433   1.00 83.93  ? 26  G   X P     1 
ATOM   451  O  OP1   . G   A 1 22 ? -7.670  20.700  2.671   1.00 85.91  ? 26  G   X OP1   1 
ATOM   452  O  OP2   . G   A 1 22 ? -6.372  19.394  0.882   1.00 81.19  ? 26  G   X OP2   1 
ATOM   453  O  "O5'" . G   A 1 22 ? -8.534  18.588  1.745   1.00 76.97  ? 26  G   X "O5'" 1 
ATOM   454  C  "C5'" . G   A 1 22 ? -9.424  18.566  2.854   1.00 77.75  ? 26  G   X "C5'" 1 
ATOM   455  C  "C4'" . G   A 1 22 ? -10.416 17.425  2.779   1.00 76.99  ? 26  G   X "C4'" 1 
ATOM   456  O  "O4'" . G   A 1 22 ? -11.357 17.647  1.695   1.00 71.96  ? 26  G   X "O4'" 1 
ATOM   457  C  "C3'" . G   A 1 22 ? -9.836  16.044  2.504   1.00 76.98  ? 26  G   X "C3'" 1 
ATOM   458  O  "O3'" . G   A 1 22 ? -9.312  15.421  3.670   1.00 71.91  ? 26  G   X "O3'" 1 
ATOM   459  C  "C2'" . G   A 1 22 ? -11.019 15.305  1.889   1.00 76.71  ? 26  G   X "C2'" 1 
ATOM   460  O  "O2'" . G   A 1 22 ? -11.910 14.864  2.903   1.00 75.90  ? 26  G   X "O2'" 1 
ATOM   461  C  "C1'" . G   A 1 22 ? -11.700 16.420  1.090   1.00 73.97  ? 26  G   X "C1'" 1 
ATOM   462  N  N9    . G   A 1 22 ? -11.249 16.466  -0.319  1.00 76.38  ? 26  G   X N9    1 
ATOM   463  C  C8    . G   A 1 22 ? -10.190 17.195  -0.811  1.00 76.38  ? 26  G   X C8    1 
ATOM   464  N  N7    . G   A 1 22 ? -10.009 17.052  -2.094  1.00 74.37  ? 26  G   X N7    1 
ATOM   465  C  C5    . G   A 1 22 ? -11.010 16.175  -2.483  1.00 72.73  ? 26  G   X C5    1 
ATOM   466  C  C6    . G   A 1 22 ? -11.324 15.664  -3.768  1.00 73.35  ? 26  G   X C6    1 
ATOM   467  O  O6    . G   A 1 22 ? -10.750 15.887  -4.844  1.00 75.27  ? 26  G   X O6    1 
ATOM   468  N  N1    . G   A 1 22 ? -12.414 14.800  -3.731  1.00 70.60  ? 26  G   X N1    1 
ATOM   469  C  C2    . G   A 1 22 ? -13.124 14.490  -2.594  1.00 73.17  ? 26  G   X C2    1 
ATOM   470  N  N2    . G   A 1 22 ? -14.154 13.642  -2.743  1.00 73.46  ? 26  G   X N2    1 
ATOM   471  N  N3    . G   A 1 22 ? -12.850 14.974  -1.392  1.00 73.93  ? 26  G   X N3    1 
ATOM   472  C  C4    . G   A 1 22 ? -11.786 15.804  -1.405  1.00 73.84  ? 26  G   X C4    1 
ATOM   473  P  P     . G   A 1 23 ? -8.114  14.355  3.560   1.00 74.83  ? 27  G   X P     1 
ATOM   474  O  OP1   . G   A 1 23 ? -7.870  13.756  4.898   1.00 66.97  ? 27  G   X OP1   1 
ATOM   475  O  OP2   . G   A 1 23 ? -6.993  14.982  2.816   1.00 79.45  ? 27  G   X OP2   1 
ATOM   476  O  "O5'" . G   A 1 23 ? -8.720  13.196  2.659   1.00 73.03  ? 27  G   X "O5'" 1 
ATOM   477  C  "C5'" . G   A 1 23 ? -9.746  12.366  3.173   1.00 73.24  ? 27  G   X "C5'" 1 
ATOM   478  C  "C4'" . G   A 1 23 ? -10.307 11.451  2.120   1.00 72.77  ? 27  G   X "C4'" 1 
ATOM   479  O  "O4'" . G   A 1 23 ? -10.916 12.205  1.042   1.00 72.33  ? 27  G   X "O4'" 1 
ATOM   480  C  "C3'" . G   A 1 23 ? -9.316  10.559  1.404   1.00 67.75  ? 27  G   X "C3'" 1 
ATOM   481  O  "O3'" . G   A 1 23 ? -8.878  9.479   2.202   1.00 67.07  ? 27  G   X "O3'" 1 
ATOM   482  C  "C2'" . G   A 1 23 ? -10.101 10.148  0.163   1.00 70.50  ? 27  G   X "C2'" 1 
ATOM   483  O  "O2'" . G   A 1 23 ? -11.051 9.143   0.472   1.00 72.89  ? 27  G   X "O2'" 1 
ATOM   484  C  "C1'" . G   A 1 23 ? -10.864 11.442  -0.149  1.00 73.06  ? 27  G   X "C1'" 1 
ATOM   485  N  N9    . G   A 1 23 ? -10.196 12.209  -1.214  1.00 71.89  ? 27  G   X N9    1 
ATOM   486  C  C8    . G   A 1 23 ? -9.101  13.033  -1.121  1.00 72.77  ? 27  G   X C8    1 
ATOM   487  N  N7    . G   A 1 23 ? -8.747  13.531  -2.272  1.00 72.29  ? 27  G   X N7    1 
ATOM   488  C  C5    . G   A 1 23 ? -9.654  12.988  -3.172  1.00 68.13  ? 27  G   X C5    1 
ATOM   489  C  C6    . G   A 1 23 ? -9.769  13.152  -4.569  1.00 67.36  ? 27  G   X C6    1 
ATOM   490  O  O6    . G   A 1 23 ? -9.072  13.844  -5.319  1.00 69.41  ? 27  G   X O6    1 
ATOM   491  N  N1    . G   A 1 23 ? -10.833 12.426  -5.087  1.00 67.57  ? 27  G   X N1    1 
ATOM   492  C  C2    . G   A 1 23 ? -11.675 11.628  -4.361  1.00 70.48  ? 27  G   X C2    1 
ATOM   493  N  N2    . G   A 1 23 ? -12.639 11.002  -5.053  1.00 68.62  ? 27  G   X N2    1 
ATOM   494  N  N3    . G   A 1 23 ? -11.571 11.457  -3.055  1.00 71.99  ? 27  G   X N3    1 
ATOM   495  C  C4    . G   A 1 23 ? -10.545 12.164  -2.537  1.00 69.96  ? 27  G   X C4    1 
ATOM   496  P  P     . U   A 1 24 ? -7.374  8.935   2.061   1.00 68.77  ? 28  U   X P     1 
ATOM   497  O  OP1   . U   A 1 24 ? -6.627  9.927   1.245   1.00 69.01  ? 28  U   X OP1   1 
ATOM   498  O  OP2   . U   A 1 24 ? -7.458  7.498   1.696   1.00 60.63  ? 28  U   X OP2   1 
ATOM   499  O  "O5'" . U   A 1 24 ? -6.775  8.978   3.536   1.00 64.40  ? 28  U   X "O5'" 1 
ATOM   500  C  "C5'" . U   A 1 24 ? -6.152  10.147  4.041   1.00 63.36  ? 28  U   X "C5'" 1 
ATOM   501  C  "C4'" . U   A 1 24 ? -6.503  10.363  5.492   1.00 63.15  ? 28  U   X "C4'" 1 
ATOM   502  O  "O4'" . U   A 1 24 ? -7.947  10.402  5.632   1.00 66.44  ? 28  U   X "O4'" 1 
ATOM   503  C  "C3'" . U   A 1 24 ? -6.077  9.266   6.453   1.00 61.28  ? 28  U   X "C3'" 1 
ATOM   504  O  "O3'" . U   A 1 24 ? -4.723  9.360   6.850   1.00 63.32  ? 28  U   X "O3'" 1 
ATOM   505  C  "C2'" . U   A 1 24 ? -7.053  9.431   7.609   1.00 59.76  ? 28  U   X "C2'" 1 
ATOM   506  O  "O2'" . U   A 1 24 ? -6.660  10.508  8.441   1.00 55.52  ? 28  U   X "O2'" 1 
ATOM   507  C  "C1'" . U   A 1 24 ? -8.325  9.845   6.876   1.00 62.74  ? 28  U   X "C1'" 1 
ATOM   508  N  N1    . U   A 1 24 ? -9.263  8.718   6.652   1.00 63.95  ? 28  U   X N1    1 
ATOM   509  C  C2    . U   A 1 24 ? -9.908  8.186   7.759   1.00 66.09  ? 28  U   X C2    1 
ATOM   510  O  O2    . U   A 1 24 ? -9.719  8.575   8.896   1.00 68.56  ? 28  U   X O2    1 
ATOM   511  N  N3    . U   A 1 24 ? -10.780 7.160   7.502   1.00 66.42  ? 28  U   X N3    1 
ATOM   512  C  C4    . U   A 1 24 ? -11.083 6.629   6.271   1.00 64.71  ? 28  U   X C4    1 
ATOM   513  O  O4    . U   A 1 24 ? -11.896 5.709   6.212   1.00 66.52  ? 28  U   X O4    1 
ATOM   514  C  C5    . U   A 1 24 ? -10.399 7.236   5.171   1.00 61.81  ? 28  U   X C5    1 
ATOM   515  C  C6    . U   A 1 24 ? -9.537  8.237   5.391   1.00 63.20  ? 28  U   X C6    1 
ATOM   516  P  P     . U   A 1 25 ? -3.878  8.016   7.113   1.00 58.10  ? 29  U   X P     1 
ATOM   517  O  OP1   . U   A 1 25 ? -2.516  8.396   7.579   1.00 54.86  ? 29  U   X OP1   1 
ATOM   518  O  OP2   . U   A 1 25 ? -4.053  7.171   5.906   1.00 54.39  ? 29  U   X OP2   1 
ATOM   519  O  "O5'" . U   A 1 25 ? -4.602  7.329   8.359   1.00 58.89  ? 29  U   X "O5'" 1 
ATOM   520  C  "C5'" . U   A 1 25 ? -4.278  7.742   9.679   1.00 58.52  ? 29  U   X "C5'" 1 
ATOM   521  C  "C4'" . U   A 1 25 ? -5.103  7.040   10.730  1.00 59.73  ? 29  U   X "C4'" 1 
ATOM   522  O  "O4'" . U   A 1 25 ? -6.519  7.171   10.448  1.00 60.72  ? 29  U   X "O4'" 1 
ATOM   523  C  "C3'" . U   A 1 25 ? -4.907  5.544   10.874  1.00 60.91  ? 29  U   X "C3'" 1 
ATOM   524  O  "O3'" . U   A 1 25 ? -3.716  5.206   11.562  1.00 62.54  ? 29  U   X "O3'" 1 
ATOM   525  C  "C2'" . U   A 1 25 ? -6.179  5.132   11.605  1.00 60.18  ? 29  U   X "C2'" 1 
ATOM   526  O  "O2'" . U   A 1 25 ? -6.101  5.485   12.977  1.00 62.21  ? 29  U   X "O2'" 1 
ATOM   527  C  "C1'" . U   A 1 25 ? -7.209  6.043   10.944  1.00 56.82  ? 29  U   X "C1'" 1 
ATOM   528  N  N1    . U   A 1 25 ? -7.881  5.370   9.817   1.00 60.55  ? 29  U   X N1    1 
ATOM   529  C  C2    . U   A 1 25 ? -8.855  4.453   10.133  1.00 59.57  ? 29  U   X C2    1 
ATOM   530  O  O2    . U   A 1 25 ? -9.163  4.202   11.281  1.00 59.80  ? 29  U   X O2    1 
ATOM   531  N  N3    . U   A 1 25 ? -9.447  3.844   9.060   1.00 59.32  ? 29  U   X N3    1 
ATOM   532  C  C4    . U   A 1 25 ? -9.163  4.065   7.729   1.00 61.36  ? 29  U   X C4    1 
ATOM   533  O  O4    . U   A 1 25 ? -9.783  3.439   6.869   1.00 62.41  ? 29  U   X O4    1 
ATOM   534  C  C5    . U   A 1 25 ? -8.139  5.031   7.480   1.00 60.06  ? 29  U   X C5    1 
ATOM   535  C  C6    . U   A 1 25 ? -7.545  5.635   8.512   1.00 61.38  ? 29  U   X C6    1 
ATOM   536  P  P     . U   A 1 26 ? -3.006  3.783   11.314  1.00 64.51  ? 30  U   X P     1 
ATOM   537  O  OP1   . U   A 1 26 ? -1.610  3.917   11.832  1.00 61.21  ? 30  U   X OP1   1 
ATOM   538  O  OP2   . U   A 1 26 ? -3.231  3.327   9.918   1.00 58.58  ? 30  U   X OP2   1 
ATOM   539  O  "O5'" . U   A 1 26 ? -3.851  2.788   12.217  1.00 55.98  ? 30  U   X "O5'" 1 
ATOM   540  C  "C5'" . U   A 1 26 ? -4.123  3.112   13.564  1.00 59.13  ? 30  U   X "C5'" 1 
ATOM   541  C  "C4'" . U   A 1 26 ? -5.176  2.209   14.139  1.00 60.69  ? 30  U   X "C4'" 1 
ATOM   542  O  "O4'" . U   A 1 26 ? -6.473  2.497   13.545  1.00 59.96  ? 30  U   X "O4'" 1 
ATOM   543  C  "C3'" . U   A 1 26 ? -5.001  0.719   13.890  1.00 60.49  ? 30  U   X "C3'" 1 
ATOM   544  O  "O3'" . U   A 1 26 ? -3.991  0.113   14.681  1.00 60.85  ? 30  U   X "O3'" 1 
ATOM   545  C  "C2'" . U   A 1 26 ? -6.404  0.203   14.163  1.00 62.21  ? 30  U   X "C2'" 1 
ATOM   546  O  "O2'" . U   A 1 26 ? -6.664  0.202   15.563  1.00 59.81  ? 30  U   X "O2'" 1 
ATOM   547  C  "C1'" . U   A 1 26 ? -7.246  1.310   13.509  1.00 61.08  ? 30  U   X "C1'" 1 
ATOM   548  N  N1    . U   A 1 26 ? -7.565  0.984   12.096  1.00 56.82  ? 30  U   X N1    1 
ATOM   549  C  C2    . U   A 1 26 ? -8.515  0.000   11.874  1.00 56.64  ? 30  U   X C2    1 
ATOM   550  O  O2    . U   A 1 26 ? -9.098  -0.568  12.786  1.00 56.05  ? 30  U   X O2    1 
ATOM   551  N  N3    . U   A 1 26 ? -8.766  -0.299  10.554  1.00 51.66  ? 30  U   X N3    1 
ATOM   552  C  C4    . U   A 1 26 ? -8.176  0.282   9.454   1.00 53.88  ? 30  U   X C4    1 
ATOM   553  O  O4    . U   A 1 26 ? -8.518  -0.082  8.323   1.00 53.73  ? 30  U   X O4    1 
ATOM   554  C  C5    . U   A 1 26 ? -7.200  1.285   9.765   1.00 54.86  ? 30  U   X C5    1 
ATOM   555  C  C6    . U   A 1 26 ? -6.931  1.590   11.040  1.00 55.16  ? 30  U   X C6    1 
ATOM   556  P  P     . A   A 1 27 ? -3.034  -1.017  14.041  1.00 65.34  ? 31  A   X P     1 
ATOM   557  O  OP1   . A   A 1 27 ? -1.817  -1.145  14.880  1.00 64.93  ? 31  A   X OP1   1 
ATOM   558  O  OP2   . A   A 1 27 ? -2.871  -0.742  12.586  1.00 57.55  ? 31  A   X OP2   1 
ATOM   559  O  "O5'" . A   A 1 27 ? -3.860  -2.365  14.246  1.00 57.12  ? 31  A   X "O5'" 1 
ATOM   560  C  "C5'" . A   A 1 27 ? -4.431  -2.674  15.507  1.00 55.95  ? 31  A   X "C5'" 1 
ATOM   561  C  "C4'" . A   A 1 27 ? -5.614  -3.597  15.364  1.00 58.40  ? 31  A   X "C4'" 1 
ATOM   562  O  "O4'" . A   A 1 27 ? -6.681  -2.941  14.635  1.00 59.44  ? 31  A   X "O4'" 1 
ATOM   563  C  "C3'" . A   A 1 27 ? -5.374  -4.865  14.572  1.00 57.86  ? 31  A   X "C3'" 1 
ATOM   564  O  "O3'" . A   A 1 27 ? -4.702  -5.859  15.309  1.00 61.88  ? 31  A   X "O3'" 1 
ATOM   565  C  "C2'" . A   A 1 27 ? -6.781  -5.261  14.163  1.00 55.76  ? 31  A   X "C2'" 1 
ATOM   566  O  "O2'" . A   A 1 27 ? -7.462  -5.841  15.269  1.00 56.58  ? 31  A   X "O2'" 1 
ATOM   567  C  "C1'" . A   A 1 27 ? -7.391  -3.893  13.870  1.00 53.88  ? 31  A   X "C1'" 1 
ATOM   568  N  N9    . A   A 1 27 ? -7.265  -3.521  12.450  1.00 50.50  ? 31  A   X N9    1 
ATOM   569  C  C8    . A   A 1 27 ? -6.380  -2.634  11.901  1.00 52.44  ? 31  A   X C8    1 
ATOM   570  N  N7    . A   A 1 27 ? -6.502  -2.501  10.601  1.00 52.17  ? 31  A   X N7    1 
ATOM   571  C  C5    . A   A 1 27 ? -7.551  -3.352  10.279  1.00 48.92  ? 31  A   X C5    1 
ATOM   572  C  C6    . A   A 1 27 ? -8.175  -3.665  9.063   1.00 47.58  ? 31  A   X C6    1 
ATOM   573  N  N6    . A   A 1 27 ? -7.827  -3.130  7.898   1.00 45.25  ? 31  A   X N6    1 
ATOM   574  N  N1    . A   A 1 27 ? -9.186  -4.556  9.080   1.00 48.42  ? 31  A   X N1    1 
ATOM   575  C  C2    . A   A 1 27 ? -9.542  -5.089  10.254  1.00 49.71  ? 31  A   X C2    1 
ATOM   576  N  N3    . A   A 1 27 ? -9.031  -4.878  11.466  1.00 51.57  ? 31  A   X N3    1 
ATOM   577  C  C4    . A   A 1 27 ? -8.027  -3.987  11.409  1.00 49.68  ? 31  A   X C4    1 
ATOM   578  P  P     . A   A 1 28 ? -3.703  -6.847  14.545  1.00 61.66  ? 32  A   X P     1 
ATOM   579  O  OP1   . A   A 1 28 ? -2.829  -7.447  15.588  1.00 65.35  ? 32  A   X OP1   1 
ATOM   580  O  OP2   . A   A 1 28 ? -3.106  -6.131  13.373  1.00 54.13  ? 32  A   X OP2   1 
ATOM   581  O  "O5'" . A   A 1 28 ? -4.680  -7.956  13.964  1.00 56.75  ? 32  A   X "O5'" 1 
ATOM   582  C  "C5'" . A   A 1 28 ? -5.592  -8.636  14.807  1.00 53.24  ? 32  A   X "C5'" 1 
ATOM   583  C  "C4'" . A   A 1 28 ? -6.613  -9.354  13.974  1.00 53.29  ? 32  A   X "C4'" 1 
ATOM   584  O  "O4'" . A   A 1 28 ? -7.421  -8.388  13.257  1.00 55.22  ? 32  A   X "O4'" 1 
ATOM   585  C  "C3'" . A   A 1 28 ? -6.053  -10.234 12.873  1.00 52.63  ? 32  A   X "C3'" 1 
ATOM   586  O  "O3'" . A   A 1 28 ? -5.607  -11.483 13.358  1.00 57.91  ? 32  A   X "O3'" 1 
ATOM   587  C  "C2'" . A   A 1 28 ? -7.226  -10.324 11.910  1.00 51.11  ? 32  A   X "C2'" 1 
ATOM   588  O  "O2'" . A   A 1 28 ? -8.215  -11.211 12.410  1.00 52.57  ? 32  A   X "O2'" 1 
ATOM   589  C  "C1'" . A   A 1 28 ? -7.778  -8.906  11.995  1.00 49.12  ? 32  A   X "C1'" 1 
ATOM   590  N  N9    . A   A 1 28 ? -7.185  -8.046  10.966  1.00 47.68  ? 32  A   X N9    1 
ATOM   591  C  C8    . A   A 1 28 ? -6.148  -7.153  11.091  1.00 49.50  ? 32  A   X C8    1 
ATOM   592  N  N7    . A   A 1 28 ? -5.845  -6.557  9.957   1.00 47.28  ? 32  A   X N7    1 
ATOM   593  C  C5    . A   A 1 28 ? -6.745  -7.103  9.046   1.00 45.49  ? 32  A   X C5    1 
ATOM   594  C  C6    . A   A 1 28 ? -6.948  -6.893  7.676   1.00 47.24  ? 32  A   X C6    1 
ATOM   595  N  N6    . A   A 1 28 ? -6.223  -6.032  6.960   1.00 44.77  ? 32  A   X N6    1 
ATOM   596  N  N1    . A   A 1 28 ? -7.924  -7.605  7.064   1.00 47.94  ? 32  A   X N1    1 
ATOM   597  C  C2    . A   A 1 28 ? -8.646  -8.469  7.795   1.00 47.39  ? 32  A   X C2    1 
ATOM   598  N  N3    . A   A 1 28 ? -8.550  -8.753  9.092   1.00 45.45  ? 32  A   X N3    1 
ATOM   599  C  C4    . A   A 1 28 ? -7.573  -8.026  9.655   1.00 45.32  ? 32  A   X C4    1 
ATOM   600  P  P     . G   A 1 29 ? -4.257  -12.158 12.808  1.00 56.40  ? 33  G   X P     1 
ATOM   601  O  OP1   . G   A 1 29 ? -4.061  -13.284 13.750  1.00 46.99  ? 33  G   X OP1   1 
ATOM   602  O  OP2   . G   A 1 29 ? -3.136  -11.198 12.613  1.00 52.60  ? 33  G   X OP2   1 
ATOM   603  O  "O5'" . G   A 1 29 ? -4.695  -12.722 11.387  1.00 49.09  ? 33  G   X "O5'" 1 
ATOM   604  C  "C5'" . G   A 1 29 ? -5.471  -13.904 11.321  1.00 50.02  ? 33  G   X "C5'" 1 
ATOM   605  C  "C4'" . G   A 1 29 ? -6.232  -14.008 10.032  1.00 48.22  ? 33  G   X "C4'" 1 
ATOM   606  O  "O4'" . G   A 1 29 ? -6.899  -12.749 9.753   1.00 50.71  ? 33  G   X "O4'" 1 
ATOM   607  C  "C3'" . G   A 1 29 ? -5.418  -14.249 8.773   1.00 48.96  ? 33  G   X "C3'" 1 
ATOM   608  O  "O3'" . G   A 1 29 ? -4.921  -15.577 8.642   1.00 47.91  ? 33  G   X "O3'" 1 
ATOM   609  C  "C2'" . G   A 1 29 ? -6.407  -13.812 7.698   1.00 51.38  ? 33  G   X "C2'" 1 
ATOM   610  O  "O2'" . G   A 1 29 ? -7.484  -14.735 7.593   1.00 50.41  ? 33  G   X "O2'" 1 
ATOM   611  C  "C1'" . G   A 1 29 ? -6.966  -12.551 8.348   1.00 49.47  ? 33  G   X "C1'" 1 
ATOM   612  N  N9    . G   A 1 29 ? -6.159  -11.370 7.979   1.00 47.22  ? 33  G   X N9    1 
ATOM   613  C  C8    . G   A 1 29 ? -5.296  -10.631 8.761   1.00 47.18  ? 33  G   X C8    1 
ATOM   614  N  N7    . G   A 1 29 ? -4.719  -9.653  8.105   1.00 45.48  ? 33  G   X N7    1 
ATOM   615  C  C5    . G   A 1 29 ? -5.224  -9.766  6.815   1.00 46.12  ? 33  G   X C5    1 
ATOM   616  C  C6    . G   A 1 29 ? -4.973  -8.993  5.651   1.00 48.56  ? 33  G   X C6    1 
ATOM   617  O  O6    . G   A 1 29 ? -4.228  -8.016  5.511   1.00 49.04  ? 33  G   X O6    1 
ATOM   618  N  N1    . G   A 1 29 ? -5.696  -9.451  4.552   1.00 49.75  ? 33  G   X N1    1 
ATOM   619  C  C2    . G   A 1 29 ? -6.559  -10.513 4.562   1.00 48.01  ? 33  G   X C2    1 
ATOM   620  N  N2    . G   A 1 29 ? -7.148  -10.782 3.387   1.00 46.14  ? 33  G   X N2    1 
ATOM   621  N  N3    . G   A 1 29 ? -6.812  -11.243 5.642   1.00 47.07  ? 33  G   X N3    1 
ATOM   622  C  C4    . G   A 1 29 ? -6.111  -10.819 6.720   1.00 46.80  ? 33  G   X C4    1 
ATOM   623  P  P     . G   A 1 30 ? -3.382  -15.869 8.226   1.00 55.42  ? 34  G   X P     1 
ATOM   624  O  OP1   . G   A 1 30 ? -3.133  -17.251 8.684   1.00 47.37  ? 34  G   X OP1   1 
ATOM   625  O  OP2   . G   A 1 30 ? -2.402  -14.838 8.658   1.00 48.80  ? 34  G   X OP2   1 
ATOM   626  O  "O5'" . G   A 1 30 ? -3.427  -15.842 6.636   1.00 45.40  ? 34  G   X "O5'" 1 
ATOM   627  C  "C5'" . G   A 1 30 ? -4.529  -16.433 5.977   1.00 44.68  ? 34  G   X "C5'" 1 
ATOM   628  C  "C4'" . G   A 1 30 ? -4.763  -15.821 4.628   1.00 47.72  ? 34  G   X "C4'" 1 
ATOM   629  O  "O4'" . G   A 1 30 ? -5.181  -14.438 4.750   1.00 50.32  ? 34  G   X "O4'" 1 
ATOM   630  C  "C3'" . G   A 1 30 ? -3.563  -15.750 3.721   1.00 47.17  ? 34  G   X "C3'" 1 
ATOM   631  O  "O3'" . G   A 1 30 ? -3.276  -17.004 3.138   1.00 49.35  ? 34  G   X "O3'" 1 
ATOM   632  C  "C2'" . G   A 1 30 ? -3.993  -14.682 2.720   1.00 46.64  ? 34  G   X "C2'" 1 
ATOM   633  O  "O2'" . G   A 1 30 ? -4.946  -15.208 1.813   1.00 42.30  ? 34  G   X "O2'" 1 
ATOM   634  C  "C1'" . G   A 1 30 ? -4.724  -13.707 3.633   1.00 45.63  ? 34  G   X "C1'" 1 
ATOM   635  N  N9    . G   A 1 30 ? -3.846  -12.619 4.098   1.00 48.65  ? 34  G   X N9    1 
ATOM   636  C  C8    . G   A 1 30 ? -3.365  -12.376 5.367   1.00 46.54  ? 34  G   X C8    1 
ATOM   637  N  N7    . G   A 1 30 ? -2.623  -11.302 5.438   1.00 44.15  ? 34  G   X N7    1 
ATOM   638  C  C5    . G   A 1 30 ? -2.620  -10.812 4.142   1.00 46.39  ? 34  G   X C5    1 
ATOM   639  C  C6    . G   A 1 30 ? -1.981  -9.671  3.603   1.00 47.61  ? 34  G   X C6    1 
ATOM   640  O  O6    . G   A 1 30 ? -1.261  -8.851  4.195   1.00 46.38  ? 34  G   X O6    1 
ATOM   641  N  N1    . G   A 1 30 ? -2.246  -9.547  2.237   1.00 47.75  ? 34  G   X N1    1 
ATOM   642  C  C2    . G   A 1 30 ? -3.026  -10.413 1.496   1.00 47.94  ? 34  G   X C2    1 
ATOM   643  N  N2    . G   A 1 30 ? -3.174  -10.128 0.194   1.00 47.85  ? 34  G   X N2    1 
ATOM   644  N  N3    . G   A 1 30 ? -3.627  -11.481 1.987   1.00 45.98  ? 34  G   X N3    1 
ATOM   645  C  C4    . G   A 1 30 ? -3.375  -11.609 3.305   1.00 47.89  ? 34  G   X C4    1 
ATOM   646  P  P     . G   A 1 31 ? -1.763  -17.503 2.979   1.00 46.45  ? 35  G   X P     1 
ATOM   647  O  OP1   . G   A 1 31 ? -1.921  -18.843 2.356   1.00 54.13  ? 35  G   X OP1   1 
ATOM   648  O  OP2   . G   A 1 31 ? -0.976  -17.359 4.236   1.00 41.94  ? 35  G   X OP2   1 
ATOM   649  O  "O5'" . G   A 1 31 ? -1.169  -16.510 1.897   1.00 41.14  ? 35  G   X "O5'" 1 
ATOM   650  C  "C5'" . G   A 1 31 ? -1.816  -16.352 0.651   1.00 43.47  ? 35  G   X "C5'" 1 
ATOM   651  C  "C4'" . G   A 1 31 ? -1.189  -15.231 -0.119  1.00 44.80  ? 35  G   X "C4'" 1 
ATOM   652  O  "O4'" . G   A 1 31 ? -1.594  -13.969 0.454   1.00 52.11  ? 35  G   X "O4'" 1 
ATOM   653  C  "C3'" . G   A 1 31 ? 0.325   -15.175 -0.070  1.00 45.99  ? 35  G   X "C3'" 1 
ATOM   654  O  "O3'" . G   A 1 31 ? 0.920   -16.078 -0.977  1.00 51.20  ? 35  G   X "O3'" 1 
ATOM   655  C  "C2'" . G   A 1 31 ? 0.594   -13.724 -0.404  1.00 47.68  ? 35  G   X "C2'" 1 
ATOM   656  O  "O2'" . G   A 1 31 ? 0.359   -13.515 -1.788  1.00 46.47  ? 35  G   X "O2'" 1 
ATOM   657  C  "C1'" . G   A 1 31 ? -0.532  -13.044 0.367   1.00 49.46  ? 35  G   X "C1'" 1 
ATOM   658  N  N9    . G   A 1 31 ? -0.131  -12.667 1.737   1.00 48.11  ? 35  G   X N9    1 
ATOM   659  C  C8    . G   A 1 31 ? -0.308  -13.391 2.890   1.00 45.41  ? 35  G   X C8    1 
ATOM   660  N  N7    . G   A 1 31 ? 0.145   -12.788 3.955   1.00 42.66  ? 35  G   X N7    1 
ATOM   661  C  C5    . G   A 1 31 ? 0.643   -11.589 3.481   1.00 43.92  ? 35  G   X C5    1 
ATOM   662  C  C6    . G   A 1 31 ? 1.260   -10.517 4.169   1.00 44.26  ? 35  G   X C6    1 
ATOM   663  O  O6    . G   A 1 31 ? 1.491   -10.416 5.377   1.00 43.26  ? 35  G   X O6    1 
ATOM   664  N  N1    . G   A 1 31 ? 1.618   -9.483  3.309   1.00 44.15  ? 35  G   X N1    1 
ATOM   665  C  C2    . G   A 1 31 ? 1.408   -9.483  1.954   1.00 46.35  ? 35  G   X C2    1 
ATOM   666  N  N2    . G   A 1 31 ? 1.830   -8.395  1.292   1.00 46.91  ? 35  G   X N2    1 
ATOM   667  N  N3    . G   A 1 31 ? 0.833   -10.479 1.294   1.00 47.72  ? 35  G   X N3    1 
ATOM   668  C  C4    . G   A 1 31 ? 0.478   -11.493 2.117   1.00 47.91  ? 35  G   X C4    1 
ATOM   669  P  P     . C   A 1 32 ? 2.433   -16.572 -0.786  1.00 47.19  ? 36  C   X P     1 
ATOM   670  O  OP1   . C   A 1 32 ? 3.330   -15.383 -0.816  1.00 50.83  ? 36  C   X OP1   1 
ATOM   671  O  OP2   . C   A 1 32 ? 2.592   -17.716 -1.722  1.00 51.92  ? 36  C   X OP2   1 
ATOM   672  O  "O5'" . C   A 1 32 ? 2.486   -17.152 0.687   1.00 51.07  ? 36  C   X "O5'" 1 
ATOM   673  C  "C5'" . C   A 1 32 ? 1.613   -18.193 1.069   1.00 54.10  ? 36  C   X "C5'" 1 
ATOM   674  C  "C4'" . C   A 1 32 ? 2.275   -19.084 2.070   1.00 59.88  ? 36  C   X "C4'" 1 
ATOM   675  O  "O4'" . C   A 1 32 ? 1.459   -20.274 2.253   1.00 66.33  ? 36  C   X "O4'" 1 
ATOM   676  C  "C3'" . C   A 1 32 ? 3.634   -19.614 1.639   1.00 66.46  ? 36  C   X "C3'" 1 
ATOM   677  O  "O3'" . C   A 1 32 ? 4.687   -18.698 1.908   1.00 66.22  ? 36  C   X "O3'" 1 
ATOM   678  C  "C2'" . C   A 1 32 ? 3.722   -20.927 2.398   1.00 67.54  ? 36  C   X "C2'" 1 
ATOM   679  O  "O2'" . C   A 1 32 ? 3.988   -20.666 3.768   1.00 69.86  ? 36  C   X "O2'" 1 
ATOM   680  C  "C1'" . C   A 1 32 ? 2.279   -21.418 2.284   1.00 71.60  ? 36  C   X "C1'" 1 
ATOM   681  N  N1    . C   A 1 32 ? 2.035   -22.165 1.023   1.00 77.74  ? 36  C   X N1    1 
ATOM   682  C  C2    . C   A 1 32 ? 2.360   -23.529 0.908   1.00 82.06  ? 36  C   X C2    1 
ATOM   683  O  O2    . C   A 1 32 ? 2.870   -24.124 1.879   1.00 79.14  ? 36  C   X O2    1 
ATOM   684  N  N3    . C   A 1 32 ? 2.108   -24.158 -0.281  1.00 84.68  ? 36  C   X N3    1 
ATOM   685  C  C4    . C   A 1 32 ? 1.558   -23.497 -1.320  1.00 84.80  ? 36  C   X C4    1 
ATOM   686  N  N4    . C   A 1 32 ? 1.323   -24.149 -2.472  1.00 79.82  ? 36  C   X N4    1 
ATOM   687  C  C5    . C   A 1 32 ? 1.215   -22.117 -1.216  1.00 78.33  ? 36  C   X C5    1 
ATOM   688  C  C6    . C   A 1 32 ? 1.468   -21.515 -0.051  1.00 75.93  ? 36  C   X C6    1 
ATOM   689  P  P     . A   A 1 33 ? 6.197   -19.028 1.461   1.00 56.62  ? 37  A   X P     1 
ATOM   690  O  OP1   . A   A 1 33 ? 6.824   -17.786 0.940   1.00 53.80  ? 37  A   X OP1   1 
ATOM   691  O  OP2   . A   A 1 33 ? 6.092   -20.199 0.562   1.00 61.45  ? 37  A   X OP2   1 
ATOM   692  O  "O5'" . A   A 1 33 ? 6.931   -19.379 2.834   1.00 43.92  ? 37  A   X "O5'" 1 
ATOM   693  C  "C5'" . A   A 1 33 ? 6.948   -18.441 3.910   1.00 44.42  ? 37  A   X "C5'" 1 
ATOM   694  C  "C4'" . A   A 1 33 ? 7.555   -19.032 5.161   1.00 45.70  ? 37  A   X "C4'" 1 
ATOM   695  O  "O4'" . A   A 1 33 ? 8.944   -19.408 4.929   1.00 44.28  ? 37  A   X "O4'" 1 
ATOM   696  C  "C3'" . A   A 1 33 ? 7.633   -18.141 6.394   1.00 43.64  ? 37  A   X "C3'" 1 
ATOM   697  O  "O3'" . A   A 1 33 ? 6.386   -17.999 7.065   1.00 42.44  ? 37  A   X "O3'" 1 
ATOM   698  C  "C2'" . A   A 1 33 ? 8.700   -18.861 7.220   1.00 40.55  ? 37  A   X "C2'" 1 
ATOM   699  O  "O2'" . A   A 1 33 ? 8.173   -20.055 7.788   1.00 37.55  ? 37  A   X "O2'" 1 
ATOM   700  C  "C1'" . A   A 1 33 ? 9.685   -19.274 6.125   1.00 38.77  ? 37  A   X "C1'" 1 
ATOM   701  N  N9    . A   A 1 33 ? 10.727  -18.253 5.919   1.00 34.20  ? 37  A   X N9    1 
ATOM   702  C  C8    . A   A 1 33 ? 11.014  -17.590 4.764   1.00 35.26  ? 37  A   X C8    1 
ATOM   703  N  N7    . A   A 1 33 ? 11.985  -16.717 4.897   1.00 36.89  ? 37  A   X N7    1 
ATOM   704  C  C5    . A   A 1 33 ? 12.359  -16.805 6.223   1.00 32.87  ? 37  A   X C5    1 
ATOM   705  C  C6    . A   A 1 33 ? 13.321  -16.129 6.984   1.00 33.11  ? 37  A   X C6    1 
ATOM   706  N  N6    . A   A 1 33 ? 14.143  -15.199 6.511   1.00 38.03  ? 37  A   X N6    1 
ATOM   707  N  N1    . A   A 1 33 ? 13.454  -16.449 8.278   1.00 35.66  ? 37  A   X N1    1 
ATOM   708  C  C2    . A   A 1 33 ? 12.647  -17.394 8.762   1.00 39.35  ? 37  A   X C2    1 
ATOM   709  N  N3    . A   A 1 33 ? 11.692  -18.091 8.147   1.00 40.49  ? 37  A   X N3    1 
ATOM   710  C  C4    . A   A 1 33 ? 11.596  -17.750 6.857   1.00 34.93  ? 37  A   X C4    1 
ATOM   711  P  P     . A   A 1 34 ? 5.836   -16.556 7.528   1.00 51.73  ? 38  A   X P     1 
ATOM   712  O  OP1   . A   A 1 34 ? 4.574   -16.809 8.276   1.00 51.62  ? 38  A   X OP1   1 
ATOM   713  O  OP2   . A   A 1 34 ? 5.807   -15.611 6.372   1.00 41.69  ? 38  A   X OP2   1 
ATOM   714  O  "O5'" . A   A 1 34 ? 6.925   -16.030 8.565   1.00 44.81  ? 38  A   X "O5'" 1 
ATOM   715  C  "C5'" . A   A 1 34 ? 7.045   -16.595 9.860   1.00 42.71  ? 38  A   X "C5'" 1 
ATOM   716  C  "C4'" . A   A 1 34 ? 8.278   -16.069 10.551  1.00 44.84  ? 38  A   X "C4'" 1 
ATOM   717  O  "O4'" . A   A 1 34 ? 9.445   -16.336 9.722   1.00 44.43  ? 38  A   X "O4'" 1 
ATOM   718  C  "C3'" . A   A 1 34 ? 8.325   -14.561 10.779  1.00 44.41  ? 38  A   X "C3'" 1 
ATOM   719  O  "O3'" . A   A 1 34 ? 7.651   -14.163 11.954  1.00 50.51  ? 38  A   X "O3'" 1 
ATOM   720  C  "C2'" . A   A 1 34 ? 9.819   -14.294 10.853  1.00 43.31  ? 38  A   X "C2'" 1 
ATOM   721  O  "O2'" . A   A 1 34 ? 10.336  -14.738 12.098  1.00 40.17  ? 38  A   X "O2'" 1 
ATOM   722  C  "C1'" . A   A 1 34 ? 10.333  -15.240 9.781   1.00 41.03  ? 38  A   X "C1'" 1 
ATOM   723  N  N9    . A   A 1 34 ? 10.372  -14.584 8.464   1.00 37.40  ? 38  A   X N9    1 
ATOM   724  C  C8    . A   A 1 34 ? 9.600   -14.783 7.345   1.00 37.46  ? 38  A   X C8    1 
ATOM   725  N  N7    . A   A 1 34 ? 9.929   -14.003 6.338   1.00 35.93  ? 38  A   X N7    1 
ATOM   726  C  C5    . A   A 1 34 ? 10.974  -13.243 6.847   1.00 37.44  ? 38  A   X C5    1 
ATOM   727  C  C6    . A   A 1 34 ? 11.776  -12.231 6.298   1.00 39.90  ? 38  A   X C6    1 
ATOM   728  N  N6    . A   A 1 34 ? 11.626  -11.786 5.046   1.00 42.59  ? 38  A   X N6    1 
ATOM   729  N  N1    . A   A 1 34 ? 12.748  -11.683 7.077   1.00 35.98  ? 38  A   X N1    1 
ATOM   730  C  C2    . A   A 1 34 ? 12.893  -12.129 8.329   1.00 36.38  ? 38  A   X C2    1 
ATOM   731  N  N3    . A   A 1 34 ? 12.200  -13.078 8.958   1.00 37.40  ? 38  A   X N3    1 
ATOM   732  C  C4    . A   A 1 34 ? 11.255  -13.596 8.150   1.00 38.08  ? 38  A   X C4    1 
ATOM   733  P  P     . U   A 1 35 ? 6.600   -12.954 11.958  1.00 43.38  ? 39  U   X P     1 
ATOM   734  O  OP1   . U   A 1 35 ? 6.127   -12.845 13.365  1.00 41.15  ? 39  U   X OP1   1 
ATOM   735  O  OP2   . U   A 1 35 ? 5.620   -13.208 10.873  1.00 44.35  ? 39  U   X OP2   1 
ATOM   736  O  "O5'" . U   A 1 35 ? 7.452   -11.663 11.564  1.00 45.95  ? 39  U   X "O5'" 1 
ATOM   737  C  "C5'" . U   A 1 35 ? 8.526   -11.177 12.362  1.00 41.76  ? 39  U   X "C5'" 1 
ATOM   738  C  "C4'" . U   A 1 35 ? 9.337   -10.135 11.610  1.00 46.18  ? 39  U   X "C4'" 1 
ATOM   739  O  "O4'" . U   A 1 35 ? 10.056  -10.769 10.512  1.00 44.61  ? 39  U   X "O4'" 1 
ATOM   740  C  "C3'" . U   A 1 35 ? 8.558   -9.008  10.929  1.00 45.92  ? 39  U   X "C3'" 1 
ATOM   741  O  "O3'" . U   A 1 35 ? 8.206   -7.957  11.809  1.00 49.91  ? 39  U   X "O3'" 1 
ATOM   742  C  "C2'" . U   A 1 35 ? 9.513   -8.572  9.829   1.00 43.78  ? 39  U   X "C2'" 1 
ATOM   743  O  "O2'" . U   A 1 35 ? 10.593  -7.835  10.380  1.00 46.71  ? 39  U   X "O2'" 1 
ATOM   744  C  "C1'" . U   A 1 35 ? 10.072  -9.913  9.386   1.00 40.04  ? 39  U   X "C1'" 1 
ATOM   745  N  N1    . U   A 1 35 ? 9.252   -10.531 8.321   1.00 39.47  ? 39  U   X N1    1 
ATOM   746  C  C2    . U   A 1 35 ? 9.482   -10.137 7.030   1.00 41.86  ? 39  U   X C2    1 
ATOM   747  O  O2    . U   A 1 35 ? 10.322  -9.303  6.750   1.00 44.93  ? 39  U   X O2    1 
ATOM   748  N  N3    . U   A 1 35 ? 8.706   -10.744 6.077   1.00 38.85  ? 39  U   X N3    1 
ATOM   749  C  C4    . U   A 1 35 ? 7.726   -11.685 6.278   1.00 39.49  ? 39  U   X C4    1 
ATOM   750  O  O4    . U   A 1 35 ? 7.107   -12.163 5.320   1.00 38.92  ? 39  U   X O4    1 
ATOM   751  C  C5    . U   A 1 35 ? 7.544   -12.031 7.648   1.00 40.94  ? 39  U   X C5    1 
ATOM   752  C  C6    . U   A 1 35 ? 8.292   -11.462 8.590   1.00 40.19  ? 39  U   X C6    1 
ATOM   753  P  P     . A   A 1 36 ? 6.879   -7.080  11.567  1.00 49.59  ? 40  A   X P     1 
ATOM   754  O  OP1   . A   A 1 36 ? 6.898   -6.104  12.686  1.00 50.94  ? 40  A   X OP1   1 
ATOM   755  O  OP2   . A   A 1 36 ? 5.670   -7.915  11.328  1.00 45.30  ? 40  A   X OP2   1 
ATOM   756  O  "O5'" . A   A 1 36 ? 7.166   -6.314  10.201  1.00 49.80  ? 40  A   X "O5'" 1 
ATOM   757  C  "C5'" . A   A 1 36 ? 8.075   -5.229  10.157  1.00 47.58  ? 40  A   X "C5'" 1 
ATOM   758  C  "C4'" . A   A 1 36 ? 8.278   -4.769  8.743   1.00 45.07  ? 40  A   X "C4'" 1 
ATOM   759  O  "O4'" . A   A 1 36 ? 8.626   -5.908  7.927   1.00 47.33  ? 40  A   X "O4'" 1 
ATOM   760  C  "C3'" . A   A 1 36 ? 7.062   -4.187  8.056   1.00 42.16  ? 40  A   X "C3'" 1 
ATOM   761  O  "O3'" . A   A 1 36 ? 6.861   -2.818  8.368   1.00 47.38  ? 40  A   X "O3'" 1 
ATOM   762  C  "C2'" . A   A 1 36 ? 7.371   -4.422  6.591   1.00 41.05  ? 40  A   X "C2'" 1 
ATOM   763  O  "O2'" . A   A 1 36 ? 8.324   -3.472  6.152   1.00 45.20  ? 40  A   X "O2'" 1 
ATOM   764  C  "C1'" . A   A 1 36 ? 8.068   -5.769  6.645   1.00 41.10  ? 40  A   X "C1'" 1 
ATOM   765  N  N9    . A   A 1 36 ? 7.179   -6.917  6.412   1.00 40.81  ? 40  A   X N9    1 
ATOM   766  C  C8    . A   A 1 36 ? 6.754   -7.833  7.338   1.00 42.47  ? 40  A   X C8    1 
ATOM   767  N  N7    . A   A 1 36 ? 6.006   -8.785  6.832   1.00 40.74  ? 40  A   X N7    1 
ATOM   768  C  C5    . A   A 1 36 ? 5.950   -8.482  5.484   1.00 37.98  ? 40  A   X C5    1 
ATOM   769  C  C6    . A   A 1 36 ? 5.316   -9.107  4.399   1.00 40.54  ? 40  A   X C6    1 
ATOM   770  N  N6    . A   A 1 36 ? 4.576   -10.216 4.491   1.00 41.97  ? 40  A   X N6    1 
ATOM   771  N  N1    . A   A 1 36 ? 5.464   -8.552  3.185   1.00 42.65  ? 40  A   X N1    1 
ATOM   772  C  C2    . A   A 1 36 ? 6.197   -7.438  3.082   1.00 42.74  ? 40  A   X C2    1 
ATOM   773  N  N3    . A   A 1 36 ? 6.844   -6.763  4.029   1.00 43.26  ? 40  A   X N3    1 
ATOM   774  C  C4    . A   A 1 36 ? 6.678   -7.346  5.217   1.00 39.53  ? 40  A   X C4    1 
ATOM   775  P  P     . C   A 1 37 ? 5.368   -2.234  8.537   1.00 44.66  ? 41  C   X P     1 
ATOM   776  O  OP1   . C   A 1 37 ? 5.536   -0.809  8.885   1.00 46.88  ? 41  C   X OP1   1 
ATOM   777  O  OP2   . C   A 1 37 ? 4.554   -3.111  9.421   1.00 37.10  ? 41  C   X OP2   1 
ATOM   778  O  "O5'" . C   A 1 37 ? 4.765   -2.319  7.073   1.00 38.24  ? 41  C   X "O5'" 1 
ATOM   779  C  "C5'" . C   A 1 37 ? 5.246   -1.473  6.051   1.00 41.71  ? 41  C   X "C5'" 1 
ATOM   780  C  "C4'" . C   A 1 37 ? 4.680   -1.881  4.723   1.00 43.00  ? 41  C   X "C4'" 1 
ATOM   781  O  "O4'" . C   A 1 37 ? 5.094   -3.238  4.445   1.00 43.88  ? 41  C   X "O4'" 1 
ATOM   782  C  "C3'" . C   A 1 37 ? 3.165   -1.937  4.636   1.00 41.91  ? 41  C   X "C3'" 1 
ATOM   783  O  "O3'" . C   A 1 37 ? 2.583   -0.673  4.380   1.00 43.90  ? 41  C   X "O3'" 1 
ATOM   784  C  "C2'" . C   A 1 37 ? 2.937   -2.941  3.518   1.00 43.37  ? 41  C   X "C2'" 1 
ATOM   785  O  "O2'" . C   A 1 37 ? 3.192   -2.340  2.252   1.00 46.17  ? 41  C   X "O2'" 1 
ATOM   786  C  "C1'" . C   A 1 37 ? 4.062   -3.930  3.782   1.00 42.11  ? 41  C   X "C1'" 1 
ATOM   787  N  N1    . C   A 1 37 ? 3.664   -5.059  4.635   1.00 39.71  ? 41  C   X N1    1 
ATOM   788  C  C2    . C   A 1 37 ? 3.047   -6.156  4.043   1.00 43.04  ? 41  C   X C2    1 
ATOM   789  O  O2    . C   A 1 37 ? 2.803   -6.109  2.826   1.00 44.56  ? 41  C   X O2    1 
ATOM   790  N  N3    . C   A 1 37 ? 2.719   -7.217  4.817   1.00 41.88  ? 41  C   X N3    1 
ATOM   791  C  C4    . C   A 1 37 ? 3.006   -7.192  6.123   1.00 39.50  ? 41  C   X C4    1 
ATOM   792  N  N4    . C   A 1 37 ? 2.673   -8.244  6.864   1.00 39.11  ? 41  C   X N4    1 
ATOM   793  C  C5    . C   A 1 37 ? 3.652   -6.089  6.743   1.00 39.66  ? 41  C   X C5    1 
ATOM   794  C  C6    . C   A 1 37 ? 3.970   -5.055  5.961   1.00 40.01  ? 41  C   X C6    1 
ATOM   795  P  P     . A   A 1 38 ? 1.854   0.146   5.554   1.00 47.90  ? 42  A   X P     1 
ATOM   796  O  OP1   . A   A 1 38 ? 1.311   -0.793  6.569   1.00 46.76  ? 42  A   X OP1   1 
ATOM   797  O  OP2   . A   A 1 38 ? 0.969   1.148   4.904   1.00 51.54  ? 42  A   X OP2   1 
ATOM   798  O  "O5'" . A   A 1 38 ? 3.027   0.961   6.235   1.00 45.58  ? 42  A   X "O5'" 1 
ATOM   799  C  "C5'" . A   A 1 38 ? 3.679   1.995   5.525   1.00 48.15  ? 42  A   X "C5'" 1 
ATOM   800  C  "C4'" . A   A 1 38 ? 4.791   2.588   6.345   1.00 49.79  ? 42  A   X "C4'" 1 
ATOM   801  O  "O4'" . A   A 1 38 ? 6.059   2.039   5.903   1.00 46.73  ? 42  A   X "O4'" 1 
ATOM   802  C  "C3'" . A   A 1 38 ? 4.970   4.085   6.205   1.00 51.54  ? 42  A   X "C3'" 1 
ATOM   803  O  "O3'" . A   A 1 38 ? 4.080   4.824   7.021   1.00 51.89  ? 42  A   X "O3'" 1 
ATOM   804  C  "C2'" . A   A 1 38 ? 6.434   4.273   6.564   1.00 50.70  ? 42  A   X "C2'" 1 
ATOM   805  O  "O2'" . A   A 1 38 ? 6.603   4.179   7.967   1.00 51.72  ? 42  A   X "O2'" 1 
ATOM   806  C  "C1'" . A   A 1 38 ? 7.049   3.036   5.928   1.00 45.19  ? 42  A   X "C1'" 1 
ATOM   807  N  N9    . A   A 1 38 ? 7.476   3.275   4.543   1.00 47.64  ? 42  A   X N9    1 
ATOM   808  C  C8    . A   A 1 38 ? 6.923   2.769   3.393   1.00 48.91  ? 42  A   X C8    1 
ATOM   809  N  N7    . A   A 1 38 ? 7.536   3.150   2.295   1.00 50.76  ? 42  A   X N7    1 
ATOM   810  C  C5    . A   A 1 38 ? 8.565   3.958   2.761   1.00 53.98  ? 42  A   X C5    1 
ATOM   811  C  C6    . A   A 1 38 ? 9.583   4.677   2.101   1.00 55.13  ? 42  A   X C6    1 
ATOM   812  N  N6    . A   A 1 38 ? 9.748   4.707   0.776   1.00 54.62  ? 42  A   X N6    1 
ATOM   813  N  N1    . A   A 1 38 ? 10.446  5.378   2.865   1.00 54.84  ? 42  A   X N1    1 
ATOM   814  C  C2    . A   A 1 38 ? 10.282  5.353   4.198   1.00 54.67  ? 42  A   X C2    1 
ATOM   815  N  N3    . A   A 1 38 ? 9.368   4.729   4.941   1.00 49.10  ? 42  A   X N3    1 
ATOM   816  C  C4    . A   A 1 38 ? 8.536   4.040   4.146   1.00 51.19  ? 42  A   X C4    1 
ATOM   817  P  P     . U   A 1 39 ? 3.336   6.124   6.428   1.00 59.61  ? 43  U   X P     1 
ATOM   818  O  OP1   . U   A 1 39 ? 2.736   6.850   7.581   1.00 59.54  ? 43  U   X OP1   1 
ATOM   819  O  OP2   . U   A 1 39 ? 2.470   5.719   5.282   1.00 57.45  ? 43  U   X OP2   1 
ATOM   820  O  "O5'" . U   A 1 39 ? 4.512   7.002   5.808   1.00 49.51  ? 43  U   X "O5'" 1 
ATOM   821  C  "C5'" . U   A 1 39 ? 5.429   7.688   6.638   1.00 51.72  ? 43  U   X "C5'" 1 
ATOM   822  C  "C4'" . U   A 1 39 ? 6.502   8.333   5.810   1.00 53.40  ? 43  U   X "C4'" 1 
ATOM   823  O  "O4'" . U   A 1 39 ? 7.171   7.311   5.032   1.00 56.84  ? 43  U   X "O4'" 1 
ATOM   824  C  "C3'" . U   A 1 39 ? 6.022   9.321   4.761   1.00 56.67  ? 43  U   X "C3'" 1 
ATOM   825  O  "O3'" . U   A 1 39 ? 5.716   10.602  5.281   1.00 58.77  ? 43  U   X "O3'" 1 
ATOM   826  C  "C2'" . U   A 1 39 ? 7.162   9.299   3.752   1.00 57.98  ? 43  U   X "C2'" 1 
ATOM   827  O  "O2'" . U   A 1 39 ? 8.295   9.999   4.245   1.00 62.38  ? 43  U   X "O2'" 1 
ATOM   828  C  "C1'" . U   A 1 39 ? 7.514   7.819   3.756   1.00 56.95  ? 43  U   X "C1'" 1 
ATOM   829  N  N1    . U   A 1 39 ? 6.764   7.071   2.722   1.00 55.60  ? 43  U   X N1    1 
ATOM   830  C  C2    . U   A 1 39 ? 7.319   7.061   1.464   1.00 54.70  ? 43  U   X C2    1 
ATOM   831  O  O2    . U   A 1 39 ? 8.366   7.645   1.224   1.00 55.56  ? 43  U   X O2    1 
ATOM   832  N  N3    . U   A 1 39 ? 6.605   6.349   0.529   1.00 51.52  ? 43  U   X N3    1 
ATOM   833  C  C4    . U   A 1 39 ? 5.423   5.670   0.740   1.00 48.91  ? 43  U   X C4    1 
ATOM   834  O  O4    . U   A 1 39 ? 4.891   5.073   -0.192  1.00 52.12  ? 43  U   X O4    1 
ATOM   835  C  C5    . U   A 1 39 ? 4.912   5.728   2.067   1.00 47.32  ? 43  U   X C5    1 
ATOM   836  C  C6    . U   A 1 39 ? 5.585   6.409   2.990   1.00 52.40  ? 43  U   X C6    1 
ATOM   837  P  P     . A   A 1 40 ? 4.496   11.444  4.659   1.00 64.76  ? 44  A   X P     1 
ATOM   838  O  OP1   . A   A 1 40 ? 4.426   12.677  5.480   1.00 65.99  ? 44  A   X OP1   1 
ATOM   839  O  OP2   . A   A 1 40 ? 3.254   10.629  4.544   1.00 51.03  ? 44  A   X OP2   1 
ATOM   840  O  "O5'" . A   A 1 40 ? 5.019   11.811  3.198   1.00 52.03  ? 44  A   X "O5'" 1 
ATOM   841  C  "C5'" . A   A 1 40 ? 6.144   12.652  3.046   1.00 48.39  ? 44  A   X "C5'" 1 
ATOM   842  C  "C4'" . A   A 1 40 ? 6.711   12.589  1.653   1.00 51.98  ? 44  A   X "C4'" 1 
ATOM   843  O  "O4'" . A   A 1 40 ? 7.071   11.229  1.313   1.00 58.91  ? 44  A   X "O4'" 1 
ATOM   844  C  "C3'" . A   A 1 40 ? 5.811   13.004  0.507   1.00 50.14  ? 44  A   X "C3'" 1 
ATOM   845  O  "O3'" . A   A 1 40 ? 5.662   14.404  0.398   1.00 57.46  ? 44  A   X "O3'" 1 
ATOM   846  C  "C2'" . A   A 1 40 ? 6.532   12.393  -0.681  1.00 50.47  ? 44  A   X "C2'" 1 
ATOM   847  O  "O2'" . A   A 1 40 ? 7.684   13.157  -0.997  1.00 48.11  ? 44  A   X "O2'" 1 
ATOM   848  C  "C1'" . A   A 1 40 ? 6.989   11.060  -0.089  1.00 55.74  ? 44  A   X "C1'" 1 
ATOM   849  N  N9    . A   A 1 40 ? 6.019   9.994   -0.394  1.00 56.23  ? 44  A   X N9    1 
ATOM   850  C  C8    . A   A 1 40 ? 5.032   9.448   0.398   1.00 53.45  ? 44  A   X C8    1 
ATOM   851  N  N7    . A   A 1 40 ? 4.320   8.528   -0.216  1.00 50.06  ? 44  A   X N7    1 
ATOM   852  C  C5    . A   A 1 40 ? 4.873   8.478   -1.492  1.00 52.38  ? 44  A   X C5    1 
ATOM   853  C  C6    . A   A 1 40 ? 4.570   7.712   -2.633  1.00 52.11  ? 44  A   X C6    1 
ATOM   854  N  N6    . A   A 1 40 ? 3.591   6.806   -2.670  1.00 48.83  ? 44  A   X N6    1 
ATOM   855  N  N1    . A   A 1 40 ? 5.312   7.922   -3.748  1.00 53.30  ? 44  A   X N1    1 
ATOM   856  C  C2    . A   A 1 40 ? 6.289   8.841   -3.714  1.00 52.04  ? 44  A   X C2    1 
ATOM   857  N  N3    . A   A 1 40 ? 6.668   9.622   -2.704  1.00 50.04  ? 44  A   X N3    1 
ATOM   858  C  C4    . A   A 1 40 ? 5.913   9.382   -1.616  1.00 52.32  ? 44  A   X C4    1 
ATOM   859  P  P     . G   A 1 41 ? 4.354   15.045  -0.294  1.00 63.17  ? 45  G   X P     1 
ATOM   860  O  OP1   . G   A 1 41 ? 4.471   16.490  0.024   1.00 63.18  ? 45  G   X OP1   1 
ATOM   861  O  OP2   . G   A 1 41 ? 3.104   14.286  0.015   1.00 48.27  ? 45  G   X OP2   1 
ATOM   862  O  "O5'" . G   A 1 41 ? 4.598   14.862  -1.856  1.00 54.23  ? 45  G   X "O5'" 1 
ATOM   863  C  "C5'" . G   A 1 41 ? 5.752   15.401  -2.466  1.00 51.30  ? 45  G   X "C5'" 1 
ATOM   864  C  "C4'" . G   A 1 41 ? 5.955   14.817  -3.834  1.00 54.68  ? 45  G   X "C4'" 1 
ATOM   865  O  "O4'" . G   A 1 41 ? 6.191   13.386  -3.745  1.00 55.42  ? 45  G   X "O4'" 1 
ATOM   866  C  "C3'" . G   A 1 41 ? 4.788   14.901  -4.801  1.00 57.32  ? 45  G   X "C3'" 1 
ATOM   867  O  "O3'" . G   A 1 41 ? 4.577   16.190  -5.339  1.00 60.31  ? 45  G   X "O3'" 1 
ATOM   868  C  "C2'" . G   A 1 41 ? 5.195   13.874  -5.837  1.00 55.33  ? 45  G   X "C2'" 1 
ATOM   869  O  "O2'" . G   A 1 41 ? 6.266   14.382  -6.618  1.00 51.38  ? 45  G   X "O2'" 1 
ATOM   870  C  "C1'" . G   A 1 41 ? 5.729   12.765  -4.931  1.00 53.38  ? 45  G   X "C1'" 1 
ATOM   871  N  N9    . G   A 1 41 ? 4.636   11.828  -4.611  1.00 54.13  ? 45  G   X N9    1 
ATOM   872  C  C8    . G   A 1 41 ? 3.842   11.701  -3.492  1.00 51.92  ? 45  G   X C8    1 
ATOM   873  N  N7    . G   A 1 41 ? 2.940   10.749  -3.621  1.00 48.86  ? 45  G   X N7    1 
ATOM   874  C  C5    . G   A 1 41 ? 3.135   10.244  -4.904  1.00 50.78  ? 45  G   X C5    1 
ATOM   875  C  C6    . G   A 1 41 ? 2.479   9.214   -5.634  1.00 50.28  ? 45  G   X C6    1 
ATOM   876  O  O6    . G   A 1 41 ? 1.538   8.500   -5.284  1.00 49.17  ? 45  G   X O6    1 
ATOM   877  N  N1    . G   A 1 41 ? 3.020   9.039   -6.904  1.00 50.29  ? 45  G   X N1    1 
ATOM   878  C  C2    . G   A 1 41 ? 4.072   9.762   -7.412  1.00 54.31  ? 45  G   X C2    1 
ATOM   879  N  N2    . G   A 1 41 ? 4.484   9.466   -8.654  1.00 57.03  ? 45  G   X N2    1 
ATOM   880  N  N3    . G   A 1 41 ? 4.691   10.720  -6.751  1.00 55.27  ? 45  G   X N3    1 
ATOM   881  C  C4    . G   A 1 41 ? 4.173   10.907  -5.519  1.00 54.37  ? 45  G   X C4    1 
ATOM   882  P  P     . A   A 1 42 ? 3.181   16.560  -6.049  1.00 59.37  ? 46  A   X P     1 
ATOM   883  O  OP1   . A   A 1 42 ? 3.405   17.938  -6.555  1.00 59.62  ? 46  A   X OP1   1 
ATOM   884  O  OP2   . A   A 1 42 ? 2.005   16.237  -5.188  1.00 52.81  ? 46  A   X OP2   1 
ATOM   885  O  "O5'" . A   A 1 42 ? 3.104   15.584  -7.303  1.00 56.70  ? 46  A   X "O5'" 1 
ATOM   886  C  "C5'" . A   A 1 42 ? 3.656   15.961  -8.550  1.00 54.09  ? 46  A   X "C5'" 1 
ATOM   887  C  "C4'" . A   A 1 42 ? 3.158   15.062  -9.647  1.00 55.76  ? 46  A   X "C4'" 1 
ATOM   888  O  "O4'" . A   A 1 42 ? 3.408   13.680  -9.273  1.00 58.05  ? 46  A   X "O4'" 1 
ATOM   889  C  "C3'" . A   A 1 42 ? 1.659   15.088  -9.929  1.00 56.75  ? 46  A   X "C3'" 1 
ATOM   890  O  "O3'" . A   A 1 42 ? 1.218   16.203  -10.700 1.00 56.06  ? 46  A   X "O3'" 1 
ATOM   891  C  "C2'" . A   A 1 42 ? 1.445   13.743  -10.607 1.00 56.88  ? 46  A   X "C2'" 1 
ATOM   892  O  "O2'" . A   A 1 42 ? 1.923   13.763  -11.943 1.00 57.86  ? 46  A   X "O2'" 1 
ATOM   893  C  "C1'" . A   A 1 42 ? 2.377   12.854  -9.782  1.00 59.29  ? 46  A   X "C1'" 1 
ATOM   894  N  N9    . A   A 1 42 ? 1.621   12.244  -8.671  1.00 55.02  ? 46  A   X N9    1 
ATOM   895  C  C8    . A   A 1 42 ? 1.488   12.632  -7.364  1.00 51.20  ? 46  A   X C8    1 
ATOM   896  N  N7    . A   A 1 42 ? 0.676   11.854  -6.684  1.00 49.00  ? 46  A   X N7    1 
ATOM   897  C  C5    . A   A 1 42 ? 0.236   10.915  -7.604  1.00 50.27  ? 46  A   X C5    1 
ATOM   898  C  C6    . A   A 1 42 ? -0.641  9.818   -7.527  1.00 51.51  ? 46  A   X C6    1 
ATOM   899  N  N6    . A   A 1 42 ? -1.269  9.457   -6.415  1.00 52.84  ? 46  A   X N6    1 
ATOM   900  N  N1    . A   A 1 42 ? -0.864  9.081   -8.637  1.00 52.29  ? 46  A   X N1    1 
ATOM   901  C  C2    . A   A 1 42 ? -0.234  9.432   -9.763  1.00 54.76  ? 46  A   X C2    1 
ATOM   902  N  N3    . A   A 1 42 ? 0.611   10.441  -9.962  1.00 55.72  ? 46  A   X N3    1 
ATOM   903  C  C4    . A   A 1 42 ? 0.807   11.149  -8.832  1.00 53.91  ? 46  A   X C4    1 
ATOM   904  P  P     . A   A 1 43 ? -0.283  16.780  -10.528 1.00 57.83  ? 47  A   X P     1 
ATOM   905  O  OP1   . A   A 1 43 ? -0.383  17.920  -11.461 1.00 58.98  ? 47  A   X OP1   1 
ATOM   906  O  OP2   . A   A 1 43 ? -0.672  16.968  -9.108  1.00 52.87  ? 47  A   X OP2   1 
ATOM   907  O  "O5'" . A   A 1 43 ? -1.227  15.616  -11.062 1.00 57.52  ? 47  A   X "O5'" 1 
ATOM   908  C  "C5'" . A   A 1 43 ? -1.569  15.546  -12.431 1.00 55.21  ? 47  A   X "C5'" 1 
ATOM   909  C  "C4'" . A   A 1 43 ? -1.999  14.163  -12.842 1.00 56.70  ? 47  A   X "C4'" 1 
ATOM   910  O  "O4'" . A   A 1 43 ? -1.314  13.145  -12.062 1.00 59.28  ? 47  A   X "O4'" 1 
ATOM   911  C  "C3'" . A   A 1 43 ? -3.459  13.803  -12.650 1.00 58.07  ? 47  A   X "C3'" 1 
ATOM   912  O  "O3'" . A   A 1 43 ? -4.342  14.427  -13.567 1.00 61.10  ? 47  A   X "O3'" 1 
ATOM   913  C  "C2'" . A   A 1 43 ? -3.403  12.290  -12.773 1.00 55.33  ? 47  A   X "C2'" 1 
ATOM   914  O  "O2'" . A   A 1 43 ? -3.153  11.914  -14.117 1.00 52.55  ? 47  A   X "O2'" 1 
ATOM   915  C  "C1'" . A   A 1 43 ? -2.145  11.998  -11.960 1.00 58.91  ? 47  A   X "C1'" 1 
ATOM   916  N  N9    . A   A 1 43 ? -2.513  11.773  -10.549 1.00 56.56  ? 47  A   X N9    1 
ATOM   917  C  C8    . A   A 1 43 ? -2.252  12.523  -9.427  1.00 56.22  ? 47  A   X C8    1 
ATOM   918  N  N7    . A   A 1 43 ? -2.789  12.028  -8.328  1.00 55.77  ? 47  A   X N7    1 
ATOM   919  C  C5    . A   A 1 43 ? -3.456  10.888  -8.758  1.00 55.57  ? 47  A   X C5    1 
ATOM   920  C  C6    . A   A 1 43 ? -4.223  9.916   -8.088  1.00 56.56  ? 47  A   X C6    1 
ATOM   921  N  N6    . A   A 1 43 ? -4.465  9.924   -6.782  1.00 58.48  ? 47  A   X N6    1 
ATOM   922  N  N1    . A   A 1 43 ? -4.750  8.909   -8.812  1.00 57.65  ? 47  A   X N1    1 
ATOM   923  C  C2    . A   A 1 43 ? -4.503  8.883   -10.129 1.00 59.90  ? 47  A   X C2    1 
ATOM   924  N  N3    . A   A 1 43 ? -3.803  9.736   -10.878 1.00 59.67  ? 47  A   X N3    1 
ATOM   925  C  C4    . A   A 1 43 ? -3.300  10.728  -10.123 1.00 56.49  ? 47  A   X C4    1 
ATOM   926  P  P     . A   A 1 44 ? -5.848  14.767  -13.120 1.00 56.32  ? 48  A   X P     1 
ATOM   927  O  OP1   . A   A 1 44 ? -6.359  15.697  -14.156 1.00 59.05  ? 48  A   X OP1   1 
ATOM   928  O  OP2   . A   A 1 44 ? -5.858  15.159  -11.689 1.00 56.15  ? 48  A   X OP2   1 
ATOM   929  O  "O5'" . A   A 1 44 ? -6.632  13.380  -13.223 1.00 52.53  ? 48  A   X "O5'" 1 
ATOM   930  C  "C5'" . A   A 1 44 ? -6.775  12.726  -14.473 1.00 53.30  ? 48  A   X "C5'" 1 
ATOM   931  C  "C4'" . A   A 1 44 ? -7.290  11.317  -14.316 1.00 58.63  ? 48  A   X "C4'" 1 
ATOM   932  O  "O4'" . A   A 1 44 ? -6.498  10.597  -13.332 1.00 59.34  ? 48  A   X "O4'" 1 
ATOM   933  C  "C3'" . A   A 1 44 ? -8.718  11.175  -13.820 1.00 57.69  ? 48  A   X "C3'" 1 
ATOM   934  O  "O3'" . A   A 1 44 ? -9.668  11.336  -14.857 1.00 62.21  ? 48  A   X "O3'" 1 
ATOM   935  C  "C2'" . A   A 1 44 ? -8.720  9.775   -13.220 1.00 58.90  ? 48  A   X "C2'" 1 
ATOM   936  O  "O2'" . A   A 1 44 ? -8.800  8.793   -14.237 1.00 58.55  ? 48  A   X "O2'" 1 
ATOM   937  C  "C1'" . A   A 1 44 ? -7.324  9.711   -12.604 1.00 56.62  ? 48  A   X "C1'" 1 
ATOM   938  N  N9    . A   A 1 44 ? -7.348  10.148  -11.199 1.00 58.16  ? 48  A   X N9    1 
ATOM   939  C  C8    . A   A 1 44 ? -6.713  11.229  -10.639 1.00 59.99  ? 48  A   X C8    1 
ATOM   940  N  N7    . A   A 1 44 ? -6.943  11.375  -9.357  1.00 59.01  ? 48  A   X N7    1 
ATOM   941  C  C5    . A   A 1 44 ? -7.789  10.323  -9.066  1.00 58.20  ? 48  A   X C5    1 
ATOM   942  C  C6    . A   A 1 44 ? -8.393  9.928   -7.875  1.00 60.38  ? 48  A   X C6    1 
ATOM   943  N  N6    . A   A 1 44 ? -8.219  10.567  -6.722  1.00 62.47  ? 48  A   X N6    1 
ATOM   944  N  N1    . A   A 1 44 ? -9.183  8.843   -7.916  1.00 60.73  ? 48  A   X N1    1 
ATOM   945  C  C2    . A   A 1 44 ? -9.349  8.204   -9.078  1.00 62.34  ? 48  A   X C2    1 
ATOM   946  N  N3    . A   A 1 44 ? -8.830  8.477   -10.269 1.00 59.68  ? 48  A   X N3    1 
ATOM   947  C  C4    . A   A 1 44 ? -8.052  9.563   -10.186 1.00 57.84  ? 48  A   X C4    1 
ATOM   948  P  P     . C   A 1 45 ? -10.991 12.220  -14.629 1.00 66.40  ? 49  C   X P     1 
ATOM   949  O  OP1   . C   A 1 45 ? -11.730 12.166  -15.913 1.00 69.37  ? 49  C   X OP1   1 
ATOM   950  O  OP2   . C   A 1 45 ? -10.614 13.553  -14.076 1.00 57.00  ? 49  C   X OP2   1 
ATOM   951  O  "O5'" . C   A 1 45 ? -11.813 11.419  -13.514 1.00 65.02  ? 49  C   X "O5'" 1 
ATOM   952  C  "C5'" . C   A 1 45 ? -12.399 10.148  -13.786 1.00 64.28  ? 49  C   X "C5'" 1 
ATOM   953  C  "C4'" . C   A 1 45 ? -13.017 9.533   -12.550 1.00 62.94  ? 49  C   X "C4'" 1 
ATOM   954  O  "O4'" . C   A 1 45 ? -11.983 9.305   -11.555 1.00 60.37  ? 49  C   X "O4'" 1 
ATOM   955  C  "C3'" . C   A 1 45 ? -14.067 10.379  -11.834 1.00 67.59  ? 49  C   X "C3'" 1 
ATOM   956  O  "O3'" . C   A 1 45 ? -15.369 10.222  -12.381 1.00 68.35  ? 49  C   X "O3'" 1 
ATOM   957  C  "C2'" . C   A 1 45 ? -13.966 9.918   -10.384 1.00 67.25  ? 49  C   X "C2'" 1 
ATOM   958  O  "O2'" . C   A 1 45 ? -14.750 8.755   -10.164 1.00 66.78  ? 49  C   X "O2'" 1 
ATOM   959  C  "C1'" . C   A 1 45 ? -12.479 9.563   -10.262 1.00 64.65  ? 49  C   X "C1'" 1 
ATOM   960  N  N1    . C   A 1 45 ? -11.682 10.669  -9.685  1.00 64.09  ? 49  C   X N1    1 
ATOM   961  C  C2    . C   A 1 45 ? -11.785 10.981  -8.328  1.00 65.24  ? 49  C   X C2    1 
ATOM   962  O  O2    . C   A 1 45 ? -12.560 10.330  -7.615  1.00 68.59  ? 49  C   X O2    1 
ATOM   963  N  N3    . C   A 1 45 ? -11.049 12.002  -7.824  1.00 64.34  ? 49  C   X N3    1 
ATOM   964  C  C4    . C   A 1 45 ? -10.225 12.694  -8.616  1.00 62.57  ? 49  C   X C4    1 
ATOM   965  N  N4    . C   A 1 45 ? -9.511  13.689  -8.083  1.00 60.59  ? 49  C   X N4    1 
ATOM   966  C  C5    . C   A 1 45 ? -10.100 12.393  -9.997  1.00 61.78  ? 49  C   X C5    1 
ATOM   967  C  C6    . C   A 1 45 ? -10.835 11.384  -10.482 1.00 62.75  ? 49  C   X C6    1 
ATOM   968  P  P     . C   A 1 46 ? -16.498 11.359  -12.175 1.00 73.09  ? 50  C   X P     1 
ATOM   969  O  OP1   . C   A 1 46 ? -17.685 10.915  -12.947 1.00 76.35  ? 50  C   X OP1   1 
ATOM   970  O  OP2   . C   A 1 46 ? -15.949 12.722  -12.412 1.00 66.73  ? 50  C   X OP2   1 
ATOM   971  O  "O5'" . C   A 1 46 ? -16.851 11.290  -10.625 1.00 75.27  ? 50  C   X "O5'" 1 
ATOM   972  C  "C5'" . C   A 1 46 ? -17.608 10.218  -10.080 1.00 74.25  ? 50  C   X "C5'" 1 
ATOM   973  C  "C4'" . C   A 1 46 ? -17.849 10.432  -8.607  1.00 73.86  ? 50  C   X "C4'" 1 
ATOM   974  O  "O4'" . C   A 1 46 ? -16.581 10.451  -7.913  1.00 74.69  ? 50  C   X "O4'" 1 
ATOM   975  C  "C3'" . C   A 1 46 ? -18.511 11.751  -8.231  1.00 75.40  ? 50  C   X "C3'" 1 
ATOM   976  O  "O3'" . C   A 1 46 ? -19.920 11.660  -8.284  1.00 81.24  ? 50  C   X "O3'" 1 
ATOM   977  C  "C2'" . C   A 1 46 ? -18.016 12.009  -6.817  1.00 77.58  ? 50  C   X "C2'" 1 
ATOM   978  O  "O2'" . C   A 1 46 ? -18.850 11.356  -5.869  1.00 82.18  ? 50  C   X "O2'" 1 
ATOM   979  C  "C1'" . C   A 1 46 ? -16.641 11.336  -6.819  1.00 75.31  ? 50  C   X "C1'" 1 
ATOM   980  N  N1    . C   A 1 46 ? -15.522 12.296  -6.914  1.00 70.69  ? 50  C   X N1    1 
ATOM   981  C  C2    . C   A 1 46 ? -15.155 12.978  -5.756  1.00 73.78  ? 50  C   X C2    1 
ATOM   982  O  O2    . C   A 1 46 ? -15.789 12.762  -4.713  1.00 77.78  ? 50  C   X O2    1 
ATOM   983  N  N3    . C   A 1 46 ? -14.128 13.852  -5.792  1.00 72.29  ? 50  C   X N3    1 
ATOM   984  C  C4    . C   A 1 46 ? -13.468 14.037  -6.930  1.00 70.29  ? 50  C   X C4    1 
ATOM   985  N  N4    . C   A 1 46 ? -12.455 14.906  -6.918  1.00 69.66  ? 50  C   X N4    1 
ATOM   986  C  C5    . C   A 1 46 ? -13.823 13.352  -8.129  1.00 68.25  ? 50  C   X C5    1 
ATOM   987  C  C6    . C   A 1 46 ? -14.840 12.486  -8.077  1.00 68.77  ? 50  C   X C6    1 
ATOM   988  P  P     . A   A 1 47 ? -20.784 12.683  -9.159  1.00 74.84  ? 51  A   X P     1 
ATOM   989  O  OP1   . A   A 1 47 ? -22.153 12.117  -9.158  1.00 78.14  ? 51  A   X OP1   1 
ATOM   990  O  OP2   . A   A 1 47 ? -20.071 12.894  -10.447 1.00 78.59  ? 51  A   X OP2   1 
ATOM   991  O  "O5'" . A   A 1 47 ? -20.765 14.040  -8.321  1.00 74.29  ? 51  A   X "O5'" 1 
ATOM   992  C  "C5'" . A   A 1 47 ? -21.870 14.940  -8.354  1.00 76.25  ? 51  A   X "C5'" 1 
ATOM   993  C  "C4'" . A   A 1 47 ? -22.071 15.592  -7.010  1.00 79.56  ? 51  A   X "C4'" 1 
ATOM   994  O  "O4'" . A   A 1 47 ? -20.803 16.140  -6.579  1.00 76.92  ? 51  A   X "O4'" 1 
ATOM   995  C  "C3'" . A   A 1 47 ? -23.077 16.740  -6.968  1.00 85.66  ? 51  A   X "C3'" 1 
ATOM   996  O  "O3'" . A   A 1 47 ? -23.745 16.759  -5.706  1.00 89.63  ? 51  A   X "O3'" 1 
ATOM   997  C  "C2'" . A   A 1 47 ? -22.202 17.983  -7.113  1.00 82.14  ? 51  A   X "C2'" 1 
ATOM   998  O  "O2'" . A   A 1 47 ? -22.741 19.131  -6.484  1.00 76.58  ? 51  A   X "O2'" 1 
ATOM   999  C  "C1'" . A   A 1 47 ? -20.882 17.548  -6.461  1.00 78.15  ? 51  A   X "C1'" 1 
ATOM   1000 N  N9    . A   A 1 47 ? -19.695 18.067  -7.146  1.00 75.42  ? 51  A   X N9    1 
ATOM   1001 C  C8    . A   A 1 47 ? -19.298 17.758  -8.431  1.00 72.89  ? 51  A   X C8    1 
ATOM   1002 N  N7    . A   A 1 47 ? -18.186 18.341  -8.808  1.00 67.32  ? 51  A   X N7    1 
ATOM   1003 C  C5    . A   A 1 47 ? -17.820 19.071  -7.685  1.00 71.39  ? 51  A   X C5    1 
ATOM   1004 C  C6    . A   A 1 47 ? -16.722 19.908  -7.433  1.00 71.53  ? 51  A   X C6    1 
ATOM   1005 N  N6    . A   A 1 47 ? -15.774 20.148  -8.343  1.00 67.37  ? 51  A   X N6    1 
ATOM   1006 N  N1    . A   A 1 47 ? -16.639 20.492  -6.211  1.00 74.57  ? 51  A   X N1    1 
ATOM   1007 C  C2    . A   A 1 47 ? -17.600 20.245  -5.308  1.00 75.87  ? 51  A   X C2    1 
ATOM   1008 N  N3    . A   A 1 47 ? -18.681 19.473  -5.427  1.00 76.18  ? 51  A   X N3    1 
ATOM   1009 C  C4    . A   A 1 47 ? -18.731 18.908  -6.649  1.00 74.50  ? 51  A   X C4    1 
ATOM   1010 P  P     . C   A 1 48 ? -25.142 15.980  -5.519  1.00 98.40  ? 52  C   X P     1 
ATOM   1011 O  OP1   . C   A 1 48 ? -25.009 14.567  -5.987  1.00 86.46  ? 52  C   X OP1   1 
ATOM   1012 O  OP2   . C   A 1 48 ? -26.204 16.864  -6.069  1.00 95.22  ? 52  C   X OP2   1 
ATOM   1013 O  "O5'" . C   A 1 48 ? -25.316 15.934  -3.943  1.00 98.05  ? 52  C   X "O5'" 1 
ATOM   1014 C  "C5'" . C   A 1 48 ? -24.571 16.830  -3.138  1.00 97.64  ? 52  C   X "C5'" 1 
ATOM   1015 C  "C4'" . C   A 1 48 ? -24.197 16.212  -1.820  1.00 100.40 ? 52  C   X "C4'" 1 
ATOM   1016 O  "O4'" . C   A 1 48 ? -22.848 16.628  -1.493  1.00 101.60 ? 52  C   X "O4'" 1 
ATOM   1017 C  "C3'" . C   A 1 48 ? -25.070 16.656  -0.658  1.00 104.32 ? 52  C   X "C3'" 1 
ATOM   1018 O  "O3'" . C   A 1 48 ? -25.111 15.631  0.328   1.00 102.76 ? 52  C   X "O3'" 1 
ATOM   1019 C  "C2'" . C   A 1 48 ? -24.318 17.867  -0.121  1.00 106.94 ? 52  C   X "C2'" 1 
ATOM   1020 O  "O2'" . C   A 1 48 ? -24.584 18.163  1.235   1.00 108.59 ? 52  C   X "O2'" 1 
ATOM   1021 C  "C1'" . C   A 1 48 ? -22.857 17.463  -0.350  1.00 104.65 ? 52  C   X "C1'" 1 
ATOM   1022 N  N1    . C   A 1 48 ? -21.974 18.609  -0.637  1.00 107.26 ? 52  C   X N1    1 
ATOM   1023 C  C2    . C   A 1 48 ? -20.826 18.814  0.142   1.00 105.36 ? 52  C   X C2    1 
ATOM   1024 O  O2    . C   A 1 48 ? -20.572 18.016  1.060   1.00 101.76 ? 52  C   X O2    1 
ATOM   1025 N  N3    . C   A 1 48 ? -20.024 19.873  -0.132  1.00 103.78 ? 52  C   X N3    1 
ATOM   1026 C  C4    . C   A 1 48 ? -20.330 20.711  -1.131  1.00 105.61 ? 52  C   X C4    1 
ATOM   1027 N  N4    . C   A 1 48 ? -19.505 21.738  -1.356  1.00 105.63 ? 52  C   X N4    1 
ATOM   1028 C  C5    . C   A 1 48 ? -21.493 20.530  -1.941  1.00 102.56 ? 52  C   X C5    1 
ATOM   1029 C  C6    . C   A 1 48 ? -22.275 19.476  -1.661  1.00 105.63 ? 52  C   X C6    1 
ATOM   1030 P  P     . A   A 1 49 ? -26.371 14.642  0.387   1.00 98.67  ? 53  A   X P     1 
ATOM   1031 O  OP1   . A   A 1 49 ? -26.880 14.459  -0.998  1.00 100.03 ? 53  A   X OP1   1 
ATOM   1032 O  OP2   . A   A 1 49 ? -27.271 15.148  1.455   1.00 102.94 ? 53  A   X OP2   1 
ATOM   1033 O  "O5'" . A   A 1 49 ? -25.741 13.246  0.827   1.00 105.63 ? 53  A   X "O5'" 1 
ATOM   1034 C  "C5'" . A   A 1 49 ? -26.278 12.026  0.334   1.00 106.02 ? 53  A   X "C5'" 1 
ATOM   1035 C  "C4'" . A   A 1 49 ? -25.270 11.243  -0.476  1.00 105.19 ? 53  A   X "C4'" 1 
ATOM   1036 O  "O4'" . A   A 1 49 ? -24.568 12.118  -1.396  1.00 106.34 ? 53  A   X "O4'" 1 
ATOM   1037 C  "C3'" . A   A 1 49 ? -24.152 10.563  0.296   1.00 105.84 ? 53  A   X "C3'" 1 
ATOM   1038 O  "O3'" . A   A 1 49 ? -24.558 9.366   0.935   1.00 110.16 ? 53  A   X "O3'" 1 
ATOM   1039 C  "C2'" . A   A 1 49 ? -23.086 10.361  -0.778  1.00 105.65 ? 53  A   X "C2'" 1 
ATOM   1040 O  "O2'" . A   A 1 49 ? -23.386 9.238   -1.602  1.00 98.73  ? 53  A   X "O2'" 1 
ATOM   1041 C  "C1'" . A   A 1 49 ? -23.253 11.636  -1.607  1.00 104.55 ? 53  A   X "C1'" 1 
ATOM   1042 N  N9    . A   A 1 49 ? -22.288 12.681  -1.209  1.00 102.28 ? 53  A   X N9    1 
ATOM   1043 C  C8    . A   A 1 49 ? -22.247 13.429  -0.057  1.00 101.83 ? 53  A   X C8    1 
ATOM   1044 N  N7    . A   A 1 49 ? -21.244 14.274  -0.017  1.00 98.72  ? 53  A   X N7    1 
ATOM   1045 C  C5    . A   A 1 49 ? -20.580 14.065  -1.217  1.00 97.31  ? 53  A   X C5    1 
ATOM   1046 C  C6    . A   A 1 49 ? -19.433 14.647  -1.794  1.00 95.62  ? 53  A   X C6    1 
ATOM   1047 N  N6    . A   A 1 49 ? -18.710 15.609  -1.211  1.00 95.91  ? 53  A   X N6    1 
ATOM   1048 N  N1    . A   A 1 49 ? -19.042 14.204  -3.014  1.00 89.17  ? 53  A   X N1    1 
ATOM   1049 C  C2    . A   A 1 49 ? -19.759 13.242  -3.606  1.00 90.81  ? 53  A   X C2    1 
ATOM   1050 N  N3    . A   A 1 49 ? -20.850 12.618  -3.166  1.00 97.42  ? 53  A   X N3    1 
ATOM   1051 C  C4    . A   A 1 49 ? -21.210 13.081  -1.955  1.00 98.16  ? 53  A   X C4    1 
ATOM   1052 P  P     . A   A 1 50 ? -24.300 9.174   2.509   1.00 109.80 ? 54  A   X P     1 
ATOM   1053 O  OP1   . A   A 1 50 ? -25.540 8.607   3.104   1.00 106.73 ? 54  A   X OP1   1 
ATOM   1054 O  OP2   . A   A 1 50 ? -23.788 10.467  3.038   1.00 106.43 ? 54  A   X OP2   1 
ATOM   1055 O  "O5'" . A   A 1 50 ? -23.108 8.112   2.580   1.00 98.54  ? 54  A   X "O5'" 1 
ATOM   1056 C  "C5'" . A   A 1 50 ? -23.293 6.768   2.161   1.00 100.81 ? 54  A   X "C5'" 1 
ATOM   1057 C  "C4'" . A   A 1 50 ? -22.323 6.387   1.071   1.00 103.43 ? 54  A   X "C4'" 1 
ATOM   1058 O  "O4'" . A   A 1 50 ? -22.014 7.551   0.276   1.00 106.28 ? 54  A   X "O4'" 1 
ATOM   1059 C  "C3'" . A   A 1 50 ? -20.960 5.857   1.509   1.00 99.27  ? 54  A   X "C3'" 1 
ATOM   1060 O  "O3'" . A   A 1 50 ? -21.002 4.468   1.812   1.00 96.55  ? 54  A   X "O3'" 1 
ATOM   1061 C  "C2'" . A   A 1 50 ? -20.050 6.187   0.321   1.00 100.30 ? 54  A   X "C2'" 1 
ATOM   1062 O  "O2'" . A   A 1 50 ? -20.030 5.124   -0.623  1.00 96.48  ? 54  A   X "O2'" 1 
ATOM   1063 C  "C1'" . A   A 1 50 ? -20.746 7.394   -0.323  1.00 106.77 ? 54  A   X "C1'" 1 
ATOM   1064 N  N9    . A   A 1 50 ? -19.974 8.661   -0.275  1.00 103.04 ? 54  A   X N9    1 
ATOM   1065 C  C8    . A   A 1 50 ? -19.882 9.628   0.701   1.00 99.62  ? 54  A   X C8    1 
ATOM   1066 N  N7    . A   A 1 50 ? -19.106 10.644  0.381   1.00 92.82  ? 54  A   X N7    1 
ATOM   1067 C  C5    . A   A 1 50 ? -18.665 10.338  -0.898  1.00 95.77  ? 54  A   X C5    1 
ATOM   1068 C  C6    . A   A 1 50 ? -17.812 11.005  -1.802  1.00 93.52  ? 54  A   X C6    1 
ATOM   1069 N  N6    . A   A 1 50 ? -17.224 12.174  -1.543  1.00 88.68  ? 54  A   X N6    1 
ATOM   1070 N  N1    . A   A 1 50 ? -17.572 10.422  -3.001  1.00 94.55  ? 54  A   X N1    1 
ATOM   1071 C  C2    . A   A 1 50 ? -18.153 9.241   -3.266  1.00 98.44  ? 54  A   X C2    1 
ATOM   1072 N  N3    . A   A 1 50 ? -18.970 8.516   -2.499  1.00 100.80 ? 54  A   X N3    1 
ATOM   1073 C  C4    . A   A 1 50 ? -19.191 9.124   -1.314  1.00 100.74 ? 54  A   X C4    1 
ATOM   1074 P  P     . A   A 1 51 ? -19.656 3.616   2.073   1.00 112.57 ? 55  A   X P     1 
ATOM   1075 O  OP1   . A   A 1 51 ? -20.024 2.283   2.615   1.00 102.92 ? 55  A   X OP1   1 
ATOM   1076 O  OP2   . A   A 1 51 ? -18.729 4.483   2.847   1.00 110.68 ? 55  A   X OP2   1 
ATOM   1077 O  "O5'" . A   A 1 51 ? -19.052 3.337   0.616   1.00 110.64 ? 55  A   X "O5'" 1 
ATOM   1078 C  "C5'" . A   A 1 51 ? -17.897 2.520   0.431   1.00 105.20 ? 55  A   X "C5'" 1 
ATOM   1079 C  "C4'" . A   A 1 51 ? -17.338 2.644   -0.970  1.00 100.96 ? 55  A   X "C4'" 1 
ATOM   1080 O  "O4'" . A   A 1 51 ? -17.873 3.837   -1.603  1.00 97.42  ? 55  A   X "O4'" 1 
ATOM   1081 C  "C3'" . A   A 1 51 ? -15.824 2.808   -1.079  1.00 94.69  ? 55  A   X "C3'" 1 
ATOM   1082 O  "O3'" . A   A 1 51 ? -15.123 1.580   -1.034  1.00 98.53  ? 55  A   X "O3'" 1 
ATOM   1083 C  "C2'" . A   A 1 51 ? -15.661 3.533   -2.403  1.00 95.63  ? 55  A   X "C2'" 1 
ATOM   1084 O  "O2'" . A   A 1 51 ? -15.766 2.623   -3.486  1.00 92.15  ? 55  A   X "O2'" 1 
ATOM   1085 C  "C1'" . A   A 1 51 ? -16.883 4.446   -2.403  1.00 98.68  ? 55  A   X "C1'" 1 
ATOM   1086 N  N9    . A   A 1 51 ? -16.573 5.772   -1.831  1.00 100.08 ? 55  A   X N9    1 
ATOM   1087 C  C8    . A   A 1 51 ? -17.055 6.325   -0.675  1.00 98.44  ? 55  A   X C8    1 
ATOM   1088 N  N7    . A   A 1 51 ? -16.609 7.527   -0.413  1.00 94.88  ? 55  A   X N7    1 
ATOM   1089 C  C5    . A   A 1 51 ? -15.755 7.788   -1.474  1.00 95.27  ? 55  A   X C5    1 
ATOM   1090 C  C6    . A   A 1 51 ? -14.962 8.904   -1.791  1.00 91.37  ? 55  A   X C6    1 
ATOM   1091 N  N6    . A   A 1 51 ? -14.884 10.013  -1.050  1.00 86.71  ? 55  A   X N6    1 
ATOM   1092 N  N1    . A   A 1 51 ? -14.234 8.840   -2.921  1.00 91.85  ? 55  A   X N1    1 
ATOM   1093 C  C2    . A   A 1 51 ? -14.309 7.731   -3.668  1.00 93.03  ? 55  A   X C2    1 
ATOM   1094 N  N3    . A   A 1 51 ? -15.010 6.618   -3.484  1.00 93.26  ? 55  A   X N3    1 
ATOM   1095 C  C4    . A   A 1 51 ? -15.724 6.715   -2.353  1.00 97.65  ? 55  A   X C4    1 
ATOM   1096 P  P     . U   A 1 52 ? -13.595 1.509   -0.503  1.00 112.26 ? 56  U   X P     1 
ATOM   1097 O  OP1   . U   A 1 52 ? -12.836 0.533   -1.333  1.00 100.38 ? 56  U   X OP1   1 
ATOM   1098 O  OP2   . U   A 1 52 ? -13.612 1.345   0.971   1.00 110.37 ? 56  U   X OP2   1 
ATOM   1099 O  "O5'" . U   A 1 52 ? -12.985 2.945   -0.810  1.00 100.31 ? 56  U   X "O5'" 1 
ATOM   1100 C  "C5'" . U   A 1 52 ? -11.864 3.069   -1.668  1.00 92.74  ? 56  U   X "C5'" 1 
ATOM   1101 C  "C4'" . U   A 1 52 ? -12.293 3.207   -3.105  1.00 93.02  ? 56  U   X "C4'" 1 
ATOM   1102 O  "O4'" . U   A 1 52 ? -12.844 4.533   -3.343  1.00 91.08  ? 56  U   X "O4'" 1 
ATOM   1103 C  "C3'" . U   A 1 52 ? -11.184 3.081   -4.126  1.00 85.35  ? 56  U   X "C3'" 1 
ATOM   1104 O  "O3'" . U   A 1 52 ? -10.871 1.746   -4.419  1.00 77.47  ? 56  U   X "O3'" 1 
ATOM   1105 C  "C2'" . U   A 1 52 ? -11.736 3.837   -5.321  1.00 88.53  ? 56  U   X "C2'" 1 
ATOM   1106 O  "O2'" . U   A 1 52 ? -12.665 3.031   -6.028  1.00 91.56  ? 56  U   X "O2'" 1 
ATOM   1107 C  "C1'" . U   A 1 52 ? -12.487 4.974   -4.636  1.00 87.50  ? 56  U   X "C1'" 1 
ATOM   1108 N  N1    . U   A 1 52 ? -11.657 6.203   -4.542  1.00 85.19  ? 56  U   X N1    1 
ATOM   1109 C  C2    . U   A 1 52 ? -10.867 6.499   -3.431  1.00 86.03  ? 56  U   X C2    1 
ATOM   1110 O  O2    . U   A 1 52 ? -10.766 5.820   -2.427  1.00 88.52  ? 56  U   X O2    1 
ATOM   1111 N  N3    . U   A 1 52 ? -10.159 7.675   -3.507  1.00 83.02  ? 56  U   X N3    1 
ATOM   1112 C  C4    . U   A 1 52 ? -10.130 8.582   -4.544  1.00 75.69  ? 56  U   X C4    1 
ATOM   1113 O  O4    . U   A 1 52 ? -9.426  9.593   -4.445  1.00 71.75  ? 56  U   X O4    1 
ATOM   1114 C  C5    . U   A 1 52 ? -10.959 8.209   -5.649  1.00 75.12  ? 56  U   X C5    1 
ATOM   1115 C  C6    . U   A 1 52 ? -11.660 7.070   -5.612  1.00 80.72  ? 56  U   X C6    1 
ATOM   1116 P  P     . U   A 1 53 ? -9.435  1.427   -5.032  1.00 89.45  ? 57  U   X P     1 
ATOM   1117 O  OP1   . U   A 1 53 ? -9.347  -0.031  -5.308  1.00 91.07  ? 57  U   X OP1   1 
ATOM   1118 O  OP2   . U   A 1 53 ? -8.448  2.098   -4.146  1.00 89.90  ? 57  U   X OP2   1 
ATOM   1119 O  "O5'" . U   A 1 53 ? -9.419  2.208   -6.418  1.00 79.37  ? 57  U   X "O5'" 1 
ATOM   1120 C  "C5'" . U   A 1 53 ? -9.987  1.642   -7.589  1.00 76.95  ? 57  U   X "C5'" 1 
ATOM   1121 C  "C4'" . U   A 1 53 ? -9.317  2.191   -8.819  1.00 70.62  ? 57  U   X "C4'" 1 
ATOM   1122 O  "O4'" . U   A 1 53 ? -9.542  3.623   -8.891  1.00 65.45  ? 57  U   X "O4'" 1 
ATOM   1123 C  "C3'" . U   A 1 53 ? -7.806  2.058   -8.843  1.00 67.62  ? 57  U   X "C3'" 1 
ATOM   1124 O  "O3'" . U   A 1 53 ? -7.360  0.789   -9.261  1.00 68.24  ? 57  U   X "O3'" 1 
ATOM   1125 C  "C2'" . U   A 1 53 ? -7.381  3.190   -9.767  1.00 64.06  ? 57  U   X "C2'" 1 
ATOM   1126 O  "O2'" . U   A 1 53 ? -7.568  2.837   -11.132 1.00 60.62  ? 57  U   X "O2'" 1 
ATOM   1127 C  "C1'" . U   A 1 53 ? -8.391  4.271   -9.391  1.00 63.74  ? 57  U   X "C1'" 1 
ATOM   1128 N  N1    . U   A 1 53 ? -7.875  5.171   -8.336  1.00 62.22  ? 57  U   X N1    1 
ATOM   1129 C  C2    . U   A 1 53 ? -6.823  6.022   -8.650  1.00 61.19  ? 57  U   X C2    1 
ATOM   1130 O  O2    . U   A 1 53 ? -6.288  6.066   -9.750  1.00 59.23  ? 57  U   X O2    1 
ATOM   1131 N  N3    . U   A 1 53 ? -6.406  6.826   -7.616  1.00 59.23  ? 57  U   X N3    1 
ATOM   1132 C  C4    . U   A 1 53 ? -6.921  6.866   -6.339  1.00 62.17  ? 57  U   X C4    1 
ATOM   1133 O  O4    . U   A 1 53 ? -6.435  7.652   -5.526  1.00 61.83  ? 57  U   X O4    1 
ATOM   1134 C  C5    . U   A 1 53 ? -8.007  5.962   -6.096  1.00 66.25  ? 57  U   X C5    1 
ATOM   1135 C  C6    . U   A 1 53 ? -8.437  5.167   -7.079  1.00 65.41  ? 57  U   X C6    1 
ATOM   1136 P  P     . U   A 1 54 ? -5.939  0.265   -8.745  1.00 66.98  ? 58  U   X P     1 
ATOM   1137 O  OP1   . U   A 1 54 ? -5.871  -1.174  -9.099  1.00 68.36  ? 58  U   X OP1   1 
ATOM   1138 O  OP2   . U   A 1 54 ? -5.812  0.756   -7.344  1.00 68.50  ? 58  U   X OP2   1 
ATOM   1139 O  "O5'" . U   A 1 54 ? -4.866  1.041   -9.632  1.00 56.06  ? 58  U   X "O5'" 1 
ATOM   1140 C  "C5'" . U   A 1 54 ? -4.844  0.866   -11.038 1.00 59.74  ? 58  U   X "C5'" 1 
ATOM   1141 C  "C4'" . U   A 1 54 ? -4.078  1.963   -11.742 1.00 63.20  ? 58  U   X "C4'" 1 
ATOM   1142 O  "O4'" . U   A 1 54 ? -4.572  3.274   -11.361 1.00 60.23  ? 58  U   X "O4'" 1 
ATOM   1143 C  "C3'" . U   A 1 54 ? -2.598  2.054   -11.444 1.00 61.94  ? 58  U   X "C3'" 1 
ATOM   1144 O  "O3'" . U   A 1 54 ? -1.837  1.068   -12.091 1.00 61.94  ? 58  U   X "O3'" 1 
ATOM   1145 C  "C2'" . U   A 1 54 ? -2.270  3.470   -11.889 1.00 59.64  ? 58  U   X "C2'" 1 
ATOM   1146 O  "O2'" . U   A 1 54 ? -2.253  3.552   -13.306 1.00 58.57  ? 58  U   X "O2'" 1 
ATOM   1147 C  "C1'" . U   A 1 54 ? -3.508  4.209   -11.411 1.00 56.18  ? 58  U   X "C1'" 1 
ATOM   1148 N  N1    . U   A 1 54 ? -3.330  4.808   -10.074 1.00 54.72  ? 58  U   X N1    1 
ATOM   1149 C  C2    . U   A 1 54 ? -2.527  5.926   -9.959  1.00 54.47  ? 58  U   X C2    1 
ATOM   1150 O  O2    . U   A 1 54 ? -1.925  6.419   -10.892 1.00 56.50  ? 58  U   X O2    1 
ATOM   1151 N  N3    . U   A 1 54 ? -2.432  6.443   -8.699  1.00 53.96  ? 58  U   X N3    1 
ATOM   1152 C  C4    . U   A 1 54 ? -3.064  5.961   -7.573  1.00 55.23  ? 58  U   X C4    1 
ATOM   1153 O  O4    . U   A 1 54 ? -2.901  6.529   -6.497  1.00 56.59  ? 58  U   X O4    1 
ATOM   1154 C  C5    . U   A 1 54 ? -3.882  4.810   -7.778  1.00 56.92  ? 58  U   X C5    1 
ATOM   1155 C  C6    . U   A 1 54 ? -3.986  4.283   -8.996  1.00 57.30  ? 58  U   X C6    1 
ATOM   1156 P  P     . C   A 1 55 ? -0.550  0.507   -11.340 1.00 59.94  ? 59  C   X P     1 
ATOM   1157 O  OP1   . C   A 1 55 ? -0.047  -0.625  -12.159 1.00 60.17  ? 59  C   X OP1   1 
ATOM   1158 O  OP2   . C   A 1 55 ? -0.934  0.408   -9.906  1.00 50.57  ? 59  C   X OP2   1 
ATOM   1159 O  "O5'" . C   A 1 55 ? 0.518   1.674   -11.477 1.00 56.86  ? 59  C   X "O5'" 1 
ATOM   1160 C  "C5'" . C   A 1 55 ? 0.952   2.092   -12.757 1.00 54.23  ? 59  C   X "C5'" 1 
ATOM   1161 C  "C4'" . C   A 1 55 ? 1.794   3.332   -12.662 1.00 54.22  ? 59  C   X "C4'" 1 
ATOM   1162 O  "O4'" . C   A 1 55 ? 1.011   4.429   -12.135 1.00 56.38  ? 59  C   X "O4'" 1 
ATOM   1163 C  "C3'" . C   A 1 55 ? 2.958   3.268   -11.704 1.00 53.16  ? 59  C   X "C3'" 1 
ATOM   1164 O  "O3'" . C   A 1 55 ? 4.052   2.536   -12.182 1.00 54.31  ? 59  C   X "O3'" 1 
ATOM   1165 C  "C2'" . C   A 1 55 ? 3.264   4.732   -11.483 1.00 52.17  ? 59  C   X "C2'" 1 
ATOM   1166 O  "O2'" . C   A 1 55 ? 3.882   5.268   -12.638 1.00 54.82  ? 59  C   X "O2'" 1 
ATOM   1167 C  "C1'" . C   A 1 55 ? 1.856   5.302   -11.408 1.00 52.63  ? 59  C   X "C1'" 1 
ATOM   1168 N  N1    . C   A 1 55 ? 1.371   5.408   -10.015 1.00 50.29  ? 59  C   X N1    1 
ATOM   1169 C  C2    . C   A 1 55 ? 1.837   6.463   -9.228  1.00 53.67  ? 59  C   X C2    1 
ATOM   1170 O  O2    . C   A 1 55 ? 2.648   7.252   -9.729  1.00 57.53  ? 59  C   X O2    1 
ATOM   1171 N  N3    . C   A 1 55 ? 1.409   6.610   -7.951  1.00 51.62  ? 59  C   X N3    1 
ATOM   1172 C  C4    . C   A 1 55 ? 0.533   5.740   -7.459  1.00 51.31  ? 59  C   X C4    1 
ATOM   1173 N  N4    . C   A 1 55 ? 0.130   5.893   -6.199  1.00 48.08  ? 59  C   X N4    1 
ATOM   1174 C  C5    . C   A 1 55 ? 0.037   4.655   -8.239  1.00 55.74  ? 59  C   X C5    1 
ATOM   1175 C  C6    . C   A 1 55 ? 0.473   4.525   -9.504  1.00 54.27  ? 59  C   X C6    1 
ATOM   1176 P  P     . U   A 1 56 ? 4.916   1.732   -11.113 1.00 49.82  ? 60  U   X P     1 
ATOM   1177 O  OP1   . U   A 1 56 ? 5.614   0.671   -11.868 1.00 55.68  ? 60  U   X OP1   1 
ATOM   1178 O  OP2   . U   A 1 56 ? 4.015   1.437   -9.965  1.00 45.88  ? 60  U   X OP2   1 
ATOM   1179 O  "O5'" . U   A 1 56 ? 5.960   2.798   -10.569 1.00 49.33  ? 60  U   X "O5'" 1 
ATOM   1180 C  "C5'" . U   A 1 56 ? 6.750   3.560   -11.461 1.00 52.32  ? 60  U   X "C5'" 1 
ATOM   1181 C  "C4'" . U   A 1 56 ? 7.419   4.700   -10.742 1.00 54.82  ? 60  U   X "C4'" 1 
ATOM   1182 O  "O4'" . U   A 1 56 ? 6.432   5.671   -10.313 1.00 49.50  ? 60  U   X "O4'" 1 
ATOM   1183 C  "C3'" . U   A 1 56 ? 8.148   4.347   -9.458  1.00 50.99  ? 60  U   X "C3'" 1 
ATOM   1184 O  "O3'" . U   A 1 56 ? 9.424   3.799   -9.679  1.00 49.26  ? 60  U   X "O3'" 1 
ATOM   1185 C  "C2'" . U   A 1 56 ? 8.216   5.680   -8.742  1.00 51.11  ? 60  U   X "C2'" 1 
ATOM   1186 O  "O2'" . U   A 1 56 ? 9.275   6.458   -9.276  1.00 57.30  ? 60  U   X "O2'" 1 
ATOM   1187 C  "C1'" . U   A 1 56 ? 6.879   6.305   -9.133  1.00 50.50  ? 60  U   X "C1'" 1 
ATOM   1188 N  N1    . U   A 1 56 ? 5.880   6.117   -8.061  1.00 53.93  ? 60  U   X N1    1 
ATOM   1189 C  C2    . U   A 1 56 ? 5.964   7.004   -7.005  1.00 55.51  ? 60  U   X C2    1 
ATOM   1190 O  O2    . U   A 1 56 ? 6.800   7.896   -6.958  1.00 59.28  ? 60  U   X O2    1 
ATOM   1191 N  N3    . U   A 1 56 ? 5.039   6.818   -6.012  1.00 52.37  ? 60  U   X N3    1 
ATOM   1192 C  C4    . U   A 1 56 ? 4.064   5.847   -5.967  1.00 52.65  ? 60  U   X C4    1 
ATOM   1193 O  O4    . U   A 1 56 ? 3.300   5.811   -5.000  1.00 52.38  ? 60  U   X O4    1 
ATOM   1194 C  C5    . U   A 1 56 ? 4.051   4.966   -7.094  1.00 52.28  ? 60  U   X C5    1 
ATOM   1195 C  C6    . U   A 1 56 ? 4.938   5.122   -8.083  1.00 52.50  ? 60  U   X C6    1 
ATOM   1196 P  P     . U   A 1 57 ? 10.086  2.846   -8.568  1.00 50.59  ? 61  U   X P     1 
ATOM   1197 O  OP1   . U   A 1 57 ? 11.466  2.528   -9.041  1.00 45.52  ? 61  U   X OP1   1 
ATOM   1198 O  OP2   . U   A 1 57 ? 9.111   1.748   -8.313  1.00 46.17  ? 61  U   X OP2   1 
ATOM   1199 O  "O5'" . U   A 1 57 ? 10.160  3.745   -7.249  1.00 46.90  ? 61  U   X "O5'" 1 
ATOM   1200 C  "C5'" . U   A 1 57 ? 11.140  4.762   -7.101  1.00 45.37  ? 61  U   X "C5'" 1 
ATOM   1201 C  "C4'" . U   A 1 57 ? 11.064  5.418   -5.746  1.00 46.37  ? 61  U   X "C4'" 1 
ATOM   1202 O  "O4'" . U   A 1 57 ? 9.753   5.996   -5.543  1.00 54.76  ? 61  U   X "O4'" 1 
ATOM   1203 C  "C3'" . U   A 1 57 ? 11.238  4.499   -4.555  1.00 50.80  ? 61  U   X "C3'" 1 
ATOM   1204 O  "O3'" . U   A 1 57 ? 12.595  4.183   -4.306  1.00 50.08  ? 61  U   X "O3'" 1 
ATOM   1205 C  "C2'" . U   A 1 57 ? 10.562  5.274   -3.430  1.00 48.41  ? 61  U   X "C2'" 1 
ATOM   1206 O  "O2'" . U   A 1 57 ? 11.421  6.290   -2.938  1.00 49.09  ? 61  U   X "O2'" 1 
ATOM   1207 C  "C1'" . U   A 1 57 ? 9.410   5.945   -4.173  1.00 51.95  ? 61  U   X "C1'" 1 
ATOM   1208 N  N1    . U   A 1 57 ? 8.135   5.211   -4.038  1.00 52.35  ? 61  U   X N1    1 
ATOM   1209 C  C2    . U   A 1 57 ? 7.401   5.366   -2.875  1.00 54.02  ? 61  U   X C2    1 
ATOM   1210 O  O2    . U   A 1 57 ? 7.763   6.061   -1.944  1.00 54.50  ? 61  U   X O2    1 
ATOM   1211 N  N3    . U   A 1 57 ? 6.224   4.662   -2.825  1.00 52.35  ? 61  U   X N3    1 
ATOM   1212 C  C4    . U   A 1 57 ? 5.713   3.846   -3.808  1.00 51.31  ? 61  U   X C4    1 
ATOM   1213 O  O4    . U   A 1 57 ? 4.639   3.278   -3.622  1.00 51.55  ? 61  U   X O4    1 
ATOM   1214 C  C5    . U   A 1 57 ? 6.525   3.746   -4.979  1.00 52.62  ? 61  U   X C5    1 
ATOM   1215 C  C6    . U   A 1 57 ? 7.679   4.415   -5.058  1.00 51.35  ? 61  U   X C6    1 
ATOM   1216 P  P     . A   A 1 58 ? 13.012  2.656   -4.062  1.00 50.10  ? 62  A   X P     1 
ATOM   1217 O  OP1   . A   A 1 58 ? 14.473  2.590   -3.816  1.00 55.84  ? 62  A   X OP1   1 
ATOM   1218 O  OP2   . A   A 1 58 ? 12.433  1.811   -5.143  1.00 49.07  ? 62  A   X OP2   1 
ATOM   1219 O  "O5'" . A   A 1 58 ? 12.277  2.286   -2.705  1.00 47.69  ? 62  A   X "O5'" 1 
ATOM   1220 C  "C5'" . A   A 1 58 ? 12.958  1.534   -1.719  1.00 48.58  ? 62  A   X "C5'" 1 
ATOM   1221 C  "C4'" . A   A 1 58 ? 12.462  1.878   -0.349  1.00 48.64  ? 62  A   X "C4'" 1 
ATOM   1222 O  "O4'" . A   A 1 58 ? 11.019  1.743   -0.300  1.00 53.76  ? 62  A   X "O4'" 1 
ATOM   1223 C  "C3'" . A   A 1 58 ? 12.947  0.991   0.776   1.00 43.72  ? 62  A   X "C3'" 1 
ATOM   1224 O  "O3'" . A   A 1 58 ? 14.244  1.336   1.204   1.00 45.37  ? 62  A   X "O3'" 1 
ATOM   1225 C  "C2'" . A   A 1 58 ? 11.892  1.212   1.845   1.00 50.17  ? 62  A   X "C2'" 1 
ATOM   1226 O  "O2'" . A   A 1 58 ? 12.126  2.440   2.516   1.00 51.21  ? 62  A   X "O2'" 1 
ATOM   1227 C  "C1'" . A   A 1 58 ? 10.624  1.360   1.000   1.00 53.22  ? 62  A   X "C1'" 1 
ATOM   1228 N  N9    . A   A 1 58 ? 9.859   0.104   0.911   1.00 53.05  ? 62  A   X N9    1 
ATOM   1229 C  C8    . A   A 1 58 ? 9.485   -0.578  -0.219  1.00 52.90  ? 62  A   X C8    1 
ATOM   1230 N  N7    . A   A 1 58 ? 8.794   -1.665  0.033   1.00 52.80  ? 62  A   X N7    1 
ATOM   1231 C  C5    . A   A 1 58 ? 8.705   -1.698  1.415   1.00 48.75  ? 62  A   X C5    1 
ATOM   1232 C  C6    . A   A 1 58 ? 8.094   -2.599  2.306   1.00 47.91  ? 62  A   X C6    1 
ATOM   1233 N  N6    . A   A 1 58 ? 7.433   -3.689  1.912   1.00 47.39  ? 62  A   X N6    1 
ATOM   1234 N  N1    . A   A 1 58 ? 8.183   -2.345  3.633   1.00 44.29  ? 62  A   X N1    1 
ATOM   1235 C  C2    . A   A 1 58 ? 8.849   -1.252  4.021   1.00 45.23  ? 62  A   X C2    1 
ATOM   1236 N  N3    . A   A 1 58 ? 9.460   -0.328  3.279   1.00 49.25  ? 62  A   X N3    1 
ATOM   1237 C  C4    . A   A 1 58 ? 9.351   -0.611  1.969   1.00 49.84  ? 62  A   X C4    1 
ATOM   1238 P  P     . C   A 1 59 ? 15.345  0.186   1.456   1.00 51.40  ? 63  C   X P     1 
ATOM   1239 O  OP1   . C   A 1 59 ? 16.519  0.904   2.024   1.00 44.27  ? 63  C   X OP1   1 
ATOM   1240 O  OP2   . C   A 1 59 ? 15.487  -0.701  0.253   1.00 37.93  ? 63  C   X OP2   1 
ATOM   1241 O  "O5'" . C   A 1 59 ? 14.705  -0.701  2.613   1.00 45.09  ? 63  C   X "O5'" 1 
ATOM   1242 C  "C5'" . C   A 1 59 ? 14.471  -0.143  3.897   1.00 44.93  ? 63  C   X "C5'" 1 
ATOM   1243 C  "C4'" . C   A 1 59 ? 13.842  -1.152  4.810   1.00 40.78  ? 63  C   X "C4'" 1 
ATOM   1244 O  "O4'" . C   A 1 59 ? 12.490  -1.409  4.379   1.00 46.98  ? 63  C   X "O4'" 1 
ATOM   1245 C  "C3'" . C   A 1 59 ? 14.490  -2.512  4.786   1.00 43.10  ? 63  C   X "C3'" 1 
ATOM   1246 O  "O3'" . C   A 1 59 ? 15.627  -2.578  5.606   1.00 50.08  ? 63  C   X "O3'" 1 
ATOM   1247 C  "C2'" . C   A 1 59 ? 13.370  -3.430  5.229   1.00 41.43  ? 63  C   X "C2'" 1 
ATOM   1248 O  "O2'" . C   A 1 59 ? 13.197  -3.363  6.636   1.00 38.95  ? 63  C   X "O2'" 1 
ATOM   1249 C  "C1'" . C   A 1 59 ? 12.178  -2.770  4.563   1.00 42.47  ? 63  C   X "C1'" 1 
ATOM   1250 N  N1    . C   A 1 59 ? 11.880  -3.340  3.242   1.00 42.81  ? 63  C   X N1    1 
ATOM   1251 C  C2    . C   A 1 59 ? 11.108  -4.487  3.226   1.00 44.43  ? 63  C   X C2    1 
ATOM   1252 O  O2    . C   A 1 59 ? 10.779  -4.952  4.326   1.00 45.79  ? 63  C   X O2    1 
ATOM   1253 N  N3    . C   A 1 59 ? 10.762  -5.041  2.038   1.00 45.28  ? 63  C   X N3    1 
ATOM   1254 C  C4    . C   A 1 59 ? 11.169  -4.455  0.906   1.00 46.13  ? 63  C   X C4    1 
ATOM   1255 N  N4    . C   A 1 59 ? 10.823  -5.017  -0.255  1.00 46.37  ? 63  C   X N4    1 
ATOM   1256 C  C5    . C   A 1 59 ? 11.961  -3.271  0.909   1.00 47.65  ? 63  C   X C5    1 
ATOM   1257 C  C6    . C   A 1 59 ? 12.291  -2.742  2.091   1.00 45.96  ? 63  C   X C6    1 
ATOM   1258 P  P     . U   A 1 60 ? 16.876  -3.453  5.130   1.00 38.00  ? 64  U   X P     1 
ATOM   1259 O  OP1   . U   A 1 60 ? 17.849  -3.094  6.187   1.00 42.43  ? 64  U   X OP1   1 
ATOM   1260 O  OP2   . U   A 1 60 ? 17.109  -3.256  3.671   1.00 31.96  ? 64  U   X OP2   1 
ATOM   1261 O  "O5'" . U   A 1 60 ? 16.408  -4.954  5.359   1.00 36.60  ? 64  U   X "O5'" 1 
ATOM   1262 C  "C5'" . U   A 1 60 ? 16.115  -5.393  6.670   1.00 38.69  ? 64  U   X "C5'" 1 
ATOM   1263 C  "C4'" . U   A 1 60 ? 15.318  -6.665  6.662   1.00 38.38  ? 64  U   X "C4'" 1 
ATOM   1264 O  "O4'" . U   A 1 60 ? 14.065  -6.455  5.975   1.00 43.39  ? 64  U   X "O4'" 1 
ATOM   1265 C  "C3'" . U   A 1 60 ? 15.918  -7.822  5.908   1.00 38.40  ? 64  U   X "C3'" 1 
ATOM   1266 O  "O3'" . U   A 1 60 ? 16.961  -8.468  6.588   1.00 44.08  ? 64  U   X "O3'" 1 
ATOM   1267 C  "C2'" . U   A 1 60 ? 14.704  -8.697  5.686   1.00 40.29  ? 64  U   X "C2'" 1 
ATOM   1268 O  "O2'" . U   A 1 60 ? 14.282  -9.249  6.921   1.00 41.56  ? 64  U   X "O2'" 1 
ATOM   1269 C  "C1'" . U   A 1 60 ? 13.689  -7.644  5.309   1.00 40.05  ? 64  U   X "C1'" 1 
ATOM   1270 N  N1    . U   A 1 60 ? 13.678  -7.384  3.853   1.00 41.35  ? 64  U   X N1    1 
ATOM   1271 C  C2    . U   A 1 60 ? 13.067  -8.324  3.050   1.00 40.94  ? 64  U   X C2    1 
ATOM   1272 O  O2    . U   A 1 60 ? 12.572  -9.347  3.493   1.00 41.65  ? 64  U   X O2    1 
ATOM   1273 N  N3    . U   A 1 60 ? 13.062  -8.028  1.716   1.00 37.25  ? 64  U   X N3    1 
ATOM   1274 C  C4    . U   A 1 60 ? 13.598  -6.905  1.136   1.00 40.95  ? 64  U   X C4    1 
ATOM   1275 O  O4    . U   A 1 60 ? 13.524  -6.766  -0.080  1.00 45.97  ? 64  U   X O4    1 
ATOM   1276 C  C5    . U   A 1 60 ? 14.209  -5.977  2.029   1.00 41.03  ? 64  U   X C5    1 
ATOM   1277 C  C6    . U   A 1 60 ? 14.229  -6.242  3.333   1.00 40.98  ? 64  U   X C6    1 
ATOM   1278 P  P     . G   A 1 61 ? 18.129  -9.141  5.722   1.00 45.90  ? 65  G   X P     1 
ATOM   1279 O  OP1   . G   A 1 61 ? 19.202  -9.470  6.695   1.00 39.85  ? 65  G   X OP1   1 
ATOM   1280 O  OP2   . G   A 1 61 ? 18.458  -8.224  4.585   1.00 37.65  ? 65  G   X OP2   1 
ATOM   1281 O  "O5'" . G   A 1 61 ? 17.441  -10.457 5.129   1.00 36.66  ? 65  G   X "O5'" 1 
ATOM   1282 C  "C5'" . G   A 1 61 ? 16.850  -11.425 5.980   1.00 36.53  ? 65  G   X "C5'" 1 
ATOM   1283 C  "C4'" . G   A 1 61 ? 16.065  -12.453 5.198   1.00 38.56  ? 65  G   X "C4'" 1 
ATOM   1284 O  "O4'" . G   A 1 61 ? 15.059  -11.802 4.383   1.00 40.11  ? 65  G   X "O4'" 1 
ATOM   1285 C  "C3'" . G   A 1 61 ? 16.856  -13.283 4.201   1.00 38.46  ? 65  G   X "C3'" 1 
ATOM   1286 O  "O3'" . G   A 1 61 ? 17.551  -14.353 4.803   1.00 41.30  ? 65  G   X "O3'" 1 
ATOM   1287 C  "C2'" . G   A 1 61 ? 15.785  -13.748 3.223   1.00 39.96  ? 65  G   X "C2'" 1 
ATOM   1288 O  "O2'" . G   A 1 61 ? 15.062  -14.853 3.753   1.00 38.75  ? 65  G   X "O2'" 1 
ATOM   1289 C  "C1'" . G   A 1 61 ? 14.862  -12.538 3.186   1.00 40.24  ? 65  G   X "C1'" 1 
ATOM   1290 N  N9    . G   A 1 61 ? 15.073  -11.644 2.023   1.00 36.69  ? 65  G   X N9    1 
ATOM   1291 C  C8    . G   A 1 61 ? 15.606  -10.391 2.120   1.00 36.96  ? 65  G   X C8    1 
ATOM   1292 N  N7    . G   A 1 61 ? 15.650  -9.767  0.982   1.00 39.75  ? 65  G   X N7    1 
ATOM   1293 C  C5    . G   A 1 61 ? 15.102  -10.646 0.071   1.00 38.37  ? 65  G   X C5    1 
ATOM   1294 C  C6    . G   A 1 61 ? 14.892  -10.477 -1.325  1.00 42.02  ? 65  G   X C6    1 
ATOM   1295 O  O6    . G   A 1 61 ? 15.146  -9.490  -2.040  1.00 42.38  ? 65  G   X O6    1 
ATOM   1296 N  N1    . G   A 1 61 ? 14.312  -11.606 -1.881  1.00 40.15  ? 65  G   X N1    1 
ATOM   1297 C  C2    . G   A 1 61 ? 13.979  -12.734 -1.181  1.00 39.45  ? 65  G   X C2    1 
ATOM   1298 N  N2    . G   A 1 61 ? 13.421  -13.708 -1.913  1.00 41.52  ? 65  G   X N2    1 
ATOM   1299 N  N3    . G   A 1 61 ? 14.167  -12.890 0.121   1.00 37.27  ? 65  G   X N3    1 
ATOM   1300 C  C4    . G   A 1 61 ? 14.731  -11.813 0.692   1.00 35.99  ? 65  G   X C4    1 
ATOM   1301 P  P     . C   A 1 62 ? 18.944  -14.850 4.178   1.00 41.89  ? 66  C   X P     1 
ATOM   1302 O  OP1   . C   A 1 62 ? 19.375  -15.961 5.065   1.00 43.22  ? 66  C   X OP1   1 
ATOM   1303 O  OP2   . C   A 1 62 ? 19.793  -13.647 3.927   1.00 38.92  ? 66  C   X OP2   1 
ATOM   1304 O  "O5'" . C   A 1 62 ? 18.562  -15.464 2.756   1.00 35.12  ? 66  C   X "O5'" 1 
ATOM   1305 C  "C5'" . C   A 1 62 ? 17.806  -16.654 2.660   1.00 37.41  ? 66  C   X "C5'" 1 
ATOM   1306 C  "C4'" . C   A 1 62 ? 17.464  -16.946 1.227   1.00 38.60  ? 66  C   X "C4'" 1 
ATOM   1307 O  "O4'" . C   A 1 62 ? 16.538  -15.945 0.752   1.00 42.29  ? 66  C   X "O4'" 1 
ATOM   1308 C  "C3'" . C   A 1 62 ? 18.618  -16.862 0.243   1.00 44.61  ? 66  C   X "C3'" 1 
ATOM   1309 O  "O3'" . C   A 1 62 ? 19.408  -18.031 0.196   1.00 45.29  ? 66  C   X "O3'" 1 
ATOM   1310 C  "C2'" . C   A 1 62 ? 17.910  -16.581 -1.065  1.00 44.03  ? 66  C   X "C2'" 1 
ATOM   1311 O  "O2'" . C   A 1 62 ? 17.306  -17.775 -1.546  1.00 45.31  ? 66  C   X "O2'" 1 
ATOM   1312 C  "C1'" . C   A 1 62 ? 16.811  -15.638 -0.598  1.00 43.10  ? 66  C   X "C1'" 1 
ATOM   1313 N  N1    . C   A 1 62 ? 17.220  -14.217 -0.675  1.00 41.35  ? 66  C   X N1    1 
ATOM   1314 C  C2    . C   A 1 62 ? 17.103  -13.549 -1.899  1.00 44.40  ? 66  C   X C2    1 
ATOM   1315 O  O2    . C   A 1 62 ? 16.670  -14.179 -2.877  1.00 45.67  ? 66  C   X O2    1 
ATOM   1316 N  N3    . C   A 1 62 ? 17.458  -12.244 -1.985  1.00 41.60  ? 66  C   X N3    1 
ATOM   1317 C  C4    . C   A 1 62 ? 17.915  -11.624 -0.900  1.00 41.08  ? 66  C   X C4    1 
ATOM   1318 N  N4    . C   A 1 62 ? 18.253  -10.340 -1.011  1.00 42.08  ? 66  C   X N4    1 
ATOM   1319 C  C5    . C   A 1 62 ? 18.044  -12.280 0.358   1.00 40.13  ? 66  C   X C5    1 
ATOM   1320 C  C6    . C   A 1 62 ? 17.687  -13.564 0.427   1.00 38.21  ? 66  C   X C6    1 
ATOM   1321 P  P     . G   A 1 63 ? 20.961  -17.917 -0.168  1.00 47.90  ? 67  G   X P     1 
ATOM   1322 O  OP1   . G   A 1 63 ? 21.478  -19.294 0.038   1.00 53.37  ? 67  G   X OP1   1 
ATOM   1323 O  OP2   . G   A 1 63 ? 21.565  -16.736 0.512   1.00 46.34  ? 67  G   X OP2   1 
ATOM   1324 O  "O5'" . G   A 1 63 ? 21.000  -17.590 -1.723  1.00 41.00  ? 67  G   X "O5'" 1 
ATOM   1325 C  "C5'" . G   A 1 63 ? 20.461  -18.490 -2.672  1.00 41.69  ? 67  G   X "C5'" 1 
ATOM   1326 C  "C4'" . G   A 1 63 ? 20.481  -17.885 -4.048  1.00 45.41  ? 67  G   X "C4'" 1 
ATOM   1327 O  "O4'" . G   A 1 63 ? 19.587  -16.744 -4.104  1.00 50.89  ? 67  G   X "O4'" 1 
ATOM   1328 C  "C3'" . G   A 1 63 ? 21.810  -17.319 -4.505  1.00 45.71  ? 67  G   X "C3'" 1 
ATOM   1329 O  "O3'" . G   A 1 63 ? 22.679  -18.329 -4.979  1.00 49.40  ? 67  G   X "O3'" 1 
ATOM   1330 C  "C2'" . G   A 1 63 ? 21.380  -16.361 -5.596  1.00 45.75  ? 67  G   X "C2'" 1 
ATOM   1331 O  "O2'" . G   A 1 63 ? 21.024  -17.110 -6.745  1.00 47.48  ? 67  G   X "O2'" 1 
ATOM   1332 C  "C1'" . G   A 1 63 ? 20.099  -15.785 -4.999  1.00 47.21  ? 67  G   X "C1'" 1 
ATOM   1333 N  N9    . G   A 1 63 ? 20.331  -14.531 -4.261  1.00 47.04  ? 67  G   X N9    1 
ATOM   1334 C  C8    . G   A 1 63 ? 20.385  -14.366 -2.902  1.00 46.47  ? 67  G   X C8    1 
ATOM   1335 N  N7    . G   A 1 63 ? 20.601  -13.128 -2.544  1.00 47.60  ? 67  G   X N7    1 
ATOM   1336 C  C5    . G   A 1 63 ? 20.679  -12.438 -3.743  1.00 47.04  ? 67  G   X C5    1 
ATOM   1337 C  C6    . G   A 1 63 ? 20.904  -11.066 -3.991  1.00 47.40  ? 67  G   X C6    1 
ATOM   1338 O  O6    . G   A 1 63 ? 21.086  -10.158 -3.165  1.00 47.27  ? 67  G   X O6    1 
ATOM   1339 N  N1    . G   A 1 63 ? 20.917  -10.794 -5.354  1.00 48.47  ? 67  G   X N1    1 
ATOM   1340 C  C2    . G   A 1 63 ? 20.737  -11.723 -6.342  1.00 47.93  ? 67  G   X C2    1 
ATOM   1341 N  N2    . G   A 1 63 ? 20.784  -11.280 -7.604  1.00 47.81  ? 67  G   X N2    1 
ATOM   1342 N  N3    . G   A 1 63 ? 20.522  -13.000 -6.116  1.00 48.53  ? 67  G   X N3    1 
ATOM   1343 C  C4    . G   A 1 63 ? 20.512  -13.287 -4.807  1.00 47.48  ? 67  G   X C4    1 
ATOM   1344 P  P     . U   A 1 64 ? 24.265  -18.227 -4.763  1.00 50.05  ? 68  U   X P     1 
ATOM   1345 O  OP1   . U   A 1 64 ? 24.778  -19.498 -5.342  1.00 55.15  ? 68  U   X OP1   1 
ATOM   1346 O  OP2   . U   A 1 64 ? 24.602  -17.906 -3.351  1.00 44.85  ? 68  U   X OP2   1 
ATOM   1347 O  "O5'" . U   A 1 64 ? 24.705  -16.998 -5.681  1.00 43.34  ? 68  U   X "O5'" 1 
ATOM   1348 C  "C5'" . U   A 1 64 ? 24.508  -17.037 -7.088  1.00 45.80  ? 68  U   X "C5'" 1 
ATOM   1349 C  "C4'" . U   A 1 64 ? 24.663  -15.672 -7.714  1.00 49.71  ? 68  U   X "C4'" 1 
ATOM   1350 O  "O4'" . U   A 1 64 ? 23.648  -14.768 -7.199  1.00 49.41  ? 68  U   X "O4'" 1 
ATOM   1351 C  "C3'" . U   A 1 64 ? 25.971  -14.950 -7.438  1.00 50.92  ? 68  U   X "C3'" 1 
ATOM   1352 O  "O3'" . U   A 1 64 ? 27.031  -15.396 -8.267  1.00 50.51  ? 68  U   X "O3'" 1 
ATOM   1353 C  "C2'" . U   A 1 64 ? 25.594  -13.486 -7.652  1.00 50.72  ? 68  U   X "C2'" 1 
ATOM   1354 O  "O2'" . U   A 1 64 ? 25.534  -13.182 -9.040  1.00 46.52  ? 68  U   X "O2'" 1 
ATOM   1355 C  "C1'" . U   A 1 64 ? 24.169  -13.457 -7.107  1.00 49.43  ? 68  U   X "C1'" 1 
ATOM   1356 N  N1    . U   A 1 64 ? 24.089  -13.016 -5.696  1.00 48.68  ? 68  U   X N1    1 
ATOM   1357 C  C2    . U   A 1 64 ? 24.151  -11.668 -5.371  1.00 54.18  ? 68  U   X C2    1 
ATOM   1358 O  O2    . U   A 1 64 ? 24.307  -10.774 -6.196  1.00 53.20  ? 68  U   X O2    1 
ATOM   1359 N  N3    . U   A 1 64 ? 24.031  -11.402 -4.019  1.00 52.19  ? 68  U   X N3    1 
ATOM   1360 C  C4    . U   A 1 64 ? 23.855  -12.311 -2.994  1.00 49.09  ? 68  U   X C4    1 
ATOM   1361 O  O4    . U   A 1 64 ? 23.765  -11.947 -1.822  1.00 49.02  ? 68  U   X O4    1 
ATOM   1362 C  C5    . U   A 1 64 ? 23.788  -13.661 -3.427  1.00 50.21  ? 68  U   X C5    1 
ATOM   1363 C  C6    . U   A 1 64 ? 23.898  -13.952 -4.720  1.00 49.42  ? 68  U   X C6    1 
HETATM 1364 P  PC    . CCC A 1 65 ? 31.855  -9.579  -8.450  1.00 72.03  ? 69  CCC X PC    1 
HETATM 1365 O  O1C   . CCC A 1 65 ? 31.447  -8.470  -9.401  1.00 63.45  ? 69  CCC X O1C   1 
HETATM 1366 O  O2C   . CCC A 1 65 ? 33.288  -9.789  -8.009  1.00 70.26  ? 69  CCC X O2C   1 
HETATM 1367 P  P     . CCC A 1 65 ? 28.541  -15.350 -7.722  1.00 57.07  ? 69  CCC X P     1 
HETATM 1368 O  OP1   . CCC A 1 65 ? 29.399  -16.173 -8.647  1.00 61.50  ? 69  CCC X OP1   1 
HETATM 1369 O  OP2   . CCC A 1 65 ? 28.480  -15.616 -6.232  1.00 55.47  ? 69  CCC X OP2   1 
HETATM 1370 O  "O5'" . CCC A 1 65 ? 28.974  -13.823 -7.898  1.00 54.46  ? 69  CCC X "O5'" 1 
HETATM 1371 C  "C5'" . CCC A 1 65 ? 28.707  -13.189 -9.134  1.00 56.52  ? 69  CCC X "C5'" 1 
HETATM 1372 C  "C4'" . CCC A 1 65 ? 28.992  -11.728 -8.897  1.00 60.20  ? 69  CCC X "C4'" 1 
HETATM 1373 O  "O4'" . CCC A 1 65 ? 27.969  -11.134 -8.090  1.00 59.19  ? 69  CCC X "O4'" 1 
HETATM 1374 C  "C3'" . CCC A 1 65 ? 30.301  -11.574 -8.145  1.00 59.02  ? 69  CCC X "C3'" 1 
HETATM 1375 O  "O3'" . CCC A 1 65 ? 31.263  -10.967 -8.998  1.00 62.80  ? 69  CCC X "O3'" 1 
HETATM 1376 C  "C2'" . CCC A 1 65 ? 30.014  -10.612 -7.013  1.00 59.34  ? 69  CCC X "C2'" 1 
HETATM 1377 O  "O2'" . CCC A 1 65 ? 30.908  -9.514  -7.151  1.00 64.42  ? 69  CCC X "O2'" 1 
HETATM 1378 C  "C1'" . CCC A 1 65 ? 28.584  -10.152 -7.258  1.00 58.84  ? 69  CCC X "C1'" 1 
HETATM 1379 N  N1    . CCC A 1 65 ? 27.937  -10.057 -5.964  1.00 55.52  ? 69  CCC X N1    1 
HETATM 1380 C  C2    . CCC A 1 65 ? 27.616  -8.795  -5.458  1.00 56.99  ? 69  CCC X C2    1 
HETATM 1381 O  O2    . CCC A 1 65 ? 27.873  -7.782  -6.145  1.00 55.73  ? 69  CCC X O2    1 
HETATM 1382 N  N3    . CCC A 1 65 ? 27.032  -8.692  -4.248  1.00 56.51  ? 69  CCC X N3    1 
HETATM 1383 C  C4    . CCC A 1 65 ? 26.759  -9.800  -3.534  1.00 53.70  ? 69  CCC X C4    1 
HETATM 1384 N  N4    . CCC A 1 65 ? 26.172  -9.706  -2.322  1.00 52.47  ? 69  CCC X N4    1 
HETATM 1385 C  C5    . CCC A 1 65 ? 27.079  -11.050 -4.035  1.00 56.15  ? 69  CCC X C5    1 
HETATM 1386 C  C6    . CCC A 1 65 ? 27.678  -11.160 -5.276  1.00 56.27  ? 69  CCC X C6    1 
HETATM 1387 O  "O5'" . GMP B 2 .  ? 10.651  -14.474 0.500   1.00 36.31  ? 101 GMP X "O5'" 1 
HETATM 1388 C  "C5'" . GMP B 2 .  ? 11.272  -14.245 1.762   1.00 38.23  ? 101 GMP X "C5'" 1 
HETATM 1389 C  "C4'" . GMP B 2 .  ? 10.271  -14.106 2.890   1.00 43.22  ? 101 GMP X "C4'" 1 
HETATM 1390 O  "O4'" . GMP B 2 .  ? 9.871   -12.715 3.036   1.00 42.96  ? 101 GMP X "O4'" 1 
HETATM 1391 C  "C3'" . GMP B 2 .  ? 8.979   -14.889 2.741   1.00 42.30  ? 101 GMP X "C3'" 1 
HETATM 1392 O  "O3'" . GMP B 2 .  ? 8.469   -15.177 4.044   1.00 42.61  ? 101 GMP X "O3'" 1 
HETATM 1393 C  "C2'" . GMP B 2 .  ? 8.065   -13.887 2.039   1.00 40.02  ? 101 GMP X "C2'" 1 
HETATM 1394 O  "O2'" . GMP B 2 .  ? 6.695   -14.122 2.257   1.00 42.84  ? 101 GMP X "O2'" 1 
HETATM 1395 C  "C1'" . GMP B 2 .  ? 8.520   -12.546 2.635   1.00 38.41  ? 101 GMP X "C1'" 1 
HETATM 1396 N  N9    . GMP B 2 .  ? 8.511   -11.418 1.694   1.00 41.97  ? 101 GMP X N9    1 
HETATM 1397 C  C8    . GMP B 2 .  ? 8.194   -11.435 0.353   1.00 42.52  ? 101 GMP X C8    1 
HETATM 1398 N  N7    . GMP B 2 .  ? 8.313   -10.275 -0.224  1.00 40.39  ? 101 GMP X N7    1 
HETATM 1399 C  C5    . GMP B 2 .  ? 8.726   -9.435  0.774   1.00 40.04  ? 101 GMP X C5    1 
HETATM 1400 C  C6    . GMP B 2 .  ? 9.021   -8.047  0.740   1.00 41.34  ? 101 GMP X C6    1 
HETATM 1401 O  O6    . GMP B 2 .  ? 8.970   -7.300  -0.217  1.00 43.64  ? 101 GMP X O6    1 
HETATM 1402 N  N1    . GMP B 2 .  ? 9.417   -7.583  2.001   1.00 40.09  ? 101 GMP X N1    1 
HETATM 1403 C  C2    . GMP B 2 .  ? 9.517   -8.345  3.127   1.00 39.83  ? 101 GMP X C2    1 
HETATM 1404 N  N2    . GMP B 2 .  ? 9.915   -7.737  4.250   1.00 40.41  ? 101 GMP X N2    1 
HETATM 1405 N  N3    . GMP B 2 .  ? 9.242   -9.624  3.150   1.00 39.81  ? 101 GMP X N3    1 
HETATM 1406 C  C4    . GMP B 2 .  ? 8.860   -10.119 1.968   1.00 40.74  ? 101 GMP X C4    1 
HETATM 1407 MG MG    . MG  C 3 .  ? 15.897  -7.218  -2.278  1.00 44.70  ? 102 MG  X MG    1 
HETATM 1408 MG MG    . MG  D 3 .  ? 9.405   -9.191  -9.291  1.00 62.38  ? 103 MG  X MG    1 
HETATM 1409 O  O     . HOH E 4 .  ? 23.382  -11.898 0.273   1.00 42.57  ? 201 HOH X O     1 
HETATM 1410 O  O     . HOH E 4 .  ? 5.855   -14.157 4.430   1.00 33.94  ? 202 HOH X O     1 
# 
